data_2WL7
# 
_entry.id   2WL7 
# 
_audit_conform.dict_name       mmcif_pdbx.dic 
_audit_conform.dict_version    5.382 
_audit_conform.dict_location   http://mmcif.pdb.org/dictionaries/ascii/mmcif_pdbx.dic 
# 
loop_
_database_2.database_id 
_database_2.database_code 
_database_2.pdbx_database_accession 
_database_2.pdbx_DOI 
PDB   2WL7         pdb_00002wl7 10.2210/pdb2wl7/pdb 
PDBE  EBI-40172    ?            ?                   
WWPDB D_1290040172 ?            ?                   
# 
_pdbx_database_status.status_code                     REL 
_pdbx_database_status.entry_id                        2WL7 
_pdbx_database_status.deposit_site                    PDBE 
_pdbx_database_status.process_site                    PDBE 
_pdbx_database_status.SG_entry                        . 
_pdbx_database_status.recvd_initial_deposition_date   2009-06-22 
_pdbx_database_status.pdb_format_compatible           Y 
_pdbx_database_status.status_code_sf                  REL 
_pdbx_database_status.status_code_mr                  ? 
_pdbx_database_status.status_code_cs                  ? 
_pdbx_database_status.methods_development_category    ? 
_pdbx_database_status.status_code_nmr_data            ? 
# 
loop_
_audit_author.name 
_audit_author.pdbx_ordinal 
'Fiorentini, M.' 1 
'Kallehauge, A.' 2 
'Kristensen, O.' 3 
'Kastrup, J.S.'  4 
'Gajhede, M.'    5 
# 
_citation.id                        primary 
_citation.title                     'Structure of the First Pdz Domain of Human Psd-93.' 
_citation.journal_abbrev            'Acta Crystallogr.,Sect.F' 
_citation.journal_volume            65 
_citation.page_first                1254 
_citation.page_last                 ? 
_citation.year                      2009 
_citation.journal_id_ASTM           ? 
_citation.country                   DK 
_citation.journal_id_ISSN           1744-3091 
_citation.journal_id_CSD            ? 
_citation.book_publisher            ? 
_citation.pdbx_database_id_PubMed   20054121 
_citation.pdbx_database_id_DOI      10.1107/S1744309109043267 
# 
loop_
_citation_author.citation_id 
_citation_author.name 
_citation_author.ordinal 
_citation_author.identifier_ORCID 
primary 'Fiorentini, M.' 1 ? 
primary 'Nielsen, A.K.'  2 ? 
primary 'Kristensen, O.' 3 ? 
primary 'Kastrup, J.S.'  4 ? 
primary 'Gajhede, M.'    5 ? 
# 
_cell.entry_id           2WL7 
_cell.length_a           85.198 
_cell.length_b           85.198 
_cell.length_c           45.515 
_cell.angle_alpha        90.00 
_cell.angle_beta         90.00 
_cell.angle_gamma        120.00 
_cell.Z_PDB              9 
_cell.pdbx_unique_axis   ? 
# 
_symmetry.entry_id                         2WL7 
_symmetry.space_group_name_H-M             'H 3' 
_symmetry.pdbx_full_space_group_name_H-M   ? 
_symmetry.cell_setting                     ? 
_symmetry.Int_Tables_number                146 
# 
loop_
_entity.id 
_entity.type 
_entity.src_method 
_entity.pdbx_description 
_entity.formula_weight 
_entity.pdbx_number_of_molecules 
_entity.pdbx_ec 
_entity.pdbx_mutation 
_entity.pdbx_fragment 
_entity.details 
1 polymer     man 'DISKS LARGE HOMOLOG 2' 10954.328 1   2.7.4.8 ? 'PDZ1, RESIDUES 95-188' ? 
2 non-polymer syn 'SULFATE ION'           96.063    3   ?       ? ?                       ? 
3 non-polymer syn 'CHLORIDE ION'          35.453    1   ?       ? ?                       ? 
4 water       nat water                   18.015    120 ?       ? ?                       ? 
# 
_entity_name_com.entity_id   1 
_entity_name_com.name        'POSTSYNAPTIC DENSITY PROTEIN PSD-93, CHANNEL-ASSOCIATED PROTEIN OF SYNAPSE-110, CHAPSYN-110, PSD-93' 
# 
_entity_poly.entity_id                      1 
_entity_poly.type                           'polypeptide(L)' 
_entity_poly.nstd_linkage                   no 
_entity_poly.nstd_monomer                   no 
_entity_poly.pdbx_seq_one_letter_code       
;GPLGSPEFEFEEITLERGNSGLGFSIAGGTDNPHIGDDPGIFITKIIPGGAAAEDGRLRVNDCILRVNEVDVSEVSHSKA
VEALKEAGSIVRLYVRRRRPIL
;
_entity_poly.pdbx_seq_one_letter_code_can   
;GPLGSPEFEFEEITLERGNSGLGFSIAGGTDNPHIGDDPGIFITKIIPGGAAAEDGRLRVNDCILRVNEVDVSEVSHSKA
VEALKEAGSIVRLYVRRRRPIL
;
_entity_poly.pdbx_strand_id                 A 
_entity_poly.pdbx_target_identifier         ? 
# 
loop_
_entity_poly_seq.entity_id 
_entity_poly_seq.num 
_entity_poly_seq.mon_id 
_entity_poly_seq.hetero 
1 1   GLY n 
1 2   PRO n 
1 3   LEU n 
1 4   GLY n 
1 5   SER n 
1 6   PRO n 
1 7   GLU n 
1 8   PHE n 
1 9   GLU n 
1 10  PHE n 
1 11  GLU n 
1 12  GLU n 
1 13  ILE n 
1 14  THR n 
1 15  LEU n 
1 16  GLU n 
1 17  ARG n 
1 18  GLY n 
1 19  ASN n 
1 20  SER n 
1 21  GLY n 
1 22  LEU n 
1 23  GLY n 
1 24  PHE n 
1 25  SER n 
1 26  ILE n 
1 27  ALA n 
1 28  GLY n 
1 29  GLY n 
1 30  THR n 
1 31  ASP n 
1 32  ASN n 
1 33  PRO n 
1 34  HIS n 
1 35  ILE n 
1 36  GLY n 
1 37  ASP n 
1 38  ASP n 
1 39  PRO n 
1 40  GLY n 
1 41  ILE n 
1 42  PHE n 
1 43  ILE n 
1 44  THR n 
1 45  LYS n 
1 46  ILE n 
1 47  ILE n 
1 48  PRO n 
1 49  GLY n 
1 50  GLY n 
1 51  ALA n 
1 52  ALA n 
1 53  ALA n 
1 54  GLU n 
1 55  ASP n 
1 56  GLY n 
1 57  ARG n 
1 58  LEU n 
1 59  ARG n 
1 60  VAL n 
1 61  ASN n 
1 62  ASP n 
1 63  CYS n 
1 64  ILE n 
1 65  LEU n 
1 66  ARG n 
1 67  VAL n 
1 68  ASN n 
1 69  GLU n 
1 70  VAL n 
1 71  ASP n 
1 72  VAL n 
1 73  SER n 
1 74  GLU n 
1 75  VAL n 
1 76  SER n 
1 77  HIS n 
1 78  SER n 
1 79  LYS n 
1 80  ALA n 
1 81  VAL n 
1 82  GLU n 
1 83  ALA n 
1 84  LEU n 
1 85  LYS n 
1 86  GLU n 
1 87  ALA n 
1 88  GLY n 
1 89  SER n 
1 90  ILE n 
1 91  VAL n 
1 92  ARG n 
1 93  LEU n 
1 94  TYR n 
1 95  VAL n 
1 96  ARG n 
1 97  ARG n 
1 98  ARG n 
1 99  ARG n 
1 100 PRO n 
1 101 ILE n 
1 102 LEU n 
# 
_entity_src_gen.entity_id                          1 
_entity_src_gen.pdbx_src_id                        1 
_entity_src_gen.pdbx_alt_source_flag               sample 
_entity_src_gen.pdbx_seq_type                      ? 
_entity_src_gen.pdbx_beg_seq_num                   ? 
_entity_src_gen.pdbx_end_seq_num                   ? 
_entity_src_gen.gene_src_common_name               MOUSE 
_entity_src_gen.gene_src_genus                     ? 
_entity_src_gen.pdbx_gene_src_gene                 ? 
_entity_src_gen.gene_src_species                   ? 
_entity_src_gen.gene_src_strain                    ? 
_entity_src_gen.gene_src_tissue                    ? 
_entity_src_gen.gene_src_tissue_fraction           ? 
_entity_src_gen.gene_src_details                   ? 
_entity_src_gen.pdbx_gene_src_fragment             ? 
_entity_src_gen.pdbx_gene_src_scientific_name      'MUS MUSCULUS' 
_entity_src_gen.pdbx_gene_src_ncbi_taxonomy_id     10090 
_entity_src_gen.pdbx_gene_src_variant              ? 
_entity_src_gen.pdbx_gene_src_cell_line            ? 
_entity_src_gen.pdbx_gene_src_atcc                 ? 
_entity_src_gen.pdbx_gene_src_organ                ? 
_entity_src_gen.pdbx_gene_src_organelle            ? 
_entity_src_gen.pdbx_gene_src_cell                 ? 
_entity_src_gen.pdbx_gene_src_cellular_location    ? 
_entity_src_gen.host_org_common_name               ? 
_entity_src_gen.pdbx_host_org_scientific_name      'ESCHERICHIA COLI' 
_entity_src_gen.pdbx_host_org_ncbi_taxonomy_id     469008 
_entity_src_gen.host_org_genus                     ? 
_entity_src_gen.pdbx_host_org_gene                 ? 
_entity_src_gen.pdbx_host_org_organ                ? 
_entity_src_gen.host_org_species                   ? 
_entity_src_gen.pdbx_host_org_tissue               ? 
_entity_src_gen.pdbx_host_org_tissue_fraction      ? 
_entity_src_gen.pdbx_host_org_strain               'BL21(DE3)PLYSS' 
_entity_src_gen.pdbx_host_org_variant              ? 
_entity_src_gen.pdbx_host_org_cell_line            ? 
_entity_src_gen.pdbx_host_org_atcc                 ? 
_entity_src_gen.pdbx_host_org_culture_collection   ? 
_entity_src_gen.pdbx_host_org_cell                 ? 
_entity_src_gen.pdbx_host_org_organelle            ? 
_entity_src_gen.pdbx_host_org_cellular_location    ? 
_entity_src_gen.pdbx_host_org_vector_type          PLASMID 
_entity_src_gen.pdbx_host_org_vector               ? 
_entity_src_gen.host_org_details                   ? 
_entity_src_gen.expression_system_id               ? 
_entity_src_gen.plasmid_name                       PGEX-6P-1 
_entity_src_gen.plasmid_details                    ? 
_entity_src_gen.pdbx_description                   ? 
# 
loop_
_struct_ref.id 
_struct_ref.db_name 
_struct_ref.db_code 
_struct_ref.entity_id 
_struct_ref.pdbx_seq_one_letter_code 
_struct_ref.pdbx_align_begin 
_struct_ref.pdbx_db_accession 
_struct_ref.pdbx_db_isoform 
1 PDB 2WL7       1 ? ? 2WL7   ? 
2 UNP DLG2_MOUSE 1 ? ? Q91XM9 ? 
# 
loop_
_struct_ref_seq.align_id 
_struct_ref_seq.ref_id 
_struct_ref_seq.pdbx_PDB_id_code 
_struct_ref_seq.pdbx_strand_id 
_struct_ref_seq.seq_align_beg 
_struct_ref_seq.pdbx_seq_align_beg_ins_code 
_struct_ref_seq.seq_align_end 
_struct_ref_seq.pdbx_seq_align_end_ins_code 
_struct_ref_seq.pdbx_db_accession 
_struct_ref_seq.db_align_beg 
_struct_ref_seq.pdbx_db_align_beg_ins_code 
_struct_ref_seq.db_align_end 
_struct_ref_seq.pdbx_db_align_end_ins_code 
_struct_ref_seq.pdbx_auth_seq_align_beg 
_struct_ref_seq.pdbx_auth_seq_align_end 
1 1 2WL7 A 1 ? 8   ? 2WL7   89 ? 96  ? 89 96  
2 2 2WL7 A 9 ? 102 ? Q91XM9 95 ? 188 ? 97 190 
# 
_struct_ref_seq_dif.align_id                     1 
_struct_ref_seq_dif.pdbx_pdb_id_code             2WL7 
_struct_ref_seq_dif.mon_id                       ASP 
_struct_ref_seq_dif.pdbx_pdb_strand_id           A 
_struct_ref_seq_dif.seq_num                      37 
_struct_ref_seq_dif.pdbx_pdb_ins_code            ? 
_struct_ref_seq_dif.pdbx_seq_db_name             UNP 
_struct_ref_seq_dif.pdbx_seq_db_accession_code   Q91XM9 
_struct_ref_seq_dif.db_mon_id                    GLY 
_struct_ref_seq_dif.pdbx_seq_db_seq_num          123 
_struct_ref_seq_dif.details                      conflict 
_struct_ref_seq_dif.pdbx_auth_seq_num            125 
_struct_ref_seq_dif.pdbx_ordinal                 1 
# 
loop_
_chem_comp.id 
_chem_comp.type 
_chem_comp.mon_nstd_flag 
_chem_comp.name 
_chem_comp.pdbx_synonyms 
_chem_comp.formula 
_chem_comp.formula_weight 
ALA 'L-peptide linking' y ALANINE         ? 'C3 H7 N O2'     89.093  
ARG 'L-peptide linking' y ARGININE        ? 'C6 H15 N4 O2 1' 175.209 
ASN 'L-peptide linking' y ASPARAGINE      ? 'C4 H8 N2 O3'    132.118 
ASP 'L-peptide linking' y 'ASPARTIC ACID' ? 'C4 H7 N O4'     133.103 
CL  non-polymer         . 'CHLORIDE ION'  ? 'Cl -1'          35.453  
CYS 'L-peptide linking' y CYSTEINE        ? 'C3 H7 N O2 S'   121.158 
GLU 'L-peptide linking' y 'GLUTAMIC ACID' ? 'C5 H9 N O4'     147.129 
GLY 'peptide linking'   y GLYCINE         ? 'C2 H5 N O2'     75.067  
HIS 'L-peptide linking' y HISTIDINE       ? 'C6 H10 N3 O2 1' 156.162 
HOH non-polymer         . WATER           ? 'H2 O'           18.015  
ILE 'L-peptide linking' y ISOLEUCINE      ? 'C6 H13 N O2'    131.173 
LEU 'L-peptide linking' y LEUCINE         ? 'C6 H13 N O2'    131.173 
LYS 'L-peptide linking' y LYSINE          ? 'C6 H15 N2 O2 1' 147.195 
PHE 'L-peptide linking' y PHENYLALANINE   ? 'C9 H11 N O2'    165.189 
PRO 'L-peptide linking' y PROLINE         ? 'C5 H9 N O2'     115.130 
SER 'L-peptide linking' y SERINE          ? 'C3 H7 N O3'     105.093 
SO4 non-polymer         . 'SULFATE ION'   ? 'O4 S -2'        96.063  
THR 'L-peptide linking' y THREONINE       ? 'C4 H9 N O3'     119.119 
TYR 'L-peptide linking' y TYROSINE        ? 'C9 H11 N O3'    181.189 
VAL 'L-peptide linking' y VALINE          ? 'C5 H11 N O2'    117.146 
# 
_exptl.entry_id          2WL7 
_exptl.method            'X-RAY DIFFRACTION' 
_exptl.crystals_number   1 
# 
_exptl_crystal.id                    1 
_exptl_crystal.density_meas          ? 
_exptl_crystal.density_Matthews      3.18 
_exptl_crystal.density_percent_sol   61.34 
_exptl_crystal.description           NONE 
# 
_exptl_crystal_grow.crystal_id      1 
_exptl_crystal_grow.method          ? 
_exptl_crystal_grow.temp            ? 
_exptl_crystal_grow.temp_details    ? 
_exptl_crystal_grow.pH              8.5 
_exptl_crystal_grow.pdbx_pH_range   ? 
_exptl_crystal_grow.pdbx_details    '0.01 M NICL2, 0.1 M TRIS, PH 8.5, 1 M LI2SO4' 
# 
_diffrn.id                     1 
_diffrn.ambient_temp           120 
_diffrn.ambient_temp_details   ? 
_diffrn.crystal_id             1 
# 
_diffrn_detector.diffrn_id              1 
_diffrn_detector.detector               'IMAGE PLATE' 
_diffrn_detector.type                   MARRESEARCH 
_diffrn_detector.pdbx_collection_date   2008-11-28 
_diffrn_detector.details                MIRRORS 
# 
_diffrn_radiation.diffrn_id                        1 
_diffrn_radiation.wavelength_id                    1 
_diffrn_radiation.pdbx_monochromatic_or_laue_m_l   M 
_diffrn_radiation.monochromator                    GRAPHITE 
_diffrn_radiation.pdbx_diffrn_protocol             'SINGLE WAVELENGTH' 
_diffrn_radiation.pdbx_scattering_type             x-ray 
# 
_diffrn_radiation_wavelength.id           1 
_diffrn_radiation_wavelength.wavelength   1.5418 
_diffrn_radiation_wavelength.wt           1.0 
# 
_diffrn_source.diffrn_id                   1 
_diffrn_source.source                      'ROTATING ANODE' 
_diffrn_source.type                        'RIGAKU RU200' 
_diffrn_source.pdbx_synchrotron_site       ? 
_diffrn_source.pdbx_synchrotron_beamline   ? 
_diffrn_source.pdbx_wavelength             1.5418 
_diffrn_source.pdbx_wavelength_list        ? 
# 
_reflns.pdbx_diffrn_id               1 
_reflns.pdbx_ordinal                 1 
_reflns.entry_id                     2WL7 
_reflns.observed_criterion_sigma_I   0.0 
_reflns.observed_criterion_sigma_F   ? 
_reflns.d_resolution_low             28.67 
_reflns.d_resolution_high            2.01 
_reflns.number_obs                   7993 
_reflns.number_all                   ? 
_reflns.percent_possible_obs         97.9 
_reflns.pdbx_Rmerge_I_obs            0.07 
_reflns.pdbx_Rsym_value              ? 
_reflns.pdbx_netI_over_sigmaI        27.20 
_reflns.B_iso_Wilson_estimate        18.09 
_reflns.pdbx_redundancy              11.2 
# 
_reflns_shell.pdbx_diffrn_id         1 
_reflns_shell.pdbx_ordinal           1 
_reflns_shell.d_res_high             2.01 
_reflns_shell.d_res_low              2.12 
_reflns_shell.percent_possible_all   85.8 
_reflns_shell.Rmerge_I_obs           0.31 
_reflns_shell.pdbx_Rsym_value        ? 
_reflns_shell.meanI_over_sigI_obs    8.20 
_reflns_shell.pdbx_redundancy        10.6 
# 
_refine.pdbx_refine_id                           'X-RAY DIFFRACTION' 
_refine.entry_id                                 2WL7 
_refine.pdbx_diffrn_id                           1 
_refine.pdbx_TLS_residual_ADP_flag               ? 
_refine.ls_number_reflns_obs                     7977 
_refine.ls_number_reflns_all                     ? 
_refine.pdbx_ls_sigma_I                          ? 
_refine.pdbx_ls_sigma_F                          2.28 
_refine.pdbx_data_cutoff_high_absF               ? 
_refine.pdbx_data_cutoff_low_absF                ? 
_refine.pdbx_data_cutoff_high_rms_absF           ? 
_refine.ls_d_res_low                             21.747 
_refine.ls_d_res_high                            2.028 
_refine.ls_percent_reflns_obs                    99.75 
_refine.ls_R_factor_obs                          0.1687 
_refine.ls_R_factor_all                          ? 
_refine.ls_R_factor_R_work                       0.1644 
_refine.ls_R_factor_R_free                       0.2077 
_refine.ls_R_factor_R_free_error                 ? 
_refine.ls_R_factor_R_free_error_details         ? 
_refine.ls_percent_reflns_R_free                 10.03 
_refine.ls_number_reflns_R_free                  800 
_refine.ls_number_parameters                     ? 
_refine.ls_number_restraints                     ? 
_refine.occupancy_min                            ? 
_refine.occupancy_max                            ? 
_refine.correlation_coeff_Fo_to_Fc               ? 
_refine.correlation_coeff_Fo_to_Fc_free          ? 
_refine.B_iso_mean                               19.36 
_refine.aniso_B[1][1]                            -2.1212 
_refine.aniso_B[2][2]                            -2.1212 
_refine.aniso_B[3][3]                            4.2423 
_refine.aniso_B[1][2]                            0.0000 
_refine.aniso_B[1][3]                            0.0000 
_refine.aniso_B[2][3]                            0.0000 
_refine.solvent_model_details                    'FLAT BULK SOLVENT MODEL' 
_refine.solvent_model_param_ksol                 0.408 
_refine.solvent_model_param_bsol                 57.570 
_refine.pdbx_solvent_vdw_probe_radii             1.11 
_refine.pdbx_solvent_ion_probe_radii             ? 
_refine.pdbx_solvent_shrinkage_radii             0.90 
_refine.pdbx_ls_cross_valid_method               ? 
_refine.details                                  ? 
_refine.pdbx_starting_model                      'PDB ENTRY 2I1N' 
_refine.pdbx_method_to_determine_struct          'MOLECULAR REPLACEMENT' 
_refine.pdbx_isotropic_thermal_model             ? 
_refine.pdbx_stereochemistry_target_values       ML 
_refine.pdbx_stereochem_target_val_spec_case     ? 
_refine.pdbx_R_Free_selection_details            ? 
_refine.pdbx_overall_ESU_R                       ? 
_refine.pdbx_overall_ESU_R_Free                  ? 
_refine.overall_SU_ML                            0.87 
_refine.pdbx_overall_phase_error                 19.05 
_refine.overall_SU_B                             ? 
_refine.overall_SU_R_Cruickshank_DPI             ? 
_refine.pdbx_overall_SU_R_free_Cruickshank_DPI   ? 
_refine.pdbx_overall_SU_R_Blow_DPI               ? 
_refine.pdbx_overall_SU_R_free_Blow_DPI          ? 
# 
_refine_hist.pdbx_refine_id                   'X-RAY DIFFRACTION' 
_refine_hist.cycle_id                         LAST 
_refine_hist.pdbx_number_atoms_protein        735 
_refine_hist.pdbx_number_atoms_nucleic_acid   0 
_refine_hist.pdbx_number_atoms_ligand         16 
_refine_hist.number_atoms_solvent             120 
_refine_hist.number_atoms_total               871 
_refine_hist.d_res_high                       2.028 
_refine_hist.d_res_low                        21.747 
# 
loop_
_refine_ls_restr.type 
_refine_ls_restr.dev_ideal 
_refine_ls_restr.dev_ideal_target 
_refine_ls_restr.weight 
_refine_ls_restr.number 
_refine_ls_restr.pdbx_refine_id 
_refine_ls_restr.pdbx_restraint_function 
f_bond_d           0.003  ? ? 770  'X-RAY DIFFRACTION' ? 
f_angle_d          0.703  ? ? 1043 'X-RAY DIFFRACTION' ? 
f_dihedral_angle_d 13.946 ? ? 291  'X-RAY DIFFRACTION' ? 
f_chiral_restr     0.049  ? ? 115  'X-RAY DIFFRACTION' ? 
f_plane_restr      0.002  ? ? 139  'X-RAY DIFFRACTION' ? 
# 
loop_
_refine_ls_shell.pdbx_refine_id 
_refine_ls_shell.pdbx_total_number_of_bins_used 
_refine_ls_shell.d_res_high 
_refine_ls_shell.d_res_low 
_refine_ls_shell.number_reflns_R_work 
_refine_ls_shell.R_factor_R_work 
_refine_ls_shell.percent_reflns_obs 
_refine_ls_shell.R_factor_R_free 
_refine_ls_shell.R_factor_R_free_error 
_refine_ls_shell.percent_reflns_R_free 
_refine_ls_shell.number_reflns_R_free 
_refine_ls_shell.number_reflns_all 
_refine_ls_shell.R_factor_all 
'X-RAY DIFFRACTION' . 2.0283 2.1553  1196 0.1677 99.00  0.2049 . . 138 . . 
'X-RAY DIFFRACTION' . 2.1553 2.3215  1217 0.1607 100.00 0.2587 . . 111 . . 
'X-RAY DIFFRACTION' . 2.3215 2.5548  1182 0.1682 100.00 0.2116 . . 153 . . 
'X-RAY DIFFRACTION' . 2.5548 2.9237  1200 0.1745 100.00 0.2147 . . 130 . . 
'X-RAY DIFFRACTION' . 2.9237 3.6807  1188 0.1619 100.00 0.1877 . . 144 . . 
'X-RAY DIFFRACTION' . 3.6807 21.7479 1194 0.1489 99.00  0.1881 . . 124 . . 
# 
_struct.entry_id                  2WL7 
_struct.title                     'Crystal structure of the PSD93 PDZ1 domain' 
_struct.pdbx_model_details        ? 
_struct.pdbx_CASP_flag            ? 
_struct.pdbx_model_type_details   ? 
# 
_struct_keywords.entry_id        2WL7 
_struct_keywords.pdbx_keywords   TRANSFERASE 
_struct_keywords.text            'DELTA2 RECEPTOR INTERACTING PROTEIN, TRANSFERASE, DLG2, MAGUK, PSD93, PDZ DOMAIN, CHAPSYN-110' 
# 
loop_
_struct_asym.id 
_struct_asym.pdbx_blank_PDB_chainid_flag 
_struct_asym.pdbx_modified 
_struct_asym.entity_id 
_struct_asym.details 
A N N 1 ? 
B N N 2 ? 
C N N 2 ? 
D N N 3 ? 
E N N 2 ? 
F N N 4 ? 
# 
_struct_biol.id   1 
# 
loop_
_struct_conf.conf_type_id 
_struct_conf.id 
_struct_conf.pdbx_PDB_helix_id 
_struct_conf.beg_label_comp_id 
_struct_conf.beg_label_asym_id 
_struct_conf.beg_label_seq_id 
_struct_conf.pdbx_beg_PDB_ins_code 
_struct_conf.end_label_comp_id 
_struct_conf.end_label_asym_id 
_struct_conf.end_label_seq_id 
_struct_conf.pdbx_end_PDB_ins_code 
_struct_conf.beg_auth_comp_id 
_struct_conf.beg_auth_asym_id 
_struct_conf.beg_auth_seq_id 
_struct_conf.end_auth_comp_id 
_struct_conf.end_auth_asym_id 
_struct_conf.end_auth_seq_id 
_struct_conf.pdbx_PDB_helix_class 
_struct_conf.details 
_struct_conf.pdbx_PDB_helix_length 
HELX_P HELX_P1 1 GLY A 50 ? GLY A 56 ? GLY A 138 GLY A 144 1 ? 7  
HELX_P HELX_P2 2 SER A 76 ? ALA A 87 ? SER A 164 ALA A 175 1 ? 12 
# 
_struct_conf_type.id          HELX_P 
_struct_conf_type.criteria    ? 
_struct_conf_type.reference   ? 
# 
loop_
_struct_sheet.id 
_struct_sheet.type 
_struct_sheet.number_strands 
_struct_sheet.details 
AA ? 5 ? 
AB ? 4 ? 
# 
loop_
_struct_sheet_order.sheet_id 
_struct_sheet_order.range_id_1 
_struct_sheet_order.range_id_2 
_struct_sheet_order.offset 
_struct_sheet_order.sense 
AA 1 2 ? anti-parallel 
AA 2 3 ? anti-parallel 
AA 3 4 ? anti-parallel 
AA 4 5 ? anti-parallel 
AB 1 2 ? anti-parallel 
AB 2 3 ? anti-parallel 
AB 3 4 ? anti-parallel 
# 
loop_
_struct_sheet_range.sheet_id 
_struct_sheet_range.id 
_struct_sheet_range.beg_label_comp_id 
_struct_sheet_range.beg_label_asym_id 
_struct_sheet_range.beg_label_seq_id 
_struct_sheet_range.pdbx_beg_PDB_ins_code 
_struct_sheet_range.end_label_comp_id 
_struct_sheet_range.end_label_asym_id 
_struct_sheet_range.end_label_seq_id 
_struct_sheet_range.pdbx_end_PDB_ins_code 
_struct_sheet_range.beg_auth_comp_id 
_struct_sheet_range.beg_auth_asym_id 
_struct_sheet_range.beg_auth_seq_id 
_struct_sheet_range.end_auth_comp_id 
_struct_sheet_range.end_auth_asym_id 
_struct_sheet_range.end_auth_seq_id 
AA 1 PHE A 8  ? GLU A 16 ? PHE A 96  GLU A 104 
AA 2 ILE A 90 ? ARG A 98 ? ILE A 178 ARG A 186 
AA 3 CYS A 63 ? VAL A 67 ? CYS A 151 VAL A 155 
AA 4 ILE A 41 ? ILE A 46 ? ILE A 129 ILE A 134 
AA 5 PHE A 24 ? GLY A 28 ? PHE A 112 GLY A 116 
AB 1 PHE A 8  ? GLU A 16 ? PHE A 96  GLU A 104 
AB 2 ILE A 90 ? ARG A 98 ? ILE A 178 ARG A 186 
AB 3 CYS A 63 ? VAL A 67 ? CYS A 151 VAL A 155 
AB 4 VAL A 70 ? ASP A 71 ? VAL A 158 ASP A 159 
# 
loop_
_pdbx_struct_sheet_hbond.sheet_id 
_pdbx_struct_sheet_hbond.range_id_1 
_pdbx_struct_sheet_hbond.range_id_2 
_pdbx_struct_sheet_hbond.range_1_label_atom_id 
_pdbx_struct_sheet_hbond.range_1_label_comp_id 
_pdbx_struct_sheet_hbond.range_1_label_asym_id 
_pdbx_struct_sheet_hbond.range_1_label_seq_id 
_pdbx_struct_sheet_hbond.range_1_PDB_ins_code 
_pdbx_struct_sheet_hbond.range_1_auth_atom_id 
_pdbx_struct_sheet_hbond.range_1_auth_comp_id 
_pdbx_struct_sheet_hbond.range_1_auth_asym_id 
_pdbx_struct_sheet_hbond.range_1_auth_seq_id 
_pdbx_struct_sheet_hbond.range_2_label_atom_id 
_pdbx_struct_sheet_hbond.range_2_label_comp_id 
_pdbx_struct_sheet_hbond.range_2_label_asym_id 
_pdbx_struct_sheet_hbond.range_2_label_seq_id 
_pdbx_struct_sheet_hbond.range_2_PDB_ins_code 
_pdbx_struct_sheet_hbond.range_2_auth_atom_id 
_pdbx_struct_sheet_hbond.range_2_auth_comp_id 
_pdbx_struct_sheet_hbond.range_2_auth_asym_id 
_pdbx_struct_sheet_hbond.range_2_auth_seq_id 
AA 1 2 N LEU A 15 ? N LEU A 103 O VAL A 91 ? O VAL A 179 
AA 2 3 N ARG A 96 ? N ARG A 184 O CYS A 63 ? O CYS A 151 
AA 3 4 N ILE A 64 ? N ILE A 152 O ILE A 41 ? O ILE A 129 
AA 4 5 N THR A 44 ? N THR A 132 O SER A 25 ? O SER A 113 
AB 1 2 N LEU A 15 ? N LEU A 103 O VAL A 91 ? O VAL A 179 
AB 2 3 N ARG A 96 ? N ARG A 184 O CYS A 63 ? O CYS A 151 
AB 3 4 N VAL A 67 ? N VAL A 155 O VAL A 70 ? O VAL A 158 
# 
loop_
_struct_site.id 
_struct_site.pdbx_evidence_code 
_struct_site.pdbx_auth_asym_id 
_struct_site.pdbx_auth_comp_id 
_struct_site.pdbx_auth_seq_id 
_struct_site.pdbx_auth_ins_code 
_struct_site.pdbx_num_residues 
_struct_site.details 
AC1 Software A SO4 1191 ? 4 'BINDING SITE FOR RESIDUE SO4 A 1191' 
AC2 Software A SO4 1194 ? 6 'BINDING SITE FOR RESIDUE SO4 A 1194' 
AC3 Software A SO4 1192 ? 5 'BINDING SITE FOR RESIDUE SO4 A 1192' 
AC4 Software A CL  1193 ? 3 'BINDING SITE FOR RESIDUE CL A 1193'  
# 
loop_
_struct_site_gen.id 
_struct_site_gen.site_id 
_struct_site_gen.pdbx_num_res 
_struct_site_gen.label_comp_id 
_struct_site_gen.label_asym_id 
_struct_site_gen.label_seq_id 
_struct_site_gen.pdbx_auth_ins_code 
_struct_site_gen.auth_comp_id 
_struct_site_gen.auth_asym_id 
_struct_site_gen.auth_seq_id 
_struct_site_gen.label_atom_id 
_struct_site_gen.label_alt_id 
_struct_site_gen.symmetry 
_struct_site_gen.details 
1  AC1 4 LYS A 45 ? LYS A 133  . ? 3_555 ? 
2  AC1 4 ARG A 59 ? ARG A 147  . ? 1_555 ? 
3  AC1 4 VAL A 60 ? VAL A 148  . ? 1_555 ? 
4  AC1 4 HOH F .  ? HOH A 2116 . ? 1_555 ? 
5  AC2 6 ARG A 17 ? ARG A 105  . ? 5_555 ? 
6  AC2 6 GLY A 18 ? GLY A 106  . ? 5_555 ? 
7  AC2 6 ASN A 19 ? ASN A 107  . ? 5_555 ? 
8  AC2 6 SER A 20 ? SER A 108  . ? 5_555 ? 
9  AC2 6 HOH F .  ? HOH A 2106 . ? 1_555 ? 
10 AC2 6 HOH F .  ? HOH A 2120 . ? 1_555 ? 
11 AC3 5 GLU A 12 ? GLU A 100  . ? 1_555 ? 
12 AC3 5 THR A 14 ? THR A 102  . ? 1_555 ? 
13 AC3 5 ARG A 57 ? ARG A 145  . ? 1_555 ? 
14 AC3 5 ARG A 66 ? ARG A 154  . ? 9_554 ? 
15 AC3 5 HOH F .  ? HOH A 2119 . ? 1_555 ? 
16 AC4 3 THR A 44 ? THR A 132  . ? 3_555 ? 
17 AC4 3 ASN A 61 ? ASN A 149  . ? 1_555 ? 
18 AC4 3 ARG A 98 ? ARG A 186  . ? 1_555 ? 
# 
_atom_sites.entry_id                    2WL7 
_atom_sites.fract_transf_matrix[1][1]   -0.00108053 
_atom_sites.fract_transf_matrix[1][2]   -0.01347131 
_atom_sites.fract_transf_matrix[1][3]   -0.00102035 
_atom_sites.fract_transf_matrix[2][1]   -0.00394751 
_atom_sites.fract_transf_matrix[2][2]   -0.00731241 
_atom_sites.fract_transf_matrix[2][3]   0.01070653 
_atom_sites.fract_transf_matrix[3][1]   -0.02095176 
_atom_sites.fract_transf_matrix[3][2]   0.00215420 
_atom_sites.fract_transf_matrix[3][3]   -0.00625365 
_atom_sites.fract_transf_vector[1]      0.157161 
_atom_sites.fract_transf_vector[2]      0.189694 
_atom_sites.fract_transf_vector[3]      0.737973 
# 
loop_
_atom_type.symbol 
C  
CL 
N  
O  
S  
# 
loop_
_atom_site.group_PDB 
_atom_site.id 
_atom_site.type_symbol 
_atom_site.label_atom_id 
_atom_site.label_alt_id 
_atom_site.label_comp_id 
_atom_site.label_asym_id 
_atom_site.label_entity_id 
_atom_site.label_seq_id 
_atom_site.pdbx_PDB_ins_code 
_atom_site.Cartn_x 
_atom_site.Cartn_y 
_atom_site.Cartn_z 
_atom_site.occupancy 
_atom_site.B_iso_or_equiv 
_atom_site.pdbx_formal_charge 
_atom_site.auth_seq_id 
_atom_site.auth_comp_id 
_atom_site.auth_asym_id 
_atom_site.auth_atom_id 
_atom_site.pdbx_PDB_model_num 
ATOM   1   N  N   . GLU A 1 7   ? 1.532   -5.050  -18.576 1.00 25.29 ? 95   GLU A N   1 
ATOM   2   C  CA  . GLU A 1 7   ? 1.389   -3.647  -18.200 1.00 29.96 ? 95   GLU A CA  1 
ATOM   3   C  C   . GLU A 1 7   ? 1.714   -3.424  -16.727 1.00 23.99 ? 95   GLU A C   1 
ATOM   4   O  O   . GLU A 1 7   ? 2.205   -2.359  -16.345 1.00 20.60 ? 95   GLU A O   1 
ATOM   5   C  CB  . GLU A 1 7   ? -0.026  -3.147  -18.503 1.00 32.93 ? 95   GLU A CB  1 
ATOM   6   C  CG  . GLU A 1 7   ? -0.224  -1.666  -18.230 1.00 31.90 ? 95   GLU A CG  1 
ATOM   7   C  CD  . GLU A 1 7   ? -1.627  -1.190  -18.563 1.00 47.72 ? 95   GLU A CD  1 
ATOM   8   O  OE1 . GLU A 1 7   ? -2.361  -1.931  -19.250 1.00 58.35 ? 95   GLU A OE1 1 
ATOM   9   O  OE2 . GLU A 1 7   ? -1.995  -0.073  -18.137 1.00 46.31 ? 95   GLU A OE2 1 
ATOM   10  N  N   . PHE A 1 8   ? 1.437   -4.431  -15.904 1.00 21.97 ? 96   PHE A N   1 
ATOM   11  C  CA  . PHE A 1 8   ? 1.682   -4.338  -14.468 1.00 17.96 ? 96   PHE A CA  1 
ATOM   12  C  C   . PHE A 1 8   ? 2.593   -5.455  -13.959 1.00 16.85 ? 96   PHE A C   1 
ATOM   13  O  O   . PHE A 1 8   ? 2.750   -6.491  -14.605 1.00 18.80 ? 96   PHE A O   1 
ATOM   14  C  CB  . PHE A 1 8   ? 0.359   -4.357  -13.691 1.00 19.84 ? 96   PHE A CB  1 
ATOM   15  C  CG  . PHE A 1 8   ? -0.520  -3.164  -13.954 1.00 20.06 ? 96   PHE A CG  1 
ATOM   16  C  CD1 . PHE A 1 8   ? -0.152  -1.905  -13.511 1.00 17.71 ? 96   PHE A CD1 1 
ATOM   17  C  CD2 . PHE A 1 8   ? -1.717  -3.306  -14.639 1.00 27.24 ? 96   PHE A CD2 1 
ATOM   18  C  CE1 . PHE A 1 8   ? -0.957  -0.805  -13.750 1.00 24.98 ? 96   PHE A CE1 1 
ATOM   19  C  CE2 . PHE A 1 8   ? -2.529  -2.212  -14.879 1.00 28.80 ? 96   PHE A CE2 1 
ATOM   20  C  CZ  . PHE A 1 8   ? -2.147  -0.960  -14.435 1.00 29.33 ? 96   PHE A CZ  1 
ATOM   21  N  N   . GLU A 1 9   ? 3.207   -5.213  -12.805 1.00 15.35 ? 97   GLU A N   1 
ATOM   22  C  CA  . GLU A 1 9   ? 3.949   -6.226  -12.067 1.00 13.11 ? 97   GLU A CA  1 
ATOM   23  C  C   . GLU A 1 9   ? 3.277   -6.332  -10.711 1.00 14.29 ? 97   GLU A C   1 
ATOM   24  O  O   . GLU A 1 9   ? 2.767   -5.340  -10.190 1.00 12.42 ? 97   GLU A O   1 
ATOM   25  C  CB  . GLU A 1 9   ? 5.414   -5.819  -11.887 1.00 18.45 ? 97   GLU A CB  1 
ATOM   26  C  CG  . GLU A 1 9   ? 6.168   -6.645  -10.841 1.00 23.12 ? 97   GLU A CG  1 
ATOM   27  C  CD  . GLU A 1 9   ? 7.508   -6.035  -10.434 1.00 28.14 ? 97   GLU A CD  1 
ATOM   28  O  OE1 . GLU A 1 9   ? 7.766   -4.863  -10.773 1.00 24.90 ? 97   GLU A OE1 1 
ATOM   29  O  OE2 . GLU A 1 9   ? 8.304   -6.729  -9.766  1.00 35.00 ? 97   GLU A OE2 1 
ATOM   30  N  N   . PHE A 1 10  ? 3.266   -7.530  -10.141 1.00 12.80 ? 98   PHE A N   1 
ATOM   31  C  CA  . PHE A 1 10  ? 2.656   -7.732  -8.838  1.00 11.71 ? 98   PHE A CA  1 
ATOM   32  C  C   . PHE A 1 10  ? 3.705   -8.239  -7.859  1.00 14.50 ? 98   PHE A C   1 
ATOM   33  O  O   . PHE A 1 10  ? 4.622   -8.964  -8.244  1.00 13.25 ? 98   PHE A O   1 
ATOM   34  C  CB  . PHE A 1 10  ? 1.488   -8.718  -8.941  1.00 11.77 ? 98   PHE A CB  1 
ATOM   35  C  CG  . PHE A 1 10  ? 0.360   -8.236  -9.814  1.00 12.75 ? 98   PHE A CG  1 
ATOM   36  C  CD1 . PHE A 1 10  ? -0.723  -7.568  -9.263  1.00 12.42 ? 98   PHE A CD1 1 
ATOM   37  C  CD2 . PHE A 1 10  ? 0.382   -8.449  -11.184 1.00 13.48 ? 98   PHE A CD2 1 
ATOM   38  C  CE1 . PHE A 1 10  ? -1.763  -7.126  -10.058 1.00 13.84 ? 98   PHE A CE1 1 
ATOM   39  C  CE2 . PHE A 1 10  ? -0.650  -8.010  -11.986 1.00 17.13 ? 98   PHE A CE2 1 
ATOM   40  C  CZ  . PHE A 1 10  ? -1.728  -7.343  -11.423 1.00 16.26 ? 98   PHE A CZ  1 
ATOM   41  N  N   . GLU A 1 11  ? 3.580   -7.852  -6.593  1.00 10.57 ? 99   GLU A N   1 
ATOM   42  C  CA  . GLU A 1 11  ? 4.534   -8.309  -5.594  1.00 10.26 ? 99   GLU A CA  1 
ATOM   43  C  C   . GLU A 1 11  ? 3.909   -8.488  -4.215  1.00 14.76 ? 99   GLU A C   1 
ATOM   44  O  O   . GLU A 1 11  ? 3.077   -7.685  -3.785  1.00 11.51 ? 99   GLU A O   1 
ATOM   45  C  CB  . GLU A 1 11  ? 5.730   -7.350  -5.516  1.00 12.88 ? 99   GLU A CB  1 
ATOM   46  C  CG  . GLU A 1 11  ? 6.886   -7.878  -4.682  1.00 13.36 ? 99   GLU A CG  1 
ATOM   47  C  CD  . GLU A 1 11  ? 8.097   -6.966  -4.708  1.00 16.34 ? 99   GLU A CD  1 
ATOM   48  O  OE1 . GLU A 1 11  ? 7.988   -5.833  -5.223  1.00 12.82 ? 99   GLU A OE1 1 
ATOM   49  O  OE2 . GLU A 1 11  ? 9.161   -7.387  -4.208  1.00 18.28 ? 99   GLU A OE2 1 
ATOM   50  N  N   . GLU A 1 12  ? 4.314   -9.552  -3.529  1.00 11.60 ? 100  GLU A N   1 
ATOM   51  C  CA  . GLU A 1 12  ? 3.960   -9.737  -2.130  1.00 13.73 ? 100  GLU A CA  1 
ATOM   52  C  C   . GLU A 1 12  ? 5.083   -9.208  -1.246  1.00 12.39 ? 100  GLU A C   1 
ATOM   53  O  O   . GLU A 1 12  ? 6.244   -9.586  -1.401  1.00 13.46 ? 100  GLU A O   1 
ATOM   54  C  CB  . GLU A 1 12  ? 3.672   -11.208 -1.819  1.00 16.33 ? 100  GLU A CB  1 
ATOM   55  C  CG  . GLU A 1 12  ? 3.380   -11.481 -0.349  1.00 18.50 ? 100  GLU A CG  1 
ATOM   56  C  CD  . GLU A 1 12  ? 4.636   -11.787 0.449   1.00 32.19 ? 100  GLU A CD  1 
ATOM   57  O  OE1 . GLU A 1 12  ? 5.434   -12.634 -0.009  1.00 37.30 ? 100  GLU A OE1 1 
ATOM   58  O  OE2 . GLU A 1 12  ? 4.824   -11.188 1.533   1.00 22.62 ? 100  GLU A OE2 1 
ATOM   59  N  N   . ILE A 1 13  ? 4.726   -8.316  -0.329  1.00 11.04 ? 101  ILE A N   1 
ATOM   60  C  CA  . ILE A 1 13  ? 5.683   -7.699  0.576   1.00 13.44 ? 101  ILE A CA  1 
ATOM   61  C  C   . ILE A 1 13  ? 5.124   -7.723  1.994   1.00 14.88 ? 101  ILE A C   1 
ATOM   62  O  O   . ILE A 1 13  ? 4.099   -7.102  2.274   1.00 12.87 ? 101  ILE A O   1 
ATOM   63  C  CB  . ILE A 1 13  ? 5.963   -6.234  0.187   1.00 11.03 ? 101  ILE A CB  1 
ATOM   64  C  CG1 . ILE A 1 13  ? 6.530   -6.144  -1.235  1.00 13.11 ? 101  ILE A CG1 1 
ATOM   65  C  CG2 . ILE A 1 13  ? 6.911   -5.584  1.193   1.00 12.62 ? 101  ILE A CG2 1 
ATOM   66  C  CD1 . ILE A 1 13  ? 6.579   -4.718  -1.778  1.00 13.20 ? 101  ILE A CD1 1 
ATOM   67  N  N   . THR A 1 14  ? 5.791   -8.446  2.884   1.00 13.43 ? 102  THR A N   1 
ATOM   68  C  CA  . THR A 1 14  ? 5.359   -8.515  4.274   1.00 13.37 ? 102  THR A CA  1 
ATOM   69  C  C   . THR A 1 14  ? 6.291   -7.707  5.162   1.00 14.47 ? 102  THR A C   1 
ATOM   70  O  O   . THR A 1 14  ? 7.506   -7.897  5.135   1.00 11.85 ? 102  THR A O   1 
ATOM   71  C  CB  . THR A 1 14  ? 5.289   -9.969  4.779   1.00 15.61 ? 102  THR A CB  1 
ATOM   72  O  OG1 . THR A 1 14  ? 4.236   -10.656 4.097   1.00 16.43 ? 102  THR A OG1 1 
ATOM   73  C  CG2 . THR A 1 14  ? 5.011   -10.004 6.277   1.00 14.84 ? 102  THR A CG2 1 
ATOM   74  N  N   . LEU A 1 15  ? 5.713   -6.804  5.946   1.00 14.43 ? 103  LEU A N   1 
ATOM   75  C  CA  . LEU A 1 15  ? 6.484   -5.908  6.794   1.00 12.14 ? 103  LEU A CA  1 
ATOM   76  C  C   . LEU A 1 15  ? 6.295   -6.226  8.270   1.00 13.32 ? 103  LEU A C   1 
ATOM   77  O  O   . LEU A 1 15  ? 5.212   -6.616  8.705   1.00 14.35 ? 103  LEU A O   1 
ATOM   78  C  CB  . LEU A 1 15  ? 6.090   -4.450  6.531   1.00 12.31 ? 103  LEU A CB  1 
ATOM   79  C  CG  . LEU A 1 15  ? 6.231   -3.942  5.092   1.00 12.57 ? 103  LEU A CG  1 
ATOM   80  C  CD1 . LEU A 1 15  ? 5.724   -2.512  4.968   1.00 11.75 ? 103  LEU A CD1 1 
ATOM   81  C  CD2 . LEU A 1 15  ? 7.678   -4.042  4.629   1.00 14.96 ? 103  LEU A CD2 1 
ATOM   82  N  N   . GLU A 1 16  ? 7.364   -6.048  9.035   1.00 14.62 ? 104  GLU A N   1 
ATOM   83  C  CA  . GLU A 1 16  ? 7.300   -6.177  10.481  1.00 12.40 ? 104  GLU A CA  1 
ATOM   84  C  C   . GLU A 1 16  ? 7.267   -4.768  11.086  1.00 15.25 ? 104  GLU A C   1 
ATOM   85  O  O   . GLU A 1 16  ? 8.262   -4.047  11.075  1.00 14.64 ? 104  GLU A O   1 
ATOM   86  C  CB  . GLU A 1 16  ? 8.474   -7.028  10.980  1.00 12.84 ? 104  GLU A CB  1 
ATOM   87  C  CG  . GLU A 1 16  ? 8.389   -8.473  10.459  1.00 14.90 ? 104  GLU A CG  1 
ATOM   88  C  CD  . GLU A 1 16  ? 9.624   -9.315  10.735  1.00 15.41 ? 104  GLU A CD  1 
ATOM   89  O  OE1 . GLU A 1 16  ? 10.715  -8.751  10.957  1.00 14.87 ? 104  GLU A OE1 1 
ATOM   90  O  OE2 . GLU A 1 16  ? 9.499   -10.558 10.720  1.00 17.62 ? 104  GLU A OE2 1 
ATOM   91  N  N   . ARG A 1 17  ? 6.096   -4.378  11.582  1.00 14.75 ? 105  ARG A N   1 
ATOM   92  C  CA  . ARG A 1 17  ? 5.826   -2.987  11.943  1.00 17.24 ? 105  ARG A CA  1 
ATOM   93  C  C   . ARG A 1 17  ? 6.764   -2.419  13.010  1.00 20.12 ? 105  ARG A C   1 
ATOM   94  O  O   . ARG A 1 17  ? 7.269   -1.302  12.872  1.00 19.49 ? 105  ARG A O   1 
ATOM   95  C  CB  . ARG A 1 17  ? 4.367   -2.820  12.382  1.00 18.29 ? 105  ARG A CB  1 
ATOM   96  C  CG  . ARG A 1 17  ? 3.911   -1.371  12.466  1.00 19.75 ? 105  ARG A CG  1 
ATOM   97  C  CD  . ARG A 1 17  ? 2.594   -1.241  13.211  1.00 17.92 ? 105  ARG A CD  1 
ATOM   98  N  NE  . ARG A 1 17  ? 1.524   -2.037  12.616  1.00 21.18 ? 105  ARG A NE  1 
ATOM   99  C  CZ  . ARG A 1 17  ? 0.547   -1.542  11.860  1.00 19.94 ? 105  ARG A CZ  1 
ATOM   100 N  NH1 . ARG A 1 17  ? 0.495   -0.242  11.594  1.00 18.67 ? 105  ARG A NH1 1 
ATOM   101 N  NH2 . ARG A 1 17  ? -0.384  -2.348  11.372  1.00 14.54 ? 105  ARG A NH2 1 
ATOM   102 N  N   . GLY A 1 18  ? 6.986   -3.183  14.074  1.00 16.31 ? 106  GLY A N   1 
ATOM   103 C  CA  . GLY A 1 18  ? 7.833   -2.732  15.164  1.00 20.76 ? 106  GLY A CA  1 
ATOM   104 C  C   . GLY A 1 18  ? 7.356   -1.415  15.744  1.00 21.98 ? 106  GLY A C   1 
ATOM   105 O  O   . GLY A 1 18  ? 6.171   -1.092  15.680  1.00 25.21 ? 106  GLY A O   1 
ATOM   106 N  N   . ASN A 1 19  ? 8.281   -0.648  16.310  1.00 25.71 ? 107  ASN A N   1 
ATOM   107 C  CA  . ASN A 1 19  ? 7.943   0.646   16.898  1.00 24.75 ? 107  ASN A CA  1 
ATOM   108 C  C   . ASN A 1 19  ? 8.113   1.806   15.917  1.00 27.26 ? 107  ASN A C   1 
ATOM   109 O  O   . ASN A 1 19  ? 7.541   2.878   16.109  1.00 27.00 ? 107  ASN A O   1 
ATOM   110 C  CB  . ASN A 1 19  ? 8.761   0.894   18.166  1.00 24.09 ? 107  ASN A CB  1 
ATOM   111 C  CG  . ASN A 1 19  ? 8.203   0.159   19.371  1.00 28.53 ? 107  ASN A CG  1 
ATOM   112 O  OD1 . ASN A 1 19  ? 6.991   0.130   19.592  1.00 28.54 ? 107  ASN A OD1 1 
ATOM   113 N  ND2 . ASN A 1 19  ? 9.087   -0.433  20.162  1.00 26.68 ? 107  ASN A ND2 1 
ATOM   114 N  N   . SER A 1 20  ? 8.892   1.584   14.864  1.00 23.83 ? 108  SER A N   1 
ATOM   115 C  CA  . SER A 1 20  ? 9.116   2.615   13.857  1.00 23.88 ? 108  SER A CA  1 
ATOM   116 C  C   . SER A 1 20  ? 7.855   2.878   13.040  1.00 20.79 ? 108  SER A C   1 
ATOM   117 O  O   . SER A 1 20  ? 7.651   3.983   12.535  1.00 22.03 ? 108  SER A O   1 
ATOM   118 C  CB  . SER A 1 20  ? 10.269  2.225   12.932  1.00 30.36 ? 108  SER A CB  1 
ATOM   119 O  OG  . SER A 1 20  ? 11.448  1.963   13.673  1.00 46.83 ? 108  SER A OG  1 
ATOM   120 N  N   . GLY A 1 21  ? 7.011   1.860   12.913  1.00 15.80 ? 109  GLY A N   1 
ATOM   121 C  CA  . GLY A 1 21  ? 5.789   1.980   12.138  1.00 17.65 ? 109  GLY A CA  1 
ATOM   122 C  C   . GLY A 1 21  ? 6.001   1.579   10.689  1.00 15.11 ? 109  GLY A C   1 
ATOM   123 O  O   . GLY A 1 21  ? 7.139   1.444   10.236  1.00 14.29 ? 109  GLY A O   1 
ATOM   124 N  N   . LEU A 1 22  ? 4.904   1.381   9.964   1.00 15.06 ? 110  LEU A N   1 
ATOM   125 C  CA  . LEU A 1 22  ? 4.977   1.007   8.555   1.00 15.27 ? 110  LEU A CA  1 
ATOM   126 C  C   . LEU A 1 22  ? 5.739   2.062   7.757   1.00 15.19 ? 110  LEU A C   1 
ATOM   127 O  O   . LEU A 1 22  ? 6.571   1.736   6.908   1.00 17.14 ? 110  LEU A O   1 
ATOM   128 C  CB  . LEU A 1 22  ? 3.577   0.799   7.979   1.00 12.51 ? 110  LEU A CB  1 
ATOM   129 C  CG  . LEU A 1 22  ? 2.778   -0.381  8.546   1.00 16.16 ? 110  LEU A CG  1 
ATOM   130 C  CD1 . LEU A 1 22  ? 1.385   -0.431  7.935   1.00 14.98 ? 110  LEU A CD1 1 
ATOM   131 C  CD2 . LEU A 1 22  ? 3.515   -1.699  8.323   1.00 16.19 ? 110  LEU A CD2 1 
ATOM   132 N  N   . GLY A 1 23  ? 5.449   3.327   8.031   1.00 11.91 ? 111  GLY A N   1 
ATOM   133 C  CA  . GLY A 1 23  ? 6.199   4.421   7.441   1.00 14.66 ? 111  GLY A CA  1 
ATOM   134 C  C   . GLY A 1 23  ? 5.967   4.660   5.960   1.00 16.94 ? 111  GLY A C   1 
ATOM   135 O  O   . GLY A 1 23  ? 6.917   4.765   5.183   1.00 15.49 ? 111  GLY A O   1 
ATOM   136 N  N   . PHE A 1 24  ? 4.704   4.742   5.560   1.00 12.68 ? 112  PHE A N   1 
ATOM   137 C  CA  . PHE A 1 24  ? 4.376   5.228   4.224   1.00 14.93 ? 112  PHE A CA  1 
ATOM   138 C  C   . PHE A 1 24  ? 3.054   5.983   4.226   1.00 14.94 ? 112  PHE A C   1 
ATOM   139 O  O   . PHE A 1 24  ? 2.186   5.734   5.066   1.00 14.49 ? 112  PHE A O   1 
ATOM   140 C  CB  . PHE A 1 24  ? 4.382   4.102   3.176   1.00 12.69 ? 112  PHE A CB  1 
ATOM   141 C  CG  . PHE A 1 24  ? 3.445   2.964   3.484   1.00 13.84 ? 112  PHE A CG  1 
ATOM   142 C  CD1 . PHE A 1 24  ? 2.085   3.090   3.264   1.00 12.90 ? 112  PHE A CD1 1 
ATOM   143 C  CD2 . PHE A 1 24  ? 3.933   1.760   3.972   1.00 14.83 ? 112  PHE A CD2 1 
ATOM   144 C  CE1 . PHE A 1 24  ? 1.225   2.041   3.537   1.00 13.38 ? 112  PHE A CE1 1 
ATOM   145 C  CE2 . PHE A 1 24  ? 3.080   0.708   4.248   1.00 13.26 ? 112  PHE A CE2 1 
ATOM   146 C  CZ  . PHE A 1 24  ? 1.723   0.847   4.030   1.00 13.10 ? 112  PHE A CZ  1 
ATOM   147 N  N   . SER A 1 25  ? 2.918   6.923   3.298   1.00 12.24 ? 113  SER A N   1 
ATOM   148 C  CA  . SER A 1 25  ? 1.679   7.674   3.148   1.00 13.65 ? 113  SER A CA  1 
ATOM   149 C  C   . SER A 1 25  ? 0.862   7.087   2.011   1.00 12.10 ? 113  SER A C   1 
ATOM   150 O  O   . SER A 1 25  ? 1.422   6.587   1.036   1.00 12.29 ? 113  SER A O   1 
ATOM   151 C  CB  . SER A 1 25  ? 1.976   9.150   2.873   1.00 14.03 ? 113  SER A CB  1 
ATOM   152 O  OG  . SER A 1 25  ? 2.718   9.718   3.936   1.00 17.69 ? 113  SER A OG  1 
ATOM   153 N  N   . ILE A 1 26  ? -0.459  7.144   2.136   1.00 12.35 ? 114  ILE A N   1 
ATOM   154 C  CA  . ILE A 1 26  ? -1.342  6.631   1.094   1.00 13.59 ? 114  ILE A CA  1 
ATOM   155 C  C   . ILE A 1 26  ? -2.372  7.671   0.674   1.00 16.80 ? 114  ILE A C   1 
ATOM   156 O  O   . ILE A 1 26  ? -2.695  8.584   1.431   1.00 14.51 ? 114  ILE A O   1 
ATOM   157 C  CB  . ILE A 1 26  ? -2.092  5.361   1.543   1.00 11.61 ? 114  ILE A CB  1 
ATOM   158 C  CG1 . ILE A 1 26  ? -2.902  5.639   2.814   1.00 16.73 ? 114  ILE A CG1 1 
ATOM   159 C  CG2 . ILE A 1 26  ? -1.117  4.203   1.752   1.00 11.31 ? 114  ILE A CG2 1 
ATOM   160 C  CD1 . ILE A 1 26  ? -3.907  4.557   3.150   1.00 18.49 ? 114  ILE A CD1 1 
ATOM   161 N  N   . ALA A 1 27  ? -2.875  7.524   -0.546  1.00 14.56 ? 115  ALA A N   1 
ATOM   162 C  CA  . ALA A 1 27  ? -3.967  8.347   -1.042  1.00 15.42 ? 115  ALA A CA  1 
ATOM   163 C  C   . ALA A 1 27  ? -4.883  7.476   -1.887  1.00 18.22 ? 115  ALA A C   1 
ATOM   164 O  O   . ALA A 1 27  ? -4.464  6.432   -2.386  1.00 17.53 ? 115  ALA A O   1 
ATOM   165 C  CB  . ALA A 1 27  ? -3.430  9.510   -1.863  1.00 18.76 ? 115  ALA A CB  1 
ATOM   166 N  N   . GLY A 1 28  ? -6.136  7.894   -2.036  1.00 13.40 ? 116  GLY A N   1 
ATOM   167 C  CA  . GLY A 1 28  ? -7.064  7.186   -2.896  1.00 15.66 ? 116  GLY A CA  1 
ATOM   168 C  C   . GLY A 1 28  ? -8.236  6.551   -2.173  1.00 18.60 ? 116  GLY A C   1 
ATOM   169 O  O   . GLY A 1 28  ? -8.454  6.784   -0.985  1.00 22.85 ? 116  GLY A O   1 
ATOM   170 N  N   . GLY A 1 29  ? -8.992  5.736   -2.901  1.00 16.84 ? 117  GLY A N   1 
ATOM   171 C  CA  . GLY A 1 29  ? -10.193 5.124   -2.364  1.00 20.29 ? 117  GLY A CA  1 
ATOM   172 C  C   . GLY A 1 29  ? -11.403 5.463   -3.214  1.00 26.42 ? 117  GLY A C   1 
ATOM   173 O  O   . GLY A 1 29  ? -11.390 6.442   -3.963  1.00 22.25 ? 117  GLY A O   1 
ATOM   174 N  N   . THR A 1 30  ? -12.449 4.652   -3.096  1.00 20.49 ? 118  THR A N   1 
ATOM   175 C  CA  . THR A 1 30  ? -13.669 4.841   -3.875  1.00 24.62 ? 118  THR A CA  1 
ATOM   176 C  C   . THR A 1 30  ? -14.283 6.221   -3.650  1.00 29.64 ? 118  THR A C   1 
ATOM   177 O  O   . THR A 1 30  ? -14.877 6.802   -4.559  1.00 24.97 ? 118  THR A O   1 
ATOM   178 C  CB  . THR A 1 30  ? -14.723 3.773   -3.526  1.00 23.59 ? 118  THR A CB  1 
ATOM   179 O  OG1 . THR A 1 30  ? -15.030 3.843   -2.126  1.00 26.13 ? 118  THR A OG1 1 
ATOM   180 C  CG2 . THR A 1 30  ? -14.205 2.381   -3.857  1.00 19.99 ? 118  THR A CG2 1 
ATOM   181 N  N   . ASP A 1 31  ? -14.136 6.739   -2.436  1.00 27.21 ? 119  ASP A N   1 
ATOM   182 C  CA  . ASP A 1 31  ? -14.732 8.016   -2.061  1.00 27.85 ? 119  ASP A CA  1 
ATOM   183 C  C   . ASP A 1 31  ? -13.940 9.205   -2.593  1.00 31.88 ? 119  ASP A C   1 
ATOM   184 O  O   . ASP A 1 31  ? -14.446 10.326  -2.630  1.00 34.70 ? 119  ASP A O   1 
ATOM   185 C  CB  . ASP A 1 31  ? -14.854 8.123   -0.541  1.00 31.33 ? 119  ASP A CB  1 
ATOM   186 C  CG  . ASP A 1 31  ? -13.511 8.035   0.157   1.00 31.28 ? 119  ASP A CG  1 
ATOM   187 O  OD1 . ASP A 1 31  ? -12.665 7.225   -0.280  1.00 25.42 ? 119  ASP A OD1 1 
ATOM   188 O  OD2 . ASP A 1 31  ? -13.302 8.772   1.143   1.00 35.20 ? 119  ASP A OD2 1 
ATOM   189 N  N   . ASN A 1 32  ? -12.698 8.962   -3.000  1.00 32.74 ? 120  ASN A N   1 
ATOM   190 C  CA  . ASN A 1 32  ? -11.838 10.038  -3.481  1.00 34.13 ? 120  ASN A CA  1 
ATOM   191 C  C   . ASN A 1 32  ? -10.660 9.528   -4.310  1.00 27.75 ? 120  ASN A C   1 
ATOM   192 O  O   . ASN A 1 32  ? -9.517  9.552   -3.852  1.00 24.47 ? 120  ASN A O   1 
ATOM   193 C  CB  . ASN A 1 32  ? -11.329 10.870  -2.302  1.00 32.93 ? 120  ASN A CB  1 
ATOM   194 C  CG  . ASN A 1 32  ? -10.641 12.145  -2.741  1.00 39.74 ? 120  ASN A CG  1 
ATOM   195 O  OD1 . ASN A 1 32  ? -10.702 12.527  -3.910  1.00 42.56 ? 120  ASN A OD1 1 
ATOM   196 N  ND2 . ASN A 1 32  ? -9.985  12.814  -1.801  1.00 42.79 ? 120  ASN A ND2 1 
ATOM   197 N  N   . PRO A 1 33  ? -10.938 9.071   -5.540  1.00 31.19 ? 121  PRO A N   1 
ATOM   198 C  CA  . PRO A 1 33  ? -9.903  8.502   -6.413  1.00 28.33 ? 121  PRO A CA  1 
ATOM   199 C  C   . PRO A 1 33  ? -8.686  9.414   -6.550  1.00 29.47 ? 121  PRO A C   1 
ATOM   200 O  O   . PRO A 1 33  ? -8.827  10.615  -6.785  1.00 30.22 ? 121  PRO A O   1 
ATOM   201 C  CB  . PRO A 1 33  ? -10.622 8.357   -7.756  1.00 30.30 ? 121  PRO A CB  1 
ATOM   202 C  CG  . PRO A 1 33  ? -12.062 8.206   -7.392  1.00 33.53 ? 121  PRO A CG  1 
ATOM   203 C  CD  . PRO A 1 33  ? -12.267 9.065   -6.175  1.00 30.41 ? 121  PRO A CD  1 
ATOM   204 N  N   . HIS A 1 34  ? -7.500  8.835   -6.398  1.00 26.57 ? 122  HIS A N   1 
ATOM   205 C  CA  . HIS A 1 34  ? -6.251  9.585   -6.463  1.00 28.69 ? 122  HIS A CA  1 
ATOM   206 C  C   . HIS A 1 34  ? -5.805  9.781   -7.908  1.00 30.92 ? 122  HIS A C   1 
ATOM   207 O  O   . HIS A 1 34  ? -5.084  10.727  -8.224  1.00 32.27 ? 122  HIS A O   1 
ATOM   208 C  CB  . HIS A 1 34  ? -5.165  8.858   -5.666  1.00 21.93 ? 122  HIS A CB  1 
ATOM   209 C  CG  . HIS A 1 34  ? -3.863  9.595   -5.596  1.00 24.19 ? 122  HIS A CG  1 
ATOM   210 N  ND1 . HIS A 1 34  ? -3.710  10.772  -4.896  1.00 24.35 ? 122  HIS A ND1 1 
ATOM   211 C  CD2 . HIS A 1 34  ? -2.647  9.308   -6.117  1.00 25.87 ? 122  HIS A CD2 1 
ATOM   212 C  CE1 . HIS A 1 34  ? -2.459  11.185  -4.999  1.00 23.91 ? 122  HIS A CE1 1 
ATOM   213 N  NE2 . HIS A 1 34  ? -1.793  10.313  -5.734  1.00 25.54 ? 122  HIS A NE2 1 
ATOM   214 N  N   . ILE A 1 35  ? -6.235  8.874   -8.777  1.00 34.71 ? 123  ILE A N   1 
ATOM   215 C  CA  . ILE A 1 35  ? -5.918  8.954   -10.199 1.00 39.72 ? 123  ILE A CA  1 
ATOM   216 C  C   . ILE A 1 35  ? -7.134  8.587   -11.039 1.00 38.66 ? 123  ILE A C   1 
ATOM   217 O  O   . ILE A 1 35  ? -7.577  7.439   -11.031 1.00 43.47 ? 123  ILE A O   1 
ATOM   218 C  CB  . ILE A 1 35  ? -4.761  8.015   -10.572 1.00 39.20 ? 123  ILE A CB  1 
ATOM   219 C  CG1 . ILE A 1 35  ? -3.463  8.479   -9.911  1.00 32.07 ? 123  ILE A CG1 1 
ATOM   220 C  CG2 . ILE A 1 35  ? -4.598  7.949   -12.085 1.00 40.54 ? 123  ILE A CG2 1 
ATOM   221 C  CD1 . ILE A 1 35  ? -2.278  7.591   -10.215 1.00 34.68 ? 123  ILE A CD1 1 
ATOM   222 N  N   . GLY A 1 36  ? -7.671  9.564   -11.763 1.00 42.90 ? 124  GLY A N   1 
ATOM   223 C  CA  . GLY A 1 36  ? -8.837  9.343   -12.596 1.00 31.13 ? 124  GLY A CA  1 
ATOM   224 C  C   . GLY A 1 36  ? -9.980  8.726   -11.815 1.00 45.15 ? 124  GLY A C   1 
ATOM   225 O  O   . GLY A 1 36  ? -10.337 9.207   -10.740 1.00 46.83 ? 124  GLY A O   1 
ATOM   226 N  N   . ASP A 1 37  ? -10.557 7.659   -12.357 1.00 40.80 ? 125  ASP A N   1 
ATOM   227 C  CA  . ASP A 1 37  ? -11.608 6.928   -11.660 1.00 46.32 ? 125  ASP A CA  1 
ATOM   228 C  C   . ASP A 1 37  ? -11.047 5.692   -10.966 1.00 36.66 ? 125  ASP A C   1 
ATOM   229 O  O   . ASP A 1 37  ? -11.797 4.873   -10.435 1.00 42.61 ? 125  ASP A O   1 
ATOM   230 C  CB  . ASP A 1 37  ? -12.731 6.538   -12.624 1.00 57.07 ? 125  ASP A CB  1 
ATOM   231 C  CG  . ASP A 1 37  ? -13.731 7.658   -12.836 1.00 65.61 ? 125  ASP A CG  1 
ATOM   232 O  OD1 . ASP A 1 37  ? -13.803 8.561   -11.975 1.00 66.26 ? 125  ASP A OD1 1 
ATOM   233 O  OD2 . ASP A 1 37  ? -14.449 7.632   -13.858 1.00 74.27 ? 125  ASP A OD2 1 
ATOM   234 N  N   . ASP A 1 38  ? -9.723  5.563   -10.977 1.00 36.33 ? 126  ASP A N   1 
ATOM   235 C  CA  . ASP A 1 38  ? -9.051  4.473   -10.275 1.00 28.36 ? 126  ASP A CA  1 
ATOM   236 C  C   . ASP A 1 38  ? -9.134  4.711   -8.770  1.00 26.45 ? 126  ASP A C   1 
ATOM   237 O  O   . ASP A 1 38  ? -8.495  5.626   -8.247  1.00 22.69 ? 126  ASP A O   1 
ATOM   238 C  CB  . ASP A 1 38  ? -7.590  4.371   -10.720 1.00 26.66 ? 126  ASP A CB  1 
ATOM   239 C  CG  . ASP A 1 38  ? -6.897  3.130   -10.186 1.00 27.41 ? 126  ASP A CG  1 
ATOM   240 O  OD1 . ASP A 1 38  ? -7.339  2.594   -9.148  1.00 23.11 ? 126  ASP A OD1 1 
ATOM   241 O  OD2 . ASP A 1 38  ? -5.908  2.689   -10.808 1.00 29.88 ? 126  ASP A OD2 1 
ATOM   242 N  N   . PRO A 1 39  ? -9.922  3.882   -8.070  1.00 23.07 ? 127  PRO A N   1 
ATOM   243 C  CA  . PRO A 1 39  ? -10.159 4.025   -6.634  1.00 24.70 ? 127  PRO A CA  1 
ATOM   244 C  C   . PRO A 1 39  ? -9.089  3.322   -5.807  1.00 18.66 ? 127  PRO A C   1 
ATOM   245 O  O   . PRO A 1 39  ? -9.282  3.109   -4.612  1.00 21.61 ? 127  PRO A O   1 
ATOM   246 C  CB  . PRO A 1 39  ? -11.492 3.312   -6.461  1.00 20.81 ? 127  PRO A CB  1 
ATOM   247 C  CG  . PRO A 1 39  ? -11.363 2.143   -7.401  1.00 23.72 ? 127  PRO A CG  1 
ATOM   248 C  CD  . PRO A 1 39  ? -10.574 2.669   -8.597  1.00 24.60 ? 127  PRO A CD  1 
ATOM   249 N  N   . GLY A 1 40  ? -7.975  2.974   -6.439  1.00 16.84 ? 128  GLY A N   1 
ATOM   250 C  CA  . GLY A 1 40  ? -6.920  2.235   -5.770  1.00 15.94 ? 128  GLY A CA  1 
ATOM   251 C  C   . GLY A 1 40  ? -6.298  2.988   -4.608  1.00 13.44 ? 128  GLY A C   1 
ATOM   252 O  O   . GLY A 1 40  ? -6.322  4.220   -4.560  1.00 12.89 ? 128  GLY A O   1 
ATOM   253 N  N   . ILE A 1 41  ? -5.750  2.232   -3.663  1.00 14.42 ? 129  ILE A N   1 
ATOM   254 C  CA  . ILE A 1 41  ? -4.984  2.793   -2.561  1.00 12.36 ? 129  ILE A CA  1 
ATOM   255 C  C   . ILE A 1 41  ? -3.517  2.869   -2.977  1.00 13.71 ? 129  ILE A C   1 
ATOM   256 O  O   . ILE A 1 41  ? -2.855  1.842   -3.142  1.00 14.42 ? 129  ILE A O   1 
ATOM   257 C  CB  . ILE A 1 41  ? -5.114  1.925   -1.297  1.00 10.57 ? 129  ILE A CB  1 
ATOM   258 C  CG1 . ILE A 1 41  ? -6.590  1.672   -0.968  1.00 13.72 ? 129  ILE A CG1 1 
ATOM   259 C  CG2 . ILE A 1 41  ? -4.392  2.572   -0.122  1.00 11.64 ? 129  ILE A CG2 1 
ATOM   260 C  CD1 . ILE A 1 41  ? -7.400  2.940   -0.749  1.00 12.36 ? 129  ILE A CD1 1 
ATOM   261 N  N   . PHE A 1 42  ? -3.012  4.086   -3.153  1.00 10.79 ? 130  PHE A N   1 
ATOM   262 C  CA  . PHE A 1 42  ? -1.668  4.278   -3.691  1.00 11.97 ? 130  PHE A CA  1 
ATOM   263 C  C   . PHE A 1 42  ? -0.684  4.775   -2.638  1.00 12.04 ? 130  PHE A C   1 
ATOM   264 O  O   . PHE A 1 42  ? -1.026  5.621   -1.814  1.00 12.14 ? 130  PHE A O   1 
ATOM   265 C  CB  . PHE A 1 42  ? -1.702  5.255   -4.876  1.00 12.81 ? 130  PHE A CB  1 
ATOM   266 C  CG  . PHE A 1 42  ? -2.483  4.748   -6.060  1.00 13.65 ? 130  PHE A CG  1 
ATOM   267 C  CD1 . PHE A 1 42  ? -1.881  3.936   -7.008  1.00 13.25 ? 130  PHE A CD1 1 
ATOM   268 C  CD2 . PHE A 1 42  ? -3.818  5.087   -6.225  1.00 18.25 ? 130  PHE A CD2 1 
ATOM   269 C  CE1 . PHE A 1 42  ? -2.596  3.464   -8.097  1.00 16.45 ? 130  PHE A CE1 1 
ATOM   270 C  CE2 . PHE A 1 42  ? -4.539  4.620   -7.311  1.00 20.56 ? 130  PHE A CE2 1 
ATOM   271 C  CZ  . PHE A 1 42  ? -3.927  3.805   -8.248  1.00 19.61 ? 130  PHE A CZ  1 
ATOM   272 N  N   . ILE A 1 43  ? 0.534   4.241   -2.670  1.00 10.60 ? 131  ILE A N   1 
ATOM   273 C  CA  . ILE A 1 43  ? 1.623   4.744   -1.840  1.00 9.86  ? 131  ILE A CA  1 
ATOM   274 C  C   . ILE A 1 43  ? 2.100   6.067   -2.431  1.00 13.71 ? 131  ILE A C   1 
ATOM   275 O  O   . ILE A 1 43  ? 2.500   6.115   -3.592  1.00 11.21 ? 131  ILE A O   1 
ATOM   276 C  CB  . ILE A 1 43  ? 2.820   3.776   -1.836  1.00 10.21 ? 131  ILE A CB  1 
ATOM   277 C  CG1 . ILE A 1 43  ? 2.391   2.367   -1.410  1.00 11.28 ? 131  ILE A CG1 1 
ATOM   278 C  CG2 . ILE A 1 43  ? 3.929   4.302   -0.942  1.00 14.31 ? 131  ILE A CG2 1 
ATOM   279 C  CD1 . ILE A 1 43  ? 1.855   2.294   -0.011  1.00 14.39 ? 131  ILE A CD1 1 
ATOM   280 N  N   . THR A 1 44  ? 2.056   7.139   -1.647  1.00 11.04 ? 132  THR A N   1 
ATOM   281 C  CA  . THR A 1 44  ? 2.474   8.448   -2.152  1.00 14.45 ? 132  THR A CA  1 
ATOM   282 C  C   . THR A 1 44  ? 3.837   8.872   -1.614  1.00 16.88 ? 132  THR A C   1 
ATOM   283 O  O   . THR A 1 44  ? 4.493   9.756   -2.176  1.00 14.88 ? 132  THR A O   1 
ATOM   284 C  CB  . THR A 1 44  ? 1.449   9.548   -1.813  1.00 14.51 ? 132  THR A CB  1 
ATOM   285 O  OG1 . THR A 1 44  ? 1.298   9.641   -0.392  1.00 15.39 ? 132  THR A OG1 1 
ATOM   286 C  CG2 . THR A 1 44  ? 0.101   9.239   -2.450  1.00 15.32 ? 132  THR A CG2 1 
ATOM   287 N  N   . LYS A 1 45  ? 4.257   8.251   -0.519  1.00 12.13 ? 133  LYS A N   1 
ATOM   288 C  CA  . LYS A 1 45  ? 5.532   8.592   0.097   1.00 17.98 ? 133  LYS A CA  1 
ATOM   289 C  C   . LYS A 1 45  ? 6.018   7.480   1.010   1.00 13.34 ? 133  LYS A C   1 
ATOM   290 O  O   . LYS A 1 45  ? 5.223   6.818   1.671   1.00 15.17 ? 133  LYS A O   1 
ATOM   291 C  CB  . LYS A 1 45  ? 5.424   9.909   0.874   1.00 13.28 ? 133  LYS A CB  1 
ATOM   292 C  CG  . LYS A 1 45  ? 6.767   10.460  1.331   1.00 19.57 ? 133  LYS A CG  1 
ATOM   293 C  CD  . LYS A 1 45  ? 6.817   11.981  1.224   1.00 30.53 ? 133  LYS A CD  1 
ATOM   294 C  CE  . LYS A 1 45  ? 6.214   12.455  -0.093  1.00 28.56 ? 133  LYS A CE  1 
ATOM   295 N  NZ  . LYS A 1 45  ? 6.899   13.655  -0.657  1.00 18.31 ? 133  LYS A NZ  1 
ATOM   296 N  N   . ILE A 1 46  ? 7.331   7.271   1.032   1.00 12.38 ? 134  ILE A N   1 
ATOM   297 C  CA  . ILE A 1 46  ? 7.936   6.292   1.929   1.00 14.31 ? 134  ILE A CA  1 
ATOM   298 C  C   . ILE A 1 46  ? 8.902   6.985   2.888   1.00 19.59 ? 134  ILE A C   1 
ATOM   299 O  O   . ILE A 1 46  ? 9.818   7.689   2.462   1.00 17.75 ? 134  ILE A O   1 
ATOM   300 C  CB  . ILE A 1 46  ? 8.638   5.166   1.144   1.00 16.97 ? 134  ILE A CB  1 
ATOM   301 C  CG1 . ILE A 1 46  ? 7.589   4.333   0.399   1.00 15.88 ? 134  ILE A CG1 1 
ATOM   302 C  CG2 . ILE A 1 46  ? 9.464   4.291   2.077   1.00 16.63 ? 134  ILE A CG2 1 
ATOM   303 C  CD1 . ILE A 1 46  ? 8.167   3.274   -0.511  1.00 21.71 ? 134  ILE A CD1 1 
ATOM   304 N  N   . ILE A 1 47  ? 8.677   6.783   4.183   1.00 15.84 ? 135  ILE A N   1 
ATOM   305 C  CA  . ILE A 1 47  ? 9.399   7.501   5.229   1.00 18.55 ? 135  ILE A CA  1 
ATOM   306 C  C   . ILE A 1 47  ? 10.680  6.794   5.656   1.00 19.64 ? 135  ILE A C   1 
ATOM   307 O  O   . ILE A 1 47  ? 10.654  5.624   6.035   1.00 18.50 ? 135  ILE A O   1 
ATOM   308 C  CB  . ILE A 1 47  ? 8.512   7.681   6.477   1.00 25.12 ? 135  ILE A CB  1 
ATOM   309 C  CG1 . ILE A 1 47  ? 7.148   8.257   6.086   1.00 16.64 ? 135  ILE A CG1 1 
ATOM   310 C  CG2 . ILE A 1 47  ? 9.207   8.560   7.502   1.00 21.24 ? 135  ILE A CG2 1 
ATOM   311 C  CD1 . ILE A 1 47  ? 7.234   9.589   5.373   1.00 24.52 ? 135  ILE A CD1 1 
ATOM   312 N  N   . PRO A 1 48  ? 11.814  7.508   5.597   1.00 19.40 ? 136  PRO A N   1 
ATOM   313 C  CA  . PRO A 1 48  ? 13.093  6.968   6.068   1.00 19.88 ? 136  PRO A CA  1 
ATOM   314 C  C   . PRO A 1 48  ? 12.972  6.454   7.499   1.00 21.75 ? 136  PRO A C   1 
ATOM   315 O  O   . PRO A 1 48  ? 12.314  7.091   8.321   1.00 22.20 ? 136  PRO A O   1 
ATOM   316 C  CB  . PRO A 1 48  ? 14.021  8.184   6.016   1.00 23.46 ? 136  PRO A CB  1 
ATOM   317 C  CG  . PRO A 1 48  ? 13.445  9.041   4.935   1.00 24.34 ? 136  PRO A CG  1 
ATOM   318 C  CD  . PRO A 1 48  ? 11.955  8.860   5.027   1.00 22.03 ? 136  PRO A CD  1 
ATOM   319 N  N   . GLY A 1 49  ? 13.580  5.309   7.785   1.00 19.28 ? 137  GLY A N   1 
ATOM   320 C  CA  . GLY A 1 49  ? 13.532  4.737   9.120   1.00 20.56 ? 137  GLY A CA  1 
ATOM   321 C  C   . GLY A 1 49  ? 12.333  3.840   9.382   1.00 23.21 ? 137  GLY A C   1 
ATOM   322 O  O   . GLY A 1 49  ? 12.358  3.009   10.292  1.00 26.83 ? 137  GLY A O   1 
ATOM   323 N  N   . GLY A 1 50  ? 11.278  4.004   8.592   1.00 21.87 ? 138  GLY A N   1 
ATOM   324 C  CA  . GLY A 1 50  ? 10.098  3.168   8.730   1.00 17.87 ? 138  GLY A CA  1 
ATOM   325 C  C   . GLY A 1 50  ? 10.356  1.749   8.257   1.00 15.09 ? 138  GLY A C   1 
ATOM   326 O  O   . GLY A 1 50  ? 11.408  1.462   7.688   1.00 15.79 ? 138  GLY A O   1 
ATOM   327 N  N   . ALA A 1 51  ? 9.394   0.859   8.485   1.00 13.29 ? 139  ALA A N   1 
ATOM   328 C  CA  . ALA A 1 51  ? 9.539   -0.537  8.084   1.00 15.84 ? 139  ALA A CA  1 
ATOM   329 C  C   . ALA A 1 51  ? 9.617   -0.672  6.567   1.00 16.12 ? 139  ALA A C   1 
ATOM   330 O  O   . ALA A 1 51  ? 10.425  -1.436  6.046   1.00 14.90 ? 139  ALA A O   1 
ATOM   331 C  CB  . ALA A 1 51  ? 8.399   -1.372  8.633   1.00 13.50 ? 139  ALA A CB  1 
ATOM   332 N  N   . ALA A 1 52  ? 8.776   0.077   5.862   1.00 15.66 ? 140  ALA A N   1 
ATOM   333 C  CA  . ALA A 1 52  ? 8.743   0.016   4.405   1.00 12.83 ? 140  ALA A CA  1 
ATOM   334 C  C   . ALA A 1 52  ? 10.098  0.381   3.803   1.00 15.59 ? 140  ALA A C   1 
ATOM   335 O  O   . ALA A 1 52  ? 10.585  -0.296  2.897   1.00 17.69 ? 140  ALA A O   1 
ATOM   336 C  CB  . ALA A 1 52  ? 7.650   0.926   3.856   1.00 12.04 ? 140  ALA A CB  1 
ATOM   337 N  N   . ALA A 1 53  ? 10.702  1.448   4.317   1.00 14.41 ? 141  ALA A N   1 
ATOM   338 C  CA  . ALA A 1 53  ? 11.992  1.917   3.820   1.00 18.14 ? 141  ALA A CA  1 
ATOM   339 C  C   . ALA A 1 53  ? 13.106  0.916   4.119   1.00 19.13 ? 141  ALA A C   1 
ATOM   340 O  O   . ALA A 1 53  ? 13.935  0.627   3.258   1.00 21.60 ? 141  ALA A O   1 
ATOM   341 C  CB  . ALA A 1 53  ? 12.329  3.289   4.408   1.00 18.20 ? 141  ALA A CB  1 
ATOM   342 N  N   . GLU A 1 54  ? 13.118  0.391   5.341   1.00 18.32 ? 142  GLU A N   1 
ATOM   343 C  CA  . GLU A 1 54  ? 14.131  -0.581  5.744   1.00 21.66 ? 142  GLU A CA  1 
ATOM   344 C  C   . GLU A 1 54  ? 14.033  -1.872  4.937   1.00 23.22 ? 142  GLU A C   1 
ATOM   345 O  O   . GLU A 1 54  ? 15.050  -2.456  4.559   1.00 24.81 ? 142  GLU A O   1 
ATOM   346 C  CB  . GLU A 1 54  ? 14.030  -0.885  7.243   1.00 21.98 ? 142  GLU A CB  1 
ATOM   347 C  CG  . GLU A 1 54  ? 14.364  0.303   8.136   1.00 32.54 ? 142  GLU A CG  1 
ATOM   348 C  CD  . GLU A 1 54  ? 15.741  0.876   7.855   1.00 40.11 ? 142  GLU A CD  1 
ATOM   349 O  OE1 . GLU A 1 54  ? 16.709  0.091   7.756   1.00 42.71 ? 142  GLU A OE1 1 
ATOM   350 O  OE2 . GLU A 1 54  ? 15.857  2.114   7.735   1.00 42.42 ? 142  GLU A OE2 1 
ATOM   351 N  N   . ASP A 1 55  ? 12.806  -2.319  4.680   1.00 22.80 ? 143  ASP A N   1 
ATOM   352 C  CA  . ASP A 1 55  ? 12.589  -3.516  3.870   1.00 19.12 ? 143  ASP A CA  1 
ATOM   353 C  C   . ASP A 1 55  ? 13.037  -3.290  2.429   1.00 19.99 ? 143  ASP A C   1 
ATOM   354 O  O   . ASP A 1 55  ? 13.622  -4.179  1.803   1.00 17.89 ? 143  ASP A O   1 
ATOM   355 C  CB  . ASP A 1 55  ? 11.123  -3.945  3.913   1.00 14.55 ? 143  ASP A CB  1 
ATOM   356 C  CG  . ASP A 1 55  ? 10.819  -5.061  2.934   1.00 18.39 ? 143  ASP A CG  1 
ATOM   357 O  OD1 . ASP A 1 55  ? 10.912  -6.245  3.332   1.00 17.10 ? 143  ASP A OD1 1 
ATOM   358 O  OD2 . ASP A 1 55  ? 10.505  -4.756  1.764   1.00 15.34 ? 143  ASP A OD2 1 
ATOM   359 N  N   . GLY A 1 56  ? 12.746  -2.102  1.905   1.00 14.67 ? 144  GLY A N   1 
ATOM   360 C  CA  . GLY A 1 56  ? 13.278  -1.678  0.619   1.00 17.67 ? 144  GLY A CA  1 
ATOM   361 C  C   . GLY A 1 56  ? 12.456  -1.995  -0.620  1.00 17.84 ? 144  GLY A C   1 
ATOM   362 O  O   . GLY A 1 56  ? 12.688  -1.415  -1.682  1.00 13.98 ? 144  GLY A O   1 
ATOM   363 N  N   . ARG A 1 57  ? 11.494  -2.903  -0.495  1.00 16.34 ? 145  ARG A N   1 
ATOM   364 C  CA  . ARG A 1 57  ? 10.755  -3.394  -1.661  1.00 10.91 ? 145  ARG A CA  1 
ATOM   365 C  C   . ARG A 1 57  ? 9.617   -2.480  -2.121  1.00 14.22 ? 145  ARG A C   1 
ATOM   366 O  O   . ARG A 1 57  ? 9.397   -2.308  -3.319  1.00 11.47 ? 145  ARG A O   1 
ATOM   367 C  CB  . ARG A 1 57  ? 10.215  -4.804  -1.397  1.00 11.98 ? 145  ARG A CB  1 
ATOM   368 C  CG  . ARG A 1 57  ? 11.281  -5.887  -1.389  1.00 14.65 ? 145  ARG A CG  1 
ATOM   369 C  CD  . ARG A 1 57  ? 10.690  -7.238  -1.027  1.00 13.99 ? 145  ARG A CD  1 
ATOM   370 N  NE  . ARG A 1 57  ? 10.318  -7.306  0.383   1.00 16.81 ? 145  ARG A NE  1 
ATOM   371 C  CZ  . ARG A 1 57  ? 9.674   -8.327  0.940   1.00 17.80 ? 145  ARG A CZ  1 
ATOM   372 N  NH1 . ARG A 1 57  ? 9.322   -9.376  0.205   1.00 16.47 ? 145  ARG A NH1 1 
ATOM   373 N  NH2 . ARG A 1 57  ? 9.378   -8.297  2.231   1.00 15.24 ? 145  ARG A NH2 1 
ATOM   374 N  N   . LEU A 1 58  ? 8.888   -1.907  -1.170  1.00 13.35 ? 146  LEU A N   1 
ATOM   375 C  CA  . LEU A 1 58  ? 7.755   -1.048  -1.495  1.00 13.74 ? 146  LEU A CA  1 
ATOM   376 C  C   . LEU A 1 58  ? 8.234   0.199   -2.241  1.00 14.54 ? 146  LEU A C   1 
ATOM   377 O  O   . LEU A 1 58  ? 9.282   0.753   -1.920  1.00 14.82 ? 146  LEU A O   1 
ATOM   378 C  CB  . LEU A 1 58  ? 7.021   -0.651  -0.215  1.00 12.60 ? 146  LEU A CB  1 
ATOM   379 C  CG  . LEU A 1 58  ? 5.573   -0.182  -0.340  1.00 21.34 ? 146  LEU A CG  1 
ATOM   380 C  CD1 . LEU A 1 58  ? 4.678   -1.326  -0.800  1.00 12.63 ? 146  LEU A CD1 1 
ATOM   381 C  CD2 . LEU A 1 58  ? 5.097   0.377   0.993   1.00 16.16 ? 146  LEU A CD2 1 
ATOM   382 N  N   . ARG A 1 59  ? 7.469   0.633   -3.238  1.00 13.32 ? 147  ARG A N   1 
ATOM   383 C  CA  A ARG A 1 59  ? 7.841   1.802   -4.030  0.53 15.70 ? 147  ARG A CA  1 
ATOM   384 C  CA  B ARG A 1 59  ? 7.843   1.800   -4.029  0.47 15.69 ? 147  ARG A CA  1 
ATOM   385 C  C   . ARG A 1 59  ? 6.702   2.812   -4.136  1.00 13.08 ? 147  ARG A C   1 
ATOM   386 O  O   . ARG A 1 59  ? 5.528   2.444   -4.146  1.00 11.39 ? 147  ARG A O   1 
ATOM   387 C  CB  A ARG A 1 59  ? 8.293   1.376   -5.430  0.53 16.16 ? 147  ARG A CB  1 
ATOM   388 C  CB  B ARG A 1 59  ? 8.298   1.367   -5.425  0.47 16.11 ? 147  ARG A CB  1 
ATOM   389 C  CG  A ARG A 1 59  ? 9.440   0.375   -5.431  0.53 17.55 ? 147  ARG A CG  1 
ATOM   390 C  CG  B ARG A 1 59  ? 9.273   0.193   -5.414  0.47 17.33 ? 147  ARG A CG  1 
ATOM   391 C  CD  A ARG A 1 59  ? 10.705  0.978   -4.839  0.53 19.05 ? 147  ARG A CD  1 
ATOM   392 C  CD  B ARG A 1 59  ? 9.646   -0.238  -6.822  0.47 19.12 ? 147  ARG A CD  1 
ATOM   393 N  NE  A ARG A 1 59  ? 11.693  -0.047  -4.512  0.53 19.11 ? 147  ARG A NE  1 
ATOM   394 N  NE  B ARG A 1 59  ? 10.234  -1.574  -6.847  0.47 16.43 ? 147  ARG A NE  1 
ATOM   395 C  CZ  A ARG A 1 59  ? 12.498  -0.620  -5.400  0.53 19.61 ? 147  ARG A CZ  1 
ATOM   396 C  CZ  B ARG A 1 59  ? 10.533  -2.236  -7.961  0.47 16.76 ? 147  ARG A CZ  1 
ATOM   397 N  NH1 A ARG A 1 59  ? 12.434  -0.269  -6.676  0.53 23.59 ? 147  ARG A NH1 1 
ATOM   398 N  NH1 B ARG A 1 59  ? 10.299  -1.682  -9.143  0.47 16.25 ? 147  ARG A NH1 1 
ATOM   399 N  NH2 A ARG A 1 59  ? 13.364  -1.547  -5.014  0.53 14.62 ? 147  ARG A NH2 1 
ATOM   400 N  NH2 B ARG A 1 59  ? 11.064  -3.448  -7.893  0.47 15.73 ? 147  ARG A NH2 1 
ATOM   401 N  N   . VAL A 1 60  ? 7.056   4.092   -4.213  1.00 12.85 ? 148  VAL A N   1 
ATOM   402 C  CA  . VAL A 1 60  ? 6.064   5.140   -4.412  1.00 12.55 ? 148  VAL A CA  1 
ATOM   403 C  C   . VAL A 1 60  ? 5.284   4.842   -5.693  1.00 10.39 ? 148  VAL A C   1 
ATOM   404 O  O   . VAL A 1 60  ? 5.867   4.425   -6.688  1.00 10.41 ? 148  VAL A O   1 
ATOM   405 C  CB  . VAL A 1 60  ? 6.725   6.530   -4.502  1.00 14.44 ? 148  VAL A CB  1 
ATOM   406 C  CG1 . VAL A 1 60  ? 5.724   7.568   -4.974  1.00 12.87 ? 148  VAL A CG1 1 
ATOM   407 C  CG2 . VAL A 1 60  ? 7.320   6.925   -3.151  1.00 17.33 ? 148  VAL A CG2 1 
ATOM   408 N  N   . ASN A 1 61  ? 3.968   5.045   -5.642  1.00 9.48  ? 149  ASN A N   1 
ATOM   409 C  CA  . ASN A 1 61  ? 3.049   4.719   -6.739  1.00 9.55  ? 149  ASN A CA  1 
ATOM   410 C  C   . ASN A 1 61  ? 2.537   3.276   -6.718  1.00 11.27 ? 149  ASN A C   1 
ATOM   411 O  O   . ASN A 1 61  ? 1.620   2.935   -7.465  1.00 10.06 ? 149  ASN A O   1 
ATOM   412 C  CB  . ASN A 1 61  ? 3.649   5.048   -8.113  1.00 14.70 ? 149  ASN A CB  1 
ATOM   413 C  CG  . ASN A 1 61  ? 3.900   6.533   -8.306  1.00 15.89 ? 149  ASN A CG  1 
ATOM   414 O  OD1 . ASN A 1 61  ? 3.372   7.367   -7.568  1.00 12.93 ? 149  ASN A OD1 1 
ATOM   415 N  ND2 . ASN A 1 61  ? 4.711   6.870   -9.306  1.00 12.62 ? 149  ASN A ND2 1 
ATOM   416 N  N   . ASP A 1 62  ? 3.125   2.432   -5.872  1.00 9.31  ? 150  ASP A N   1 
ATOM   417 C  CA  . ASP A 1 62  ? 2.624   1.071   -5.700  1.00 10.30 ? 150  ASP A CA  1 
ATOM   418 C  C   . ASP A 1 62  ? 1.166   1.128   -5.265  1.00 12.59 ? 150  ASP A C   1 
ATOM   419 O  O   . ASP A 1 62  ? 0.802   1.921   -4.399  1.00 12.44 ? 150  ASP A O   1 
ATOM   420 C  CB  . ASP A 1 62  ? 3.435   0.309   -4.648  1.00 10.12 ? 150  ASP A CB  1 
ATOM   421 C  CG  . ASP A 1 62  ? 4.738   -0.252  -5.196  1.00 13.70 ? 150  ASP A CG  1 
ATOM   422 O  OD1 . ASP A 1 62  ? 5.032   -0.056  -6.393  1.00 12.08 ? 150  ASP A OD1 1 
ATOM   423 O  OD2 . ASP A 1 62  ? 5.471   -0.896  -4.420  1.00 12.41 ? 150  ASP A OD2 1 
ATOM   424 N  N   . CYS A 1 63  ? 0.332   0.289   -5.864  1.00 12.15 ? 151  CYS A N   1 
ATOM   425 C  CA  . CYS A 1 63  ? -1.064  0.202   -5.461  1.00 11.53 ? 151  CYS A CA  1 
ATOM   426 C  C   . CYS A 1 63  ? -1.257  -0.991  -4.537  1.00 12.08 ? 151  CYS A C   1 
ATOM   427 O  O   . CYS A 1 63  ? -1.011  -2.129  -4.930  1.00 9.36  ? 151  CYS A O   1 
ATOM   428 C  CB  . CYS A 1 63  ? -1.975  0.073   -6.686  1.00 10.36 ? 151  CYS A CB  1 
ATOM   429 S  SG  . CYS A 1 63  ? -3.747  0.027   -6.293  1.00 14.21 ? 151  CYS A SG  1 
ATOM   430 N  N   . ILE A 1 64  ? -1.685  -0.727  -3.306  1.00 10.87 ? 152  ILE A N   1 
ATOM   431 C  CA  . ILE A 1 64  ? -1.979  -1.797  -2.361  1.00 12.23 ? 152  ILE A CA  1 
ATOM   432 C  C   . ILE A 1 64  ? -3.325  -2.417  -2.702  1.00 10.75 ? 152  ILE A C   1 
ATOM   433 O  O   . ILE A 1 64  ? -4.347  -1.736  -2.674  1.00 11.78 ? 152  ILE A O   1 
ATOM   434 C  CB  . ILE A 1 64  ? -2.058  -1.282  -0.917  1.00 12.95 ? 152  ILE A CB  1 
ATOM   435 C  CG1 . ILE A 1 64  ? -0.725  -0.671  -0.485  1.00 11.09 ? 152  ILE A CG1 1 
ATOM   436 C  CG2 . ILE A 1 64  ? -2.461  -2.411  0.025   1.00 9.96  ? 152  ILE A CG2 1 
ATOM   437 C  CD1 . ILE A 1 64  ? -0.801  0.034   0.857   1.00 10.84 ? 152  ILE A CD1 1 
ATOM   438 N  N   . LEU A 1 65  ? -3.324  -3.707  -3.019  1.00 10.05 ? 153  LEU A N   1 
ATOM   439 C  CA  . LEU A 1 65  ? -4.555  -4.405  -3.372  1.00 8.74  ? 153  LEU A CA  1 
ATOM   440 C  C   . LEU A 1 65  ? -5.108  -5.205  -2.197  1.00 12.10 ? 153  LEU A C   1 
ATOM   441 O  O   . LEU A 1 65  ? -6.322  -5.401  -2.074  1.00 9.43  ? 153  LEU A O   1 
ATOM   442 C  CB  . LEU A 1 65  ? -4.309  -5.342  -4.554  1.00 9.03  ? 153  LEU A CB  1 
ATOM   443 C  CG  . LEU A 1 65  ? -3.885  -4.679  -5.865  1.00 13.42 ? 153  LEU A CG  1 
ATOM   444 C  CD1 . LEU A 1 65  ? -3.661  -5.732  -6.944  1.00 11.38 ? 153  LEU A CD1 1 
ATOM   445 C  CD2 . LEU A 1 65  ? -4.930  -3.675  -6.304  1.00 16.64 ? 153  LEU A CD2 1 
ATOM   446 N  N   . ARG A 1 66  ? -4.213  -5.672  -1.335  1.00 10.95 ? 154  ARG A N   1 
ATOM   447 C  CA  . ARG A 1 66  ? -4.612  -6.542  -0.237  1.00 10.88 ? 154  ARG A CA  1 
ATOM   448 C  C   . ARG A 1 66  ? -3.762  -6.270  0.994   1.00 9.52  ? 154  ARG A C   1 
ATOM   449 O  O   . ARG A 1 66  ? -2.554  -6.065  0.893   1.00 8.51  ? 154  ARG A O   1 
ATOM   450 C  CB  . ARG A 1 66  ? -4.478  -8.010  -0.654  1.00 11.09 ? 154  ARG A CB  1 
ATOM   451 C  CG  . ARG A 1 66  ? -5.387  -8.967  0.098   1.00 9.85  ? 154  ARG A CG  1 
ATOM   452 C  CD  . ARG A 1 66  ? -5.143  -10.409 -0.331  1.00 14.94 ? 154  ARG A CD  1 
ATOM   453 N  NE  . ARG A 1 66  ? -6.127  -11.325 0.236   1.00 15.88 ? 154  ARG A NE  1 
ATOM   454 C  CZ  . ARG A 1 66  ? -5.995  -12.648 0.254   1.00 18.05 ? 154  ARG A CZ  1 
ATOM   455 N  NH1 . ARG A 1 66  ? -4.915  -13.219 -0.265  1.00 16.26 ? 154  ARG A NH1 1 
ATOM   456 N  NH2 . ARG A 1 66  ? -6.944  -13.400 0.791   1.00 15.22 ? 154  ARG A NH2 1 
ATOM   457 N  N   . VAL A 1 67  ? -4.410  -6.256  2.153   1.00 12.25 ? 155  VAL A N   1 
ATOM   458 C  CA  . VAL A 1 67  ? -3.732  -6.077  3.427   1.00 10.98 ? 155  VAL A CA  1 
ATOM   459 C  C   . VAL A 1 67  ? -4.086  -7.274  4.296   1.00 13.67 ? 155  VAL A C   1 
ATOM   460 O  O   . VAL A 1 67  ? -5.232  -7.418  4.723   1.00 14.76 ? 155  VAL A O   1 
ATOM   461 C  CB  . VAL A 1 67  ? -4.183  -4.785  4.121   1.00 10.30 ? 155  VAL A CB  1 
ATOM   462 C  CG1 . VAL A 1 67  ? -3.513  -4.651  5.482   1.00 12.84 ? 155  VAL A CG1 1 
ATOM   463 C  CG2 . VAL A 1 67  ? -3.879  -3.575  3.238   1.00 10.57 ? 155  VAL A CG2 1 
ATOM   464 N  N   . ASN A 1 68  ? -3.098  -8.127  4.551   1.00 9.01  ? 156  ASN A N   1 
ATOM   465 C  CA  . ASN A 1 68  ? -3.358  -9.451  5.101   1.00 11.44 ? 156  ASN A CA  1 
ATOM   466 C  C   . ASN A 1 68  ? -4.504  -10.112 4.339   1.00 12.77 ? 156  ASN A C   1 
ATOM   467 O  O   . ASN A 1 68  ? -4.373  -10.388 3.147   1.00 12.76 ? 156  ASN A O   1 
ATOM   468 C  CB  . ASN A 1 68  ? -3.609  -9.389  6.609   1.00 15.00 ? 156  ASN A CB  1 
ATOM   469 C  CG  . ASN A 1 68  ? -2.346  -9.068  7.384   1.00 17.00 ? 156  ASN A CG  1 
ATOM   470 O  OD1 . ASN A 1 68  ? -1.240  -9.192  6.855   1.00 15.48 ? 156  ASN A OD1 1 
ATOM   471 N  ND2 . ASN A 1 68  ? -2.500  -8.645  8.635   1.00 18.59 ? 156  ASN A ND2 1 
ATOM   472 N  N   . GLU A 1 69  ? -5.631  -10.342 5.000   1.00 13.76 ? 157  GLU A N   1 
ATOM   473 C  CA  . GLU A 1 69  ? -6.751  -10.994 4.325   1.00 18.84 ? 157  GLU A CA  1 
ATOM   474 C  C   . GLU A 1 69  ? -7.828  -10.017 3.847   1.00 15.12 ? 157  GLU A C   1 
ATOM   475 O  O   . GLU A 1 69  ? -8.858  -10.433 3.323   1.00 16.02 ? 157  GLU A O   1 
ATOM   476 C  CB  . GLU A 1 69  ? -7.344  -12.101 5.203   1.00 22.95 ? 157  GLU A CB  1 
ATOM   477 C  CG  . GLU A 1 69  ? -6.451  -13.332 5.276   1.00 26.16 ? 157  GLU A CG  1 
ATOM   478 C  CD  . GLU A 1 69  ? -6.910  -14.351 6.300   1.00 43.42 ? 157  GLU A CD  1 
ATOM   479 O  OE1 . GLU A 1 69  ? -7.882  -14.072 7.035   1.00 40.84 ? 157  GLU A OE1 1 
ATOM   480 O  OE2 . GLU A 1 69  ? -6.292  -15.435 6.369   1.00 39.53 ? 157  GLU A OE2 1 
ATOM   481 N  N   . VAL A 1 70  ? -7.576  -8.722  4.009   1.00 13.70 ? 158  VAL A N   1 
ATOM   482 C  CA  . VAL A 1 70  ? -8.542  -7.699  3.614   1.00 13.32 ? 158  VAL A CA  1 
ATOM   483 C  C   . VAL A 1 70  ? -8.331  -7.222  2.177   1.00 16.94 ? 158  VAL A C   1 
ATOM   484 O  O   . VAL A 1 70  ? -7.263  -6.705  1.832   1.00 11.70 ? 158  VAL A O   1 
ATOM   485 C  CB  . VAL A 1 70  ? -8.489  -6.476  4.555   1.00 14.99 ? 158  VAL A CB  1 
ATOM   486 C  CG1 . VAL A 1 70  ? -9.546  -5.457  4.152   1.00 17.28 ? 158  VAL A CG1 1 
ATOM   487 C  CG2 . VAL A 1 70  ? -8.675  -6.904  6.002   1.00 20.98 ? 158  VAL A CG2 1 
ATOM   488 N  N   . ASP A 1 71  ? -9.352  -7.393  1.342   1.00 10.89 ? 159  ASP A N   1 
ATOM   489 C  CA  . ASP A 1 71  ? -9.307  -6.907  -0.035  1.00 15.25 ? 159  ASP A CA  1 
ATOM   490 C  C   . ASP A 1 71  ? -9.553  -5.401  -0.058  1.00 14.12 ? 159  ASP A C   1 
ATOM   491 O  O   . ASP A 1 71  ? -10.659 -4.946  0.225   1.00 17.31 ? 159  ASP A O   1 
ATOM   492 C  CB  . ASP A 1 71  ? -10.361 -7.627  -0.885  1.00 14.92 ? 159  ASP A CB  1 
ATOM   493 C  CG  . ASP A 1 71  ? -10.335 -7.200  -2.346  1.00 15.10 ? 159  ASP A CG  1 
ATOM   494 O  OD1 . ASP A 1 71  ? -9.515  -6.333  -2.711  1.00 14.42 ? 159  ASP A OD1 1 
ATOM   495 O  OD2 . ASP A 1 71  ? -11.141 -7.736  -3.135  1.00 18.63 ? 159  ASP A OD2 1 
ATOM   496 N  N   . VAL A 1 72  ? -8.525  -4.624  -0.391  1.00 13.17 ? 160  VAL A N   1 
ATOM   497 C  CA  . VAL A 1 72  ? -8.687  -3.172  -0.453  1.00 12.84 ? 160  VAL A CA  1 
ATOM   498 C  C   . VAL A 1 72  ? -8.644  -2.637  -1.886  1.00 14.58 ? 160  VAL A C   1 
ATOM   499 O  O   . VAL A 1 72  ? -8.296  -1.477  -2.110  1.00 13.12 ? 160  VAL A O   1 
ATOM   500 C  CB  . VAL A 1 72  ? -7.643  -2.427  0.418   1.00 12.14 ? 160  VAL A CB  1 
ATOM   501 C  CG1 . VAL A 1 72  ? -7.858  -2.740  1.891   1.00 12.89 ? 160  VAL A CG1 1 
ATOM   502 C  CG2 . VAL A 1 72  ? -6.225  -2.781  -0.009  1.00 10.69 ? 160  VAL A CG2 1 
ATOM   503 N  N   . SER A 1 73  ? -9.010  -3.481  -2.848  1.00 13.21 ? 161  SER A N   1 
ATOM   504 C  CA  A SER A 1 73  ? -8.991  -3.075  -4.250  0.47 14.95 ? 161  SER A CA  1 
ATOM   505 C  CA  B SER A 1 73  ? -9.018  -3.100  -4.262  0.53 15.05 ? 161  SER A CA  1 
ATOM   506 C  C   . SER A 1 73  ? -10.070 -2.038  -4.561  1.00 15.29 ? 161  SER A C   1 
ATOM   507 O  O   . SER A 1 73  ? -9.896  -1.210  -5.452  1.00 18.54 ? 161  SER A O   1 
ATOM   508 C  CB  A SER A 1 73  ? -9.120  -4.290  -5.179  0.47 15.15 ? 161  SER A CB  1 
ATOM   509 C  CB  B SER A 1 73  ? -9.273  -4.323  -5.150  0.53 15.18 ? 161  SER A CB  1 
ATOM   510 O  OG  A SER A 1 73  ? -10.302 -5.025  -4.918  0.47 16.41 ? 161  SER A OG  1 
ATOM   511 O  OG  B SER A 1 73  ? -8.303  -5.334  -4.944  0.53 14.70 ? 161  SER A OG  1 
ATOM   512 N  N   . GLU A 1 74  ? -11.172 -2.078  -3.819  1.00 15.87 ? 162  GLU A N   1 
ATOM   513 C  CA  . GLU A 1 74  ? -12.285 -1.156  -4.031  1.00 23.09 ? 162  GLU A CA  1 
ATOM   514 C  C   . GLU A 1 74  ? -12.938 -0.726  -2.724  1.00 19.05 ? 162  GLU A C   1 
ATOM   515 O  O   . GLU A 1 74  ? -14.072 -1.110  -2.443  1.00 19.08 ? 162  GLU A O   1 
ATOM   516 C  CB  . GLU A 1 74  ? -13.352 -1.806  -4.912  1.00 27.17 ? 162  GLU A CB  1 
ATOM   517 C  CG  . GLU A 1 74  ? -13.386 -1.320  -6.347  1.00 39.18 ? 162  GLU A CG  1 
ATOM   518 C  CD  . GLU A 1 74  ? -14.593 -1.854  -7.099  1.00 46.86 ? 162  GLU A CD  1 
ATOM   519 O  OE1 . GLU A 1 74  ? -14.765 -3.090  -7.146  1.00 54.90 ? 162  GLU A OE1 1 
ATOM   520 O  OE2 . GLU A 1 74  ? -15.370 -1.039  -7.639  1.00 48.19 ? 162  GLU A OE2 1 
ATOM   521 N  N   . VAL A 1 75  ? -12.230 0.069   -1.927  1.00 15.46 ? 163  VAL A N   1 
ATOM   522 C  CA  . VAL A 1 75  ? -12.759 0.518   -0.644  1.00 19.09 ? 163  VAL A CA  1 
ATOM   523 C  C   . VAL A 1 75  ? -12.574 2.021   -0.455  1.00 21.09 ? 163  VAL A C   1 
ATOM   524 O  O   . VAL A 1 75  ? -11.821 2.658   -1.188  1.00 19.61 ? 163  VAL A O   1 
ATOM   525 C  CB  . VAL A 1 75  ? -12.080 -0.212  0.529   1.00 17.74 ? 163  VAL A CB  1 
ATOM   526 C  CG1 . VAL A 1 75  ? -12.240 -1.718  0.379   1.00 20.76 ? 163  VAL A CG1 1 
ATOM   527 C  CG2 . VAL A 1 75  ? -10.608 0.171   0.608   1.00 17.69 ? 163  VAL A CG2 1 
ATOM   528 N  N   . SER A 1 76  ? -13.267 2.580   0.531   1.00 19.34 ? 164  SER A N   1 
ATOM   529 C  CA  . SER A 1 76  ? -13.086 3.980   0.885   1.00 20.22 ? 164  SER A CA  1 
ATOM   530 C  C   . SER A 1 76  ? -11.699 4.160   1.484   1.00 24.61 ? 164  SER A C   1 
ATOM   531 O  O   . SER A 1 76  ? -11.072 3.190   1.919   1.00 18.68 ? 164  SER A O   1 
ATOM   532 C  CB  . SER A 1 76  ? -14.146 4.417   1.898   1.00 24.28 ? 164  SER A CB  1 
ATOM   533 O  OG  . SER A 1 76  ? -13.948 3.779   3.149   1.00 20.56 ? 164  SER A OG  1 
ATOM   534 N  N   . HIS A 1 77  ? -11.218 5.398   1.508   1.00 21.90 ? 165  HIS A N   1 
ATOM   535 C  CA  . HIS A 1 77  ? -9.928  5.687   2.120   1.00 22.75 ? 165  HIS A CA  1 
ATOM   536 C  C   . HIS A 1 77  ? -9.955  5.286   3.589   1.00 23.22 ? 165  HIS A C   1 
ATOM   537 O  O   . HIS A 1 77  ? -8.995  4.712   4.104   1.00 18.32 ? 165  HIS A O   1 
ATOM   538 C  CB  . HIS A 1 77  ? -9.581  7.169   1.987   1.00 22.03 ? 165  HIS A CB  1 
ATOM   539 C  CG  . HIS A 1 77  ? -8.203  7.508   2.466   1.00 24.04 ? 165  HIS A CG  1 
ATOM   540 N  ND1 . HIS A 1 77  ? -7.100  7.468   1.641   1.00 23.77 ? 165  HIS A ND1 1 
ATOM   541 C  CD2 . HIS A 1 77  ? -7.749  7.884   3.684   1.00 22.58 ? 165  HIS A CD2 1 
ATOM   542 C  CE1 . HIS A 1 77  ? -6.025  7.811   2.329   1.00 22.13 ? 165  HIS A CE1 1 
ATOM   543 N  NE2 . HIS A 1 77  ? -6.392  8.067   3.573   1.00 18.03 ? 165  HIS A NE2 1 
ATOM   544 N  N   . SER A 1 78  ? -11.066 5.590   4.253   1.00 19.89 ? 166  SER A N   1 
ATOM   545 C  CA  . SER A 1 78  ? -11.245 5.257   5.662   1.00 23.43 ? 166  SER A CA  1 
ATOM   546 C  C   . SER A 1 78  ? -11.072 3.763   5.910   1.00 20.25 ? 166  SER A C   1 
ATOM   547 O  O   . SER A 1 78  ? -10.427 3.355   6.876   1.00 19.72 ? 166  SER A O   1 
ATOM   548 C  CB  . SER A 1 78  ? -12.628 5.704   6.143   1.00 26.28 ? 166  SER A CB  1 
ATOM   549 O  OG  . SER A 1 78  ? -12.893 5.223   7.449   1.00 37.28 ? 166  SER A OG  1 
ATOM   550 N  N   . LYS A 1 79  ? -11.655 2.948   5.036   1.00 21.34 ? 167  LYS A N   1 
ATOM   551 C  CA  . LYS A 1 79  ? -11.564 1.500   5.177   1.00 18.81 ? 167  LYS A CA  1 
ATOM   552 C  C   . LYS A 1 79  ? -10.143 0.991   4.953   1.00 17.19 ? 167  LYS A C   1 
ATOM   553 O  O   . LYS A 1 79  ? -9.701  0.055   5.618   1.00 19.86 ? 167  LYS A O   1 
ATOM   554 C  CB  . LYS A 1 79  ? -12.546 0.798   4.237   1.00 23.62 ? 167  LYS A CB  1 
ATOM   555 C  CG  . LYS A 1 79  ? -13.964 0.736   4.781   1.00 36.07 ? 167  LYS A CG  1 
ATOM   556 C  CD  . LYS A 1 79  ? -13.992 0.023   6.127   1.00 36.53 ? 167  LYS A CD  1 
ATOM   557 C  CE  . LYS A 1 79  ? -15.361 0.104   6.779   1.00 40.36 ? 167  LYS A CE  1 
ATOM   558 N  NZ  . LYS A 1 79  ? -15.368 -0.542  8.121   1.00 46.83 ? 167  LYS A NZ  1 
ATOM   559 N  N   . ALA A 1 80  ? -9.428  1.612   4.021   1.00 19.17 ? 168  ALA A N   1 
ATOM   560 C  CA  . ALA A 1 80  ? -8.040  1.246   3.774   1.00 18.34 ? 168  ALA A CA  1 
ATOM   561 C  C   . ALA A 1 80  ? -7.196  1.526   5.012   1.00 17.78 ? 168  ALA A C   1 
ATOM   562 O  O   . ALA A 1 80  ? -6.376  0.702   5.412   1.00 13.27 ? 168  ALA A O   1 
ATOM   563 C  CB  . ALA A 1 80  ? -7.494  2.001   2.574   1.00 13.89 ? 168  ALA A CB  1 
ATOM   564 N  N   . VAL A 1 81  ? -7.406  2.693   5.616   1.00 18.84 ? 169  VAL A N   1 
ATOM   565 C  CA  . VAL A 1 81  ? -6.699  3.063   6.837   1.00 19.25 ? 169  VAL A CA  1 
ATOM   566 C  C   . VAL A 1 81  ? -6.996  2.074   7.957   1.00 20.33 ? 169  VAL A C   1 
ATOM   567 O  O   . VAL A 1 81  ? -6.087  1.615   8.649   1.00 19.22 ? 169  VAL A O   1 
ATOM   568 C  CB  . VAL A 1 81  ? -7.077  4.485   7.303   1.00 19.65 ? 169  VAL A CB  1 
ATOM   569 C  CG1 . VAL A 1 81  ? -6.463  4.780   8.664   1.00 21.37 ? 169  VAL A CG1 1 
ATOM   570 C  CG2 . VAL A 1 81  ? -6.639  5.517   6.271   1.00 20.42 ? 169  VAL A CG2 1 
ATOM   571 N  N   . GLU A 1 82  ? -8.274  1.748   8.129   1.00 17.37 ? 170  GLU A N   1 
ATOM   572 C  CA  . GLU A 1 82  ? -8.694  0.799   9.154   1.00 18.47 ? 170  GLU A CA  1 
ATOM   573 C  C   . GLU A 1 82  ? -8.079  -0.581  8.931   1.00 21.08 ? 170  GLU A C   1 
ATOM   574 O  O   . GLU A 1 82  ? -7.710  -1.266  9.883   1.00 16.57 ? 170  GLU A O   1 
ATOM   575 C  CB  . GLU A 1 82  ? -10.221 0.699   9.203   1.00 23.12 ? 170  GLU A CB  1 
ATOM   576 C  CG  . GLU A 1 82  ? -10.749 -0.576  9.843   1.00 28.23 ? 170  GLU A CG  1 
ATOM   577 C  CD  . GLU A 1 82  ? -12.264 -0.671  9.796   1.00 36.98 ? 170  GLU A CD  1 
ATOM   578 O  OE1 . GLU A 1 82  ? -12.935 0.205   10.382  1.00 36.24 ? 170  GLU A OE1 1 
ATOM   579 O  OE2 . GLU A 1 82  ? -12.786 -1.624  9.177   1.00 38.08 ? 170  GLU A OE2 1 
ATOM   580 N  N   . ALA A 1 83  ? -7.971  -0.988  7.670   1.00 19.73 ? 171  ALA A N   1 
ATOM   581 C  CA  . ALA A 1 83  ? -7.359  -2.272  7.356   1.00 18.54 ? 171  ALA A CA  1 
ATOM   582 C  C   . ALA A 1 83  ? -5.887  -2.262  7.754   1.00 14.88 ? 171  ALA A C   1 
ATOM   583 O  O   . ALA A 1 83  ? -5.386  -3.219  8.341   1.00 15.20 ? 171  ALA A O   1 
ATOM   584 C  CB  . ALA A 1 83  ? -7.514  -2.596  5.878   1.00 16.70 ? 171  ALA A CB  1 
ATOM   585 N  N   . LEU A 1 84  ? -5.199  -1.172  7.435   1.00 16.11 ? 172  LEU A N   1 
ATOM   586 C  CA  . LEU A 1 84  ? -3.782  -1.051  7.764   1.00 15.90 ? 172  LEU A CA  1 
ATOM   587 C  C   . LEU A 1 84  ? -3.559  -0.970  9.274   1.00 21.08 ? 172  LEU A C   1 
ATOM   588 O  O   . LEU A 1 84  ? -2.591  -1.519  9.798   1.00 15.83 ? 172  LEU A O   1 
ATOM   589 C  CB  . LEU A 1 84  ? -3.159  0.155   7.055   1.00 15.79 ? 172  LEU A CB  1 
ATOM   590 C  CG  . LEU A 1 84  ? -2.944  -0.028  5.549   1.00 12.64 ? 172  LEU A CG  1 
ATOM   591 C  CD1 . LEU A 1 84  ? -2.653  1.300   4.862   1.00 13.33 ? 172  LEU A CD1 1 
ATOM   592 C  CD2 . LEU A 1 84  ? -1.824  -1.027  5.289   1.00 16.89 ? 172  LEU A CD2 1 
ATOM   593 N  N   . LYS A 1 85  ? -4.465  -0.293  9.972   1.00 17.47 ? 173  LYS A N   1 
ATOM   594 C  CA  . LYS A 1 85  ? -4.352  -0.147  11.420  1.00 20.35 ? 173  LYS A CA  1 
ATOM   595 C  C   . LYS A 1 85  ? -4.548  -1.475  12.145  1.00 20.88 ? 173  LYS A C   1 
ATOM   596 O  O   . LYS A 1 85  ? -3.840  -1.776  13.100  1.00 27.00 ? 173  LYS A O   1 
ATOM   597 C  CB  . LYS A 1 85  ? -5.365  0.872   11.945  1.00 21.61 ? 173  LYS A CB  1 
ATOM   598 C  CG  . LYS A 1 85  ? -5.375  0.988   13.465  1.00 34.12 ? 173  LYS A CG  1 
ATOM   599 C  CD  . LYS A 1 85  ? -6.625  1.687   13.971  1.00 42.21 ? 173  LYS A CD  1 
ATOM   600 C  CE  . LYS A 1 85  ? -6.675  1.681   15.493  1.00 59.89 ? 173  LYS A CE  1 
ATOM   601 N  NZ  . LYS A 1 85  ? -7.956  2.233   16.018  1.00 76.80 ? 173  LYS A NZ  1 
ATOM   602 N  N   . GLU A 1 86  ? -5.513  -2.264  11.687  1.00 19.74 ? 174  GLU A N   1 
ATOM   603 C  CA  . GLU A 1 86  ? -5.864  -3.505  12.367  1.00 23.03 ? 174  GLU A CA  1 
ATOM   604 C  C   . GLU A 1 86  ? -5.008  -4.690  11.930  1.00 23.70 ? 174  GLU A C   1 
ATOM   605 O  O   . GLU A 1 86  ? -5.177  -5.800  12.435  1.00 22.09 ? 174  GLU A O   1 
ATOM   606 C  CB  . GLU A 1 86  ? -7.345  -3.824  12.147  1.00 25.22 ? 174  GLU A CB  1 
ATOM   607 C  CG  . GLU A 1 86  ? -8.287  -2.722  12.601  1.00 31.43 ? 174  GLU A CG  1 
ATOM   608 C  CD  . GLU A 1 86  ? -9.737  -3.027  12.281  1.00 42.20 ? 174  GLU A CD  1 
ATOM   609 O  OE1 . GLU A 1 86  ? -10.008 -4.098  11.697  1.00 41.26 ? 174  GLU A OE1 1 
ATOM   610 O  OE2 . GLU A 1 86  ? -10.608 -2.194  12.611  1.00 47.73 ? 174  GLU A OE2 1 
ATOM   611 N  N   . ALA A 1 87  ? -4.088  -4.459  10.997  1.00 16.42 ? 175  ALA A N   1 
ATOM   612 C  CA  . ALA A 1 87  ? -3.289  -5.551  10.440  1.00 16.16 ? 175  ALA A CA  1 
ATOM   613 C  C   . ALA A 1 87  ? -2.281  -6.119  11.439  1.00 15.52 ? 175  ALA A C   1 
ATOM   614 O  O   . ALA A 1 87  ? -1.708  -7.181  11.211  1.00 14.96 ? 175  ALA A O   1 
ATOM   615 C  CB  . ALA A 1 87  ? -2.581  -5.105  9.165   1.00 14.44 ? 175  ALA A CB  1 
ATOM   616 N  N   . GLY A 1 88  ? -2.062  -5.409  12.541  1.00 14.67 ? 176  GLY A N   1 
ATOM   617 C  CA  . GLY A 1 88  ? -1.142  -5.874  13.563  1.00 17.98 ? 176  GLY A CA  1 
ATOM   618 C  C   . GLY A 1 88  ? 0.321   -5.605  13.246  1.00 18.25 ? 176  GLY A C   1 
ATOM   619 O  O   . GLY A 1 88  ? 0.647   -4.706  12.469  1.00 11.65 ? 176  GLY A O   1 
ATOM   620 N  N   . SER A 1 89  ? 1.204   -6.392  13.852  1.00 11.49 ? 177  SER A N   1 
ATOM   621 C  CA  . SER A 1 89  ? 2.641   -6.201  13.696  1.00 12.69 ? 177  SER A CA  1 
ATOM   622 C  C   . SER A 1 89  ? 3.177   -6.817  12.409  1.00 15.89 ? 177  SER A C   1 
ATOM   623 O  O   . SER A 1 89  ? 4.167   -6.341  11.857  1.00 19.95 ? 177  SER A O   1 
ATOM   624 C  CB  . SER A 1 89  ? 3.396   -6.767  14.899  1.00 15.21 ? 177  SER A CB  1 
ATOM   625 O  OG  . SER A 1 89  ? 3.224   -5.948  16.042  1.00 23.99 ? 177  SER A OG  1 
ATOM   626 N  N   . ILE A 1 90  ? 2.531   -7.879  11.938  1.00 14.00 ? 178  ILE A N   1 
ATOM   627 C  CA  . ILE A 1 90  ? 2.947   -8.533  10.701  1.00 13.51 ? 178  ILE A CA  1 
ATOM   628 C  C   . ILE A 1 90  ? 1.971   -8.193  9.578   1.00 15.01 ? 178  ILE A C   1 
ATOM   629 O  O   . ILE A 1 90  ? 0.831   -8.655  9.567   1.00 12.46 ? 178  ILE A O   1 
ATOM   630 C  CB  . ILE A 1 90  ? 3.031   -10.063 10.857  1.00 13.37 ? 178  ILE A CB  1 
ATOM   631 C  CG1 . ILE A 1 90  ? 3.803   -10.435 12.130  1.00 15.14 ? 178  ILE A CG1 1 
ATOM   632 C  CG2 . ILE A 1 90  ? 3.660   -10.689 9.622   1.00 11.75 ? 178  ILE A CG2 1 
ATOM   633 C  CD1 . ILE A 1 90  ? 5.235   -9.942  12.155  1.00 13.77 ? 178  ILE A CD1 1 
ATOM   634 N  N   . VAL A 1 91  ? 2.428   -7.391  8.625   1.00 11.99 ? 179  VAL A N   1 
ATOM   635 C  CA  . VAL A 1 91  ? 1.532   -6.847  7.615   1.00 15.18 ? 179  VAL A CA  1 
ATOM   636 C  C   . VAL A 1 91  ? 1.918   -7.299  6.213   1.00 14.36 ? 179  VAL A C   1 
ATOM   637 O  O   . VAL A 1 91  ? 2.922   -6.851  5.660   1.00 12.10 ? 179  VAL A O   1 
ATOM   638 C  CB  . VAL A 1 91  ? 1.493   -5.302  7.691   1.00 15.50 ? 179  VAL A CB  1 
ATOM   639 C  CG1 . VAL A 1 91  ? 0.444   -4.739  6.742   1.00 12.58 ? 179  VAL A CG1 1 
ATOM   640 C  CG2 . VAL A 1 91  ? 1.210   -4.858  9.121   1.00 12.07 ? 179  VAL A CG2 1 
ATOM   641 N  N   . ARG A 1 92  ? 1.115   -8.199  5.652   1.00 13.55 ? 180  ARG A N   1 
ATOM   642 C  CA  . ARG A 1 92  ? 1.333   -8.693  4.298   1.00 13.06 ? 180  ARG A CA  1 
ATOM   643 C  C   . ARG A 1 92  ? 0.619   -7.813  3.285   1.00 10.90 ? 180  ARG A C   1 
ATOM   644 O  O   . ARG A 1 92  ? -0.609  -7.739  3.266   1.00 12.64 ? 180  ARG A O   1 
ATOM   645 C  CB  . ARG A 1 92  ? 0.836   -10.132 4.154   1.00 11.14 ? 180  ARG A CB  1 
ATOM   646 C  CG  . ARG A 1 92  ? 0.979   -10.704 2.741   1.00 11.35 ? 180  ARG A CG  1 
ATOM   647 C  CD  . ARG A 1 92  ? 0.337   -12.088 2.654   1.00 16.41 ? 180  ARG A CD  1 
ATOM   648 N  NE  . ARG A 1 92  ? 0.611   -12.765 1.389   1.00 18.15 ? 180  ARG A NE  1 
ATOM   649 C  CZ  . ARG A 1 92  ? -0.081  -12.573 0.270   1.00 14.53 ? 180  ARG A CZ  1 
ATOM   650 N  NH1 . ARG A 1 92  ? -1.091  -11.713 0.250   1.00 10.34 ? 180  ARG A NH1 1 
ATOM   651 N  NH2 . ARG A 1 92  ? 0.237   -13.243 -0.831  1.00 18.58 ? 180  ARG A NH2 1 
ATOM   652 N  N   . LEU A 1 93  ? 1.398   -7.146  2.445   1.00 7.94  ? 181  LEU A N   1 
ATOM   653 C  CA  . LEU A 1 93  ? 0.842   -6.324  1.385   1.00 11.71 ? 181  LEU A CA  1 
ATOM   654 C  C   . LEU A 1 93  ? 0.990   -7.042  0.049   1.00 11.85 ? 181  LEU A C   1 
ATOM   655 O  O   . LEU A 1 93  ? 2.065   -7.546  -0.274  1.00 13.62 ? 181  LEU A O   1 
ATOM   656 C  CB  . LEU A 1 93  ? 1.561   -4.971  1.328   1.00 10.27 ? 181  LEU A CB  1 
ATOM   657 C  CG  . LEU A 1 93  ? 1.552   -4.117  2.598   1.00 11.43 ? 181  LEU A CG  1 
ATOM   658 C  CD1 . LEU A 1 93  ? 2.503   -2.933  2.451   1.00 13.74 ? 181  LEU A CD1 1 
ATOM   659 C  CD2 . LEU A 1 93  ? 0.140   -3.640  2.922   1.00 10.43 ? 181  LEU A CD2 1 
ATOM   660 N  N   . TYR A 1 94  ? -0.101  -7.111  -0.708  1.00 8.59  ? 182  TYR A N   1 
ATOM   661 C  CA  . TYR A 1 94  ? -0.040  -7.539  -2.100  1.00 11.95 ? 182  TYR A CA  1 
ATOM   662 C  C   . TYR A 1 94  ? -0.226  -6.291  -2.953  1.00 11.08 ? 182  TYR A C   1 
ATOM   663 O  O   . TYR A 1 94  ? -1.269  -5.638  -2.885  1.00 11.36 ? 182  TYR A O   1 
ATOM   664 C  CB  . TYR A 1 94  ? -1.124  -8.577  -2.407  1.00 10.31 ? 182  TYR A CB  1 
ATOM   665 C  CG  . TYR A 1 94  ? -1.081  -9.131  -3.821  1.00 11.03 ? 182  TYR A CG  1 
ATOM   666 C  CD1 . TYR A 1 94  ? -0.044  -9.957  -4.239  1.00 14.08 ? 182  TYR A CD1 1 
ATOM   667 C  CD2 . TYR A 1 94  ? -2.087  -8.839  -4.731  1.00 11.35 ? 182  TYR A CD2 1 
ATOM   668 C  CE1 . TYR A 1 94  ? -0.007  -10.468 -5.532  1.00 13.50 ? 182  TYR A CE1 1 
ATOM   669 C  CE2 . TYR A 1 94  ? -2.061  -9.344  -6.021  1.00 14.81 ? 182  TYR A CE2 1 
ATOM   670 C  CZ  . TYR A 1 94  ? -1.017  -10.156 -6.416  1.00 13.38 ? 182  TYR A CZ  1 
ATOM   671 O  OH  . TYR A 1 94  ? -0.992  -10.657 -7.698  1.00 11.80 ? 182  TYR A OH  1 
ATOM   672 N  N   . VAL A 1 95  ? 0.789   -5.952  -3.742  1.00 10.49 ? 183  VAL A N   1 
ATOM   673 C  CA  . VAL A 1 95  ? 0.795   -4.672  -4.448  1.00 11.32 ? 183  VAL A CA  1 
ATOM   674 C  C   . VAL A 1 95  ? 0.915   -4.823  -5.960  1.00 12.46 ? 183  VAL A C   1 
ATOM   675 O  O   . VAL A 1 95  ? 1.346   -5.860  -6.465  1.00 11.59 ? 183  VAL A O   1 
ATOM   676 C  CB  . VAL A 1 95  ? 1.940   -3.752  -3.957  1.00 10.28 ? 183  VAL A CB  1 
ATOM   677 C  CG1 . VAL A 1 95  ? 1.846   -3.526  -2.448  1.00 10.24 ? 183  VAL A CG1 1 
ATOM   678 C  CG2 . VAL A 1 95  ? 3.297   -4.333  -4.341  1.00 9.05  ? 183  VAL A CG2 1 
ATOM   679 N  N   . ARG A 1 96  ? 0.533   -3.764  -6.665  1.00 11.26 ? 184  ARG A N   1 
ATOM   680 C  CA  . ARG A 1 96  ? 0.618   -3.703  -8.115  1.00 11.09 ? 184  ARG A CA  1 
ATOM   681 C  C   . ARG A 1 96  ? 1.357   -2.431  -8.506  1.00 12.19 ? 184  ARG A C   1 
ATOM   682 O  O   . ARG A 1 96  ? 1.145   -1.376  -7.905  1.00 10.91 ? 184  ARG A O   1 
ATOM   683 C  CB  . ARG A 1 96  ? -0.787  -3.680  -8.716  1.00 14.92 ? 184  ARG A CB  1 
ATOM   684 C  CG  . ARG A 1 96  ? -0.829  -3.564  -10.233 1.00 14.34 ? 184  ARG A CG  1 
ATOM   685 C  CD  . ARG A 1 96  ? -2.230  -3.211  -10.704 1.00 15.83 ? 184  ARG A CD  1 
ATOM   686 N  NE  . ARG A 1 96  ? -2.540  -1.805  -10.460 1.00 23.91 ? 184  ARG A NE  1 
ATOM   687 C  CZ  . ARG A 1 96  ? -3.759  -1.341  -10.204 1.00 22.54 ? 184  ARG A CZ  1 
ATOM   688 N  NH1 . ARG A 1 96  ? -4.789  -2.174  -10.145 1.00 23.06 ? 184  ARG A NH1 1 
ATOM   689 N  NH2 . ARG A 1 96  ? -3.946  -0.047  -9.996  1.00 25.93 ? 184  ARG A NH2 1 
ATOM   690 N  N   . ARG A 1 97  ? 2.228   -2.528  -9.503  1.00 7.52  ? 185  ARG A N   1 
ATOM   691 C  CA  . ARG A 1 97  ? 2.912   -1.348  -10.025 1.00 10.15 ? 185  ARG A CA  1 
ATOM   692 C  C   . ARG A 1 97  ? 3.036   -1.421  -11.542 1.00 15.96 ? 185  ARG A C   1 
ATOM   693 O  O   . ARG A 1 97  ? 2.965   -2.503  -12.132 1.00 11.74 ? 185  ARG A O   1 
ATOM   694 C  CB  . ARG A 1 97  ? 4.296   -1.186  -9.394  1.00 10.48 ? 185  ARG A CB  1 
ATOM   695 C  CG  . ARG A 1 97  ? 5.288   -2.280  -9.760  1.00 15.17 ? 185  ARG A CG  1 
ATOM   696 C  CD  . ARG A 1 97  ? 6.639   -2.035  -9.099  1.00 15.13 ? 185  ARG A CD  1 
ATOM   697 N  NE  . ARG A 1 97  ? 6.545   -2.089  -7.641  1.00 12.58 ? 185  ARG A NE  1 
ATOM   698 C  CZ  . ARG A 1 97  ? 6.880   -3.146  -6.907  1.00 14.81 ? 185  ARG A CZ  1 
ATOM   699 N  NH1 . ARG A 1 97  ? 7.341   -4.245  -7.492  1.00 12.84 ? 185  ARG A NH1 1 
ATOM   700 N  NH2 . ARG A 1 97  ? 6.758   -3.103  -5.587  1.00 10.94 ? 185  ARG A NH2 1 
ATOM   701 N  N   . ARG A 1 98  ? 3.226   -0.267  -12.171 1.00 11.88 ? 186  ARG A N   1 
ATOM   702 C  CA  . ARG A 1 98  ? 3.381   -0.220  -13.619 1.00 14.72 ? 186  ARG A CA  1 
ATOM   703 C  C   . ARG A 1 98  ? 4.705   -0.850  -14.023 1.00 15.48 ? 186  ARG A C   1 
ATOM   704 O  O   . ARG A 1 98  ? 5.730   -0.619  -13.379 1.00 16.74 ? 186  ARG A O   1 
ATOM   705 C  CB  . ARG A 1 98  ? 3.344   1.226   -14.120 1.00 17.61 ? 186  ARG A CB  1 
ATOM   706 C  CG  . ARG A 1 98  ? 2.117   2.019   -13.706 1.00 21.61 ? 186  ARG A CG  1 
ATOM   707 C  CD  . ARG A 1 98  ? 2.261   3.481   -14.123 1.00 23.24 ? 186  ARG A CD  1 
ATOM   708 N  NE  . ARG A 1 98  ? 1.085   4.270   -13.776 1.00 26.44 ? 186  ARG A NE  1 
ATOM   709 C  CZ  . ARG A 1 98  ? 1.029   5.140   -12.772 1.00 30.82 ? 186  ARG A CZ  1 
ATOM   710 N  NH1 . ARG A 1 98  ? 2.092   5.355   -12.006 1.00 27.48 ? 186  ARG A NH1 1 
ATOM   711 N  NH2 . ARG A 1 98  ? -0.095  5.804   -12.539 1.00 30.48 ? 186  ARG A NH2 1 
ATOM   712 N  N   . ARG A 1 99  ? 4.685   -1.650  -15.085 1.00 12.88 ? 187  ARG A N   1 
ATOM   713 C  CA  . ARG A 1 99  ? 5.924   -2.139  -15.672 1.00 15.94 ? 187  ARG A CA  1 
ATOM   714 C  C   . ARG A 1 99  ? 6.498   -1.054  -16.571 1.00 15.64 ? 187  ARG A C   1 
ATOM   715 O  O   . ARG A 1 99  ? 5.763   -0.422  -17.327 1.00 13.89 ? 187  ARG A O   1 
ATOM   716 C  CB  . ARG A 1 99  ? 5.697   -3.422  -16.474 1.00 17.06 ? 187  ARG A CB  1 
ATOM   717 C  CG  . ARG A 1 99  ? 5.587   -4.674  -15.620 1.00 26.08 ? 187  ARG A CG  1 
ATOM   718 C  CD  . ARG A 1 99  ? 5.770   -5.933  -16.458 1.00 30.76 ? 187  ARG A CD  1 
ATOM   719 N  NE  . ARG A 1 99  ? 5.436   -7.138  -15.703 1.00 34.35 ? 187  ARG A NE  1 
ATOM   720 C  CZ  . ARG A 1 99  ? 6.254   -7.731  -14.839 1.00 42.05 ? 187  ARG A CZ  1 
ATOM   721 N  NH1 . ARG A 1 99  ? 7.465   -7.232  -14.617 1.00 40.89 ? 187  ARG A NH1 1 
ATOM   722 N  NH2 . ARG A 1 99  ? 5.862   -8.823  -14.196 1.00 38.38 ? 187  ARG A NH2 1 
ATOM   723 N  N   . PRO A 1 100 ? 7.816   -0.836  -16.485 1.00 15.66 ? 188  PRO A N   1 
ATOM   724 C  CA  . PRO A 1 100 ? 8.503   0.206   -17.253 1.00 19.44 ? 188  PRO A CA  1 
ATOM   725 C  C   . PRO A 1 100 ? 8.581   -0.148  -18.731 1.00 20.28 ? 188  PRO A C   1 
ATOM   726 O  O   . PRO A 1 100 ? 8.621   -1.329  -19.077 1.00 16.52 ? 188  PRO A O   1 
ATOM   727 C  CB  . PRO A 1 100 ? 9.920   0.206   -16.660 1.00 19.15 ? 188  PRO A CB  1 
ATOM   728 C  CG  . PRO A 1 100 ? 9.836   -0.600  -15.397 1.00 24.22 ? 188  PRO A CG  1 
ATOM   729 C  CD  . PRO A 1 100 ? 8.745   -1.582  -15.623 1.00 19.86 ? 188  PRO A CD  1 
ATOM   730 N  N   . ILE A 1 101 ? 8.609   0.868   -19.586 1.00 20.62 ? 189  ILE A N   1 
ATOM   731 C  CA  . ILE A 1 101 ? 8.855   0.662   -21.005 1.00 19.62 ? 189  ILE A CA  1 
ATOM   732 C  C   . ILE A 1 101 ? 10.322  0.302   -21.213 1.00 20.47 ? 189  ILE A C   1 
ATOM   733 O  O   . ILE A 1 101 ? 11.217  0.981   -20.704 1.00 14.43 ? 189  ILE A O   1 
ATOM   734 C  CB  . ILE A 1 101 ? 8.546   1.931   -21.829 1.00 17.36 ? 189  ILE A CB  1 
ATOM   735 C  CG1 . ILE A 1 101 ? 7.081   2.344   -21.666 1.00 15.33 ? 189  ILE A CG1 1 
ATOM   736 C  CG2 . ILE A 1 101 ? 8.890   1.710   -23.297 1.00 20.37 ? 189  ILE A CG2 1 
ATOM   737 C  CD1 . ILE A 1 101 ? 6.094   1.267   -22.055 1.00 21.69 ? 189  ILE A CD1 1 
ATOM   738 N  N   . LEU A 1 102 ? 10.565  -0.770  -21.960 1.00 19.30 ? 190  LEU A N   1 
ATOM   739 C  CA  . LEU A 1 102 ? 11.926  -1.158  -22.304 1.00 17.10 ? 190  LEU A CA  1 
ATOM   740 C  C   . LEU A 1 102 ? 12.145  -0.996  -23.805 1.00 21.59 ? 190  LEU A C   1 
ATOM   741 O  O   . LEU A 1 102 ? 13.004  -0.233  -24.249 1.00 17.24 ? 190  LEU A O   1 
ATOM   742 C  CB  . LEU A 1 102 ? 12.195  -2.599  -21.870 1.00 22.13 ? 190  LEU A CB  1 
ATOM   743 C  CG  . LEU A 1 102 ? 12.031  -2.857  -20.368 1.00 28.23 ? 190  LEU A CG  1 
ATOM   744 C  CD1 . LEU A 1 102 ? 12.223  -4.331  -20.037 1.00 24.99 ? 190  LEU A CD1 1 
ATOM   745 C  CD2 . LEU A 1 102 ? 12.994  -1.996  -19.563 1.00 34.76 ? 190  LEU A CD2 1 
ATOM   746 O  OXT . LEU A 1 102 ? 11.445  -1.610  -24.610 1.00 21.45 ? 190  LEU A OXT 1 
HETATM 747 S  S   . SO4 B 2 .   ? 10.758  5.111   -5.300  1.00 57.28 ? 1191 SO4 A S   1 
HETATM 748 O  O1  . SO4 B 2 .   ? 10.367  4.264   -6.426  1.00 36.89 ? 1191 SO4 A O1  1 
HETATM 749 O  O2  . SO4 B 2 .   ? 12.181  4.915   -5.022  1.00 66.38 ? 1191 SO4 A O2  1 
HETATM 750 O  O3  . SO4 B 2 .   ? 10.521  6.510   -5.653  1.00 36.37 ? 1191 SO4 A O3  1 
HETATM 751 O  O4  . SO4 B 2 .   ? 9.982   4.757   -4.107  1.00 16.14 ? 1191 SO4 A O4  1 
HETATM 752 S  S   . SO4 C 2 .   ? 8.542   -11.996 2.556   1.00 57.24 ? 1192 SO4 A S   1 
HETATM 753 O  O1  . SO4 C 2 .   ? 9.394   -12.366 1.426   1.00 50.48 ? 1192 SO4 A O1  1 
HETATM 754 O  O2  . SO4 C 2 .   ? 9.359   -11.850 3.758   1.00 46.91 ? 1192 SO4 A O2  1 
HETATM 755 O  O3  . SO4 C 2 .   ? 7.870   -10.730 2.262   1.00 23.09 ? 1192 SO4 A O3  1 
HETATM 756 O  O4  . SO4 C 2 .   ? 7.549   -13.043 2.782   1.00 44.05 ? 1192 SO4 A O4  1 
HETATM 757 CL CL  . CL  D 3 .   ? 5.170   4.519   -11.668 1.00 17.30 ? 1193 CL  A CL  1 
HETATM 758 S  S   . SO4 E 2 .   ? 2.321   -13.215 -11.187 1.00 43.91 ? 1194 SO4 A S   1 
HETATM 759 O  O1  . SO4 E 2 .   ? 3.238   -13.803 -12.161 1.00 36.39 ? 1194 SO4 A O1  1 
HETATM 760 O  O2  . SO4 E 2 .   ? 2.819   -13.447 -9.833  1.00 43.27 ? 1194 SO4 A O2  1 
HETATM 761 O  O3  . SO4 E 2 .   ? 2.218   -11.778 -11.422 1.00 25.45 ? 1194 SO4 A O3  1 
HETATM 762 O  O4  . SO4 E 2 .   ? 1.003   -13.828 -11.330 1.00 41.16 ? 1194 SO4 A O4  1 
HETATM 763 O  O   . HOH F 4 .   ? 12.421  5.419   0.060   1.00 38.81 ? 2001 HOH A O   1 
HETATM 764 O  O   . HOH F 4 .   ? 11.129  11.224  -5.948  0.33 32.62 ? 2002 HOH A O   1 
HETATM 765 O  O   . HOH F 4 .   ? 2.224   0.388   -17.481 1.00 30.74 ? 2003 HOH A O   1 
HETATM 766 O  O   . HOH F 4 .   ? 7.894   -3.329  -12.799 1.00 27.03 ? 2004 HOH A O   1 
HETATM 767 O  O   . HOH F 4 .   ? 11.602  -7.236  -5.018  1.00 30.65 ? 2005 HOH A O   1 
HETATM 768 O  O   . HOH F 4 .   ? 3.582   -14.248 -1.644  1.00 28.43 ? 2006 HOH A O   1 
HETATM 769 O  O   . HOH F 4 .   ? 6.367   -11.405 -4.226  1.00 20.61 ? 2007 HOH A O   1 
HETATM 770 O  O   . HOH F 4 .   ? 7.834   -12.105 -1.324  1.00 25.26 ? 2008 HOH A O   1 
HETATM 771 O  O   . HOH F 4 .   ? 3.505   -13.104 4.245   1.00 27.25 ? 2009 HOH A O   1 
HETATM 772 O  O   . HOH F 4 .   ? 10.864  -4.041  11.571  1.00 29.40 ? 2010 HOH A O   1 
HETATM 773 O  O   . HOH F 4 .   ? 12.056  -6.603  11.798  1.00 23.55 ? 2011 HOH A O   1 
HETATM 774 O  O   . HOH F 4 .   ? 9.857   -5.374  7.747   1.00 17.53 ? 2012 HOH A O   1 
HETATM 775 O  O   . HOH F 4 .   ? -0.288  -2.952  15.585  1.00 30.48 ? 2013 HOH A O   1 
HETATM 776 O  O   . HOH F 4 .   ? -1.699  1.528   10.922  1.00 33.44 ? 2014 HOH A O   1 
HETATM 777 O  O   . HOH F 4 .   ? 8.002   5.646   10.135  1.00 21.07 ? 2015 HOH A O   1 
HETATM 778 O  O   . HOH F 4 .   ? 3.161   12.290  3.322   1.00 18.96 ? 2016 HOH A O   1 
HETATM 779 O  O   . HOH F 4 .   ? -4.294  11.274  1.869   1.00 33.09 ? 2017 HOH A O   1 
HETATM 780 O  O   . HOH F 4 .   ? -7.426  10.382  -2.029  1.00 25.83 ? 2018 HOH A O   1 
HETATM 781 O  O   . HOH F 4 .   ? -16.424 1.681   -1.286  1.00 31.26 ? 2019 HOH A O   1 
HETATM 782 O  O   . HOH F 4 .   ? -16.444 12.824  -2.097  1.00 44.52 ? 2020 HOH A O   1 
HETATM 783 O  O   . HOH F 4 .   ? -11.121 10.411  1.628   1.00 34.60 ? 2021 HOH A O   1 
HETATM 784 O  O   . HOH F 4 .   ? -12.991 7.519   3.462   1.00 25.16 ? 2022 HOH A O   1 
HETATM 785 O  O   . HOH F 4 .   ? -5.644  12.185  -3.180  1.00 27.60 ? 2023 HOH A O   1 
HETATM 786 O  O   . HOH F 4 .   ? -5.236  12.907  -10.833 0.33 27.19 ? 2024 HOH A O   1 
HETATM 787 O  O   . HOH F 4 .   ? -6.966  0.089   -9.032  1.00 20.21 ? 2025 HOH A O   1 
HETATM 788 O  O   . HOH F 4 .   ? -9.836  1.067   -3.061  1.00 16.75 ? 2026 HOH A O   1 
HETATM 789 O  O   . HOH F 4 .   ? -7.631  6.093   -5.805  1.00 20.34 ? 2027 HOH A O   1 
HETATM 790 O  O   . HOH F 4 .   ? 10.725  -9.966  -6.585  1.00 41.95 ? 2028 HOH A O   1 
HETATM 791 O  O   . HOH F 4 .   ? 8.258   -11.134 -6.354  1.00 29.85 ? 2029 HOH A O   1 
HETATM 792 O  O   . HOH F 4 .   ? 5.273   -13.928 -4.112  1.00 40.23 ? 2030 HOH A O   1 
HETATM 793 O  O   . HOH F 4 .   ? 2.343   -12.802 6.434   1.00 28.15 ? 2031 HOH A O   1 
HETATM 794 O  O   . HOH F 4 .   ? 3.717   10.845  -4.567  1.00 13.83 ? 2032 HOH A O   1 
HETATM 795 O  O   . HOH F 4 .   ? 6.642   11.556  -2.781  1.00 19.85 ? 2033 HOH A O   1 
HETATM 796 O  O   . HOH F 4 .   ? 13.931  -6.201  9.666   1.00 33.63 ? 2034 HOH A O   1 
HETATM 797 O  O   . HOH F 4 .   ? 13.909  -7.043  13.464  1.00 32.18 ? 2035 HOH A O   1 
HETATM 798 O  O   . HOH F 4 .   ? 12.555  -2.285  9.922   1.00 30.14 ? 2036 HOH A O   1 
HETATM 799 O  O   . HOH F 4 .   ? 9.322   8.490   -0.717  1.00 12.19 ? 2037 HOH A O   1 
HETATM 800 O  O   . HOH F 4 .   ? 10.754  10.231  1.114   1.00 28.45 ? 2038 HOH A O   1 
HETATM 801 O  O   . HOH F 4 .   ? 9.334   3.510   5.751   1.00 14.08 ? 2039 HOH A O   1 
HETATM 802 O  O   . HOH F 4 .   ? 5.249   14.462  2.800   1.00 17.76 ? 2040 HOH A O   1 
HETATM 803 O  O   . HOH F 4 .   ? 12.401  9.823   8.825   1.00 34.10 ? 2041 HOH A O   1 
HETATM 804 O  O   . HOH F 4 .   ? 10.627  6.666   10.479  1.00 27.89 ? 2042 HOH A O   1 
HETATM 805 O  O   . HOH F 4 .   ? 12.021  0.317   11.010  1.00 40.07 ? 2043 HOH A O   1 
HETATM 806 O  O   . HOH F 4 .   ? 15.450  4.434   5.900   1.00 34.86 ? 2044 HOH A O   1 
HETATM 807 O  O   . HOH F 4 .   ? 11.545  -3.454  7.583   1.00 20.72 ? 2045 HOH A O   1 
HETATM 808 O  O   . HOH F 4 .   ? 9.150   -2.328  1.746   1.00 13.54 ? 2046 HOH A O   1 
HETATM 809 O  O   . HOH F 4 .   ? 16.677  -0.034  1.708   1.00 39.85 ? 2047 HOH A O   1 
HETATM 810 O  O   . HOH F 4 .   ? -8.657  -0.379  -11.489 1.00 43.26 ? 2048 HOH A O   1 
HETATM 811 O  O   . HOH F 4 .   ? 12.982  -8.100  2.292   1.00 33.65 ? 2049 HOH A O   1 
HETATM 812 O  O   . HOH F 4 .   ? 10.825  -7.179  5.908   1.00 23.72 ? 2050 HOH A O   1 
HETATM 813 O  O   . HOH F 4 .   ? 15.536  -6.704  3.358   1.00 32.56 ? 2051 HOH A O   1 
HETATM 814 O  O   . HOH F 4 .   ? 9.043   10.202  -2.753  1.00 21.13 ? 2052 HOH A O   1 
HETATM 815 O  O   . HOH F 4 .   ? 14.828  0.089   -2.169  1.00 28.28 ? 2053 HOH A O   1 
HETATM 816 O  O   . HOH F 4 .   ? 10.276  -4.166  -5.225  1.00 16.46 ? 2054 HOH A O   1 
HETATM 817 O  O   . HOH F 4 .   ? 9.050   -9.850  -2.596  1.00 17.97 ? 2055 HOH A O   1 
HETATM 818 O  O   . HOH F 4 .   ? 10.553  9.591   11.267  1.00 38.16 ? 2056 HOH A O   1 
HETATM 819 O  O   . HOH F 4 .   ? 15.664  4.843   2.978   1.00 40.40 ? 2057 HOH A O   1 
HETATM 820 O  O   . HOH F 4 .   ? 13.849  -5.183  6.811   1.00 36.49 ? 2058 HOH A O   1 
HETATM 821 O  O   . HOH F 4 .   ? 10.938  0.713   0.271   1.00 15.09 ? 2059 HOH A O   1 
HETATM 822 O  O   . HOH F 4 .   ? 12.911  -4.875  -4.760  1.00 29.89 ? 2060 HOH A O   1 
HETATM 823 O  O   . HOH F 4 .   ? 12.833  2.750   -0.051  1.00 31.63 ? 2061 HOH A O   1 
HETATM 824 O  O   . HOH F 4 .   ? 7.123   9.827   -7.338  1.00 27.58 ? 2062 HOH A O   1 
HETATM 825 O  O   . HOH F 4 .   ? 3.014   12.059  -8.370  0.33 18.72 ? 2063 HOH A O   1 
HETATM 826 O  O   . HOH F 4 .   ? 1.332   7.737   -5.896  1.00 20.81 ? 2064 HOH A O   1 
HETATM 827 O  O   . HOH F 4 .   ? 4.294   9.842   -7.188  1.00 13.56 ? 2065 HOH A O   1 
HETATM 828 O  O   . HOH F 4 .   ? 0.901   2.371   -9.808  1.00 16.24 ? 2066 HOH A O   1 
HETATM 829 O  O   . HOH F 4 .   ? 2.585   9.130   -10.582 1.00 23.66 ? 2067 HOH A O   1 
HETATM 830 O  O   . HOH F 4 .   ? 5.387   1.849   -8.152  1.00 14.18 ? 2068 HOH A O   1 
HETATM 831 O  O   . HOH F 4 .   ? -13.154 -3.524  3.939   1.00 29.44 ? 2069 HOH A O   1 
HETATM 832 O  O   . HOH F 4 .   ? -6.458  -0.687  -4.030  1.00 11.05 ? 2070 HOH A O   1 
HETATM 833 O  O   . HOH F 4 .   ? -17.258 5.922   1.740   1.00 45.77 ? 2071 HOH A O   1 
HETATM 834 O  O   . HOH F 4 .   ? -15.291 -1.748  2.611   1.00 46.69 ? 2072 HOH A O   1 
HETATM 835 O  O   . HOH F 4 .   ? -3.686  5.421   10.614  1.00 34.31 ? 2073 HOH A O   1 
HETATM 836 O  O   . HOH F 4 .   ? -12.669 -6.124  6.841   1.00 44.11 ? 2074 HOH A O   1 
HETATM 837 O  O   . HOH F 4 .   ? -3.254  -13.197 3.256   1.00 27.17 ? 2075 HOH A O   1 
HETATM 838 O  O   . HOH F 4 .   ? -5.339  -8.197  9.247   1.00 18.84 ? 2076 HOH A O   1 
HETATM 839 O  O   . HOH F 4 .   ? -8.925  -10.603 0.622   1.00 19.99 ? 2077 HOH A O   1 
HETATM 840 O  O   . HOH F 4 .   ? -6.641  -10.118 7.699   1.00 21.31 ? 2078 HOH A O   1 
HETATM 841 O  O   . HOH F 4 .   ? -6.698  -18.203 6.591   1.00 48.78 ? 2079 HOH A O   1 
HETATM 842 O  O   . HOH F 4 .   ? -11.930 -8.627  2.285   1.00 22.45 ? 2080 HOH A O   1 
HETATM 843 O  O   . HOH F 4 .   ? -12.796 -5.309  1.724   1.00 28.80 ? 2081 HOH A O   1 
HETATM 844 O  O   . HOH F 4 .   ? -12.209 -10.237 -2.923  1.00 19.87 ? 2082 HOH A O   1 
HETATM 845 O  O   . HOH F 4 .   ? -5.299  -4.909  -13.124 1.00 41.29 ? 2083 HOH A O   1 
HETATM 846 O  O   . HOH F 4 .   ? 9.672   -5.222  -16.828 1.00 41.72 ? 2084 HOH A O   1 
HETATM 847 O  O   . HOH F 4 .   ? -10.880 -1.804  -8.142  1.00 36.06 ? 2085 HOH A O   1 
HETATM 848 O  O   . HOH F 4 .   ? -7.437  -1.035  -6.571  1.00 17.01 ? 2086 HOH A O   1 
HETATM 849 O  O   . HOH F 4 .   ? -13.158 -5.756  -4.655  1.00 33.79 ? 2087 HOH A O   1 
HETATM 850 O  O   . HOH F 4 .   ? -15.097 -4.115  -0.732  1.00 39.35 ? 2088 HOH A O   1 
HETATM 851 O  O   . HOH F 4 .   ? -12.305 -4.138  -2.240  1.00 19.76 ? 2089 HOH A O   1 
HETATM 852 O  O   . HOH F 4 .   ? -16.888 0.461   -5.233  1.00 39.35 ? 2090 HOH A O   1 
HETATM 853 O  O   . HOH F 4 .   ? -16.577 3.373   4.780   1.00 39.26 ? 2091 HOH A O   1 
HETATM 854 O  O   . HOH F 4 .   ? -15.600 0.866   1.499   1.00 30.76 ? 2092 HOH A O   1 
HETATM 855 O  O   . HOH F 4 .   ? -16.122 6.155   4.296   1.00 37.01 ? 2093 HOH A O   1 
HETATM 856 O  O   . HOH F 4 .   ? -10.164 4.605   9.463   1.00 31.41 ? 2094 HOH A O   1 
HETATM 857 O  O   . HOH F 4 .   ? -11.150 -2.320  5.871   1.00 33.49 ? 2095 HOH A O   1 
HETATM 858 O  O   . HOH F 4 .   ? -3.648  2.851   9.541   1.00 26.34 ? 2096 HOH A O   1 
HETATM 859 O  O   . HOH F 4 .   ? -11.144 -3.996  7.930   1.00 33.52 ? 2097 HOH A O   1 
HETATM 860 O  O   . HOH F 4 .   ? -6.429  -5.716  8.806   1.00 25.05 ? 2098 HOH A O   1 
HETATM 861 O  O   . HOH F 4 .   ? -2.771  -3.436  14.670  1.00 29.44 ? 2099 HOH A O   1 
HETATM 862 O  O   . HOH F 4 .   ? -5.515  -8.517  11.929  1.00 35.45 ? 2100 HOH A O   1 
HETATM 863 O  O   . HOH F 4 .   ? -9.331  -5.236  9.303   1.00 24.82 ? 2101 HOH A O   1 
HETATM 864 O  O   . HOH F 4 .   ? 3.619   -3.414  15.676  1.00 24.63 ? 2102 HOH A O   1 
HETATM 865 O  O   . HOH F 4 .   ? -0.330  -9.641  11.877  1.00 24.01 ? 2103 HOH A O   1 
HETATM 866 O  O   . HOH F 4 .   ? -2.125  -9.464  1.827   1.00 10.87 ? 2104 HOH A O   1 
HETATM 867 O  O   . HOH F 4 .   ? 1.773   -16.047 -0.774  1.00 36.56 ? 2105 HOH A O   1 
HETATM 868 O  O   . HOH F 4 .   ? 0.778   -12.492 -8.198  1.00 20.86 ? 2106 HOH A O   1 
HETATM 869 O  O   . HOH F 4 .   ? -7.536  -3.150  -8.552  1.00 24.75 ? 2107 HOH A O   1 
HETATM 870 O  O   . HOH F 4 .   ? -5.442  -4.826  -10.445 1.00 30.16 ? 2108 HOH A O   1 
HETATM 871 O  O   . HOH F 4 .   ? -0.601  0.214   -10.143 1.00 23.37 ? 2109 HOH A O   1 
HETATM 872 O  O   . HOH F 4 .   ? 3.754   2.070   -10.332 1.00 15.35 ? 2110 HOH A O   1 
HETATM 873 O  O   . HOH F 4 .   ? 5.044   2.067   -18.236 1.00 18.10 ? 2111 HOH A O   1 
HETATM 874 O  O   . HOH F 4 .   ? 9.716   -4.635  -14.269 1.00 39.42 ? 2112 HOH A O   1 
HETATM 875 O  O   . HOH F 4 .   ? 6.500   -2.569  -20.419 1.00 33.36 ? 2113 HOH A O   1 
HETATM 876 O  O   . HOH F 4 .   ? 8.648   -4.070  -18.907 1.00 33.45 ? 2114 HOH A O   1 
HETATM 877 O  O   . HOH F 4 .   ? 8.484   -2.527  -23.069 1.00 30.61 ? 2115 HOH A O   1 
HETATM 878 O  O   . HOH F 4 .   ? 9.201   9.133   -5.498  1.00 22.90 ? 2116 HOH A O   1 
HETATM 879 O  O   . HOH F 4 .   ? 11.003  6.781   -1.888  1.00 35.07 ? 2117 HOH A O   1 
HETATM 880 O  O   . HOH F 4 .   ? 12.145  -10.859 2.739   1.00 41.32 ? 2118 HOH A O   1 
HETATM 881 O  O   . HOH F 4 .   ? 9.348   -9.972  5.563   1.00 23.16 ? 2119 HOH A O   1 
HETATM 882 O  O   . HOH F 4 .   ? 4.104   -9.820  -11.692 1.00 20.58 ? 2120 HOH A O   1 
# 
loop_
_pdbx_poly_seq_scheme.asym_id 
_pdbx_poly_seq_scheme.entity_id 
_pdbx_poly_seq_scheme.seq_id 
_pdbx_poly_seq_scheme.mon_id 
_pdbx_poly_seq_scheme.ndb_seq_num 
_pdbx_poly_seq_scheme.pdb_seq_num 
_pdbx_poly_seq_scheme.auth_seq_num 
_pdbx_poly_seq_scheme.pdb_mon_id 
_pdbx_poly_seq_scheme.auth_mon_id 
_pdbx_poly_seq_scheme.pdb_strand_id 
_pdbx_poly_seq_scheme.pdb_ins_code 
_pdbx_poly_seq_scheme.hetero 
A 1 1   GLY 1   89  ?   ?   ?   A . n 
A 1 2   PRO 2   90  ?   ?   ?   A . n 
A 1 3   LEU 3   91  ?   ?   ?   A . n 
A 1 4   GLY 4   92  ?   ?   ?   A . n 
A 1 5   SER 5   93  ?   ?   ?   A . n 
A 1 6   PRO 6   94  ?   ?   ?   A . n 
A 1 7   GLU 7   95  95  GLU GLU A . n 
A 1 8   PHE 8   96  96  PHE PHE A . n 
A 1 9   GLU 9   97  97  GLU GLU A . n 
A 1 10  PHE 10  98  98  PHE PHE A . n 
A 1 11  GLU 11  99  99  GLU GLU A . n 
A 1 12  GLU 12  100 100 GLU GLU A . n 
A 1 13  ILE 13  101 101 ILE ILE A . n 
A 1 14  THR 14  102 102 THR THR A . n 
A 1 15  LEU 15  103 103 LEU LEU A . n 
A 1 16  GLU 16  104 104 GLU GLU A . n 
A 1 17  ARG 17  105 105 ARG ARG A . n 
A 1 18  GLY 18  106 106 GLY GLY A . n 
A 1 19  ASN 19  107 107 ASN ASN A . n 
A 1 20  SER 20  108 108 SER SER A . n 
A 1 21  GLY 21  109 109 GLY GLY A . n 
A 1 22  LEU 22  110 110 LEU LEU A . n 
A 1 23  GLY 23  111 111 GLY GLY A . n 
A 1 24  PHE 24  112 112 PHE PHE A . n 
A 1 25  SER 25  113 113 SER SER A . n 
A 1 26  ILE 26  114 114 ILE ILE A . n 
A 1 27  ALA 27  115 115 ALA ALA A . n 
A 1 28  GLY 28  116 116 GLY GLY A . n 
A 1 29  GLY 29  117 117 GLY GLY A . n 
A 1 30  THR 30  118 118 THR THR A . n 
A 1 31  ASP 31  119 119 ASP ASP A . n 
A 1 32  ASN 32  120 120 ASN ASN A . n 
A 1 33  PRO 33  121 121 PRO PRO A . n 
A 1 34  HIS 34  122 122 HIS HIS A . n 
A 1 35  ILE 35  123 123 ILE ILE A . n 
A 1 36  GLY 36  124 124 GLY GLY A . n 
A 1 37  ASP 37  125 125 ASP ASP A . n 
A 1 38  ASP 38  126 126 ASP ASP A . n 
A 1 39  PRO 39  127 127 PRO PRO A . n 
A 1 40  GLY 40  128 128 GLY GLY A . n 
A 1 41  ILE 41  129 129 ILE ILE A . n 
A 1 42  PHE 42  130 130 PHE PHE A . n 
A 1 43  ILE 43  131 131 ILE ILE A . n 
A 1 44  THR 44  132 132 THR THR A . n 
A 1 45  LYS 45  133 133 LYS LYS A . n 
A 1 46  ILE 46  134 134 ILE ILE A . n 
A 1 47  ILE 47  135 135 ILE ILE A . n 
A 1 48  PRO 48  136 136 PRO PRO A . n 
A 1 49  GLY 49  137 137 GLY GLY A . n 
A 1 50  GLY 50  138 138 GLY GLY A . n 
A 1 51  ALA 51  139 139 ALA ALA A . n 
A 1 52  ALA 52  140 140 ALA ALA A . n 
A 1 53  ALA 53  141 141 ALA ALA A . n 
A 1 54  GLU 54  142 142 GLU GLU A . n 
A 1 55  ASP 55  143 143 ASP ASP A . n 
A 1 56  GLY 56  144 144 GLY GLY A . n 
A 1 57  ARG 57  145 145 ARG ARG A . n 
A 1 58  LEU 58  146 146 LEU LEU A . n 
A 1 59  ARG 59  147 147 ARG ARG A . n 
A 1 60  VAL 60  148 148 VAL VAL A . n 
A 1 61  ASN 61  149 149 ASN ASN A . n 
A 1 62  ASP 62  150 150 ASP ASP A . n 
A 1 63  CYS 63  151 151 CYS CYS A . n 
A 1 64  ILE 64  152 152 ILE ILE A . n 
A 1 65  LEU 65  153 153 LEU LEU A . n 
A 1 66  ARG 66  154 154 ARG ARG A . n 
A 1 67  VAL 67  155 155 VAL VAL A . n 
A 1 68  ASN 68  156 156 ASN ASN A . n 
A 1 69  GLU 69  157 157 GLU GLU A . n 
A 1 70  VAL 70  158 158 VAL VAL A . n 
A 1 71  ASP 71  159 159 ASP ASP A . n 
A 1 72  VAL 72  160 160 VAL VAL A . n 
A 1 73  SER 73  161 161 SER SER A . n 
A 1 74  GLU 74  162 162 GLU GLU A . n 
A 1 75  VAL 75  163 163 VAL VAL A . n 
A 1 76  SER 76  164 164 SER SER A . n 
A 1 77  HIS 77  165 165 HIS HIS A . n 
A 1 78  SER 78  166 166 SER SER A . n 
A 1 79  LYS 79  167 167 LYS LYS A . n 
A 1 80  ALA 80  168 168 ALA ALA A . n 
A 1 81  VAL 81  169 169 VAL VAL A . n 
A 1 82  GLU 82  170 170 GLU GLU A . n 
A 1 83  ALA 83  171 171 ALA ALA A . n 
A 1 84  LEU 84  172 172 LEU LEU A . n 
A 1 85  LYS 85  173 173 LYS LYS A . n 
A 1 86  GLU 86  174 174 GLU GLU A . n 
A 1 87  ALA 87  175 175 ALA ALA A . n 
A 1 88  GLY 88  176 176 GLY GLY A . n 
A 1 89  SER 89  177 177 SER SER A . n 
A 1 90  ILE 90  178 178 ILE ILE A . n 
A 1 91  VAL 91  179 179 VAL VAL A . n 
A 1 92  ARG 92  180 180 ARG ARG A . n 
A 1 93  LEU 93  181 181 LEU LEU A . n 
A 1 94  TYR 94  182 182 TYR TYR A . n 
A 1 95  VAL 95  183 183 VAL VAL A . n 
A 1 96  ARG 96  184 184 ARG ARG A . n 
A 1 97  ARG 97  185 185 ARG ARG A . n 
A 1 98  ARG 98  186 186 ARG ARG A . n 
A 1 99  ARG 99  187 187 ARG ARG A . n 
A 1 100 PRO 100 188 188 PRO PRO A . n 
A 1 101 ILE 101 189 189 ILE ILE A . n 
A 1 102 LEU 102 190 190 LEU LEU A . n 
# 
loop_
_pdbx_nonpoly_scheme.asym_id 
_pdbx_nonpoly_scheme.entity_id 
_pdbx_nonpoly_scheme.mon_id 
_pdbx_nonpoly_scheme.ndb_seq_num 
_pdbx_nonpoly_scheme.pdb_seq_num 
_pdbx_nonpoly_scheme.auth_seq_num 
_pdbx_nonpoly_scheme.pdb_mon_id 
_pdbx_nonpoly_scheme.auth_mon_id 
_pdbx_nonpoly_scheme.pdb_strand_id 
_pdbx_nonpoly_scheme.pdb_ins_code 
B 2 SO4 1   1191 1191 SO4 SO4 A . 
C 2 SO4 1   1192 1192 SO4 SO4 A . 
D 3 CL  1   1193 1193 CL  CL  A . 
E 2 SO4 1   1194 1194 SO4 SO4 A . 
F 4 HOH 1   2001 2001 HOH HOH A . 
F 4 HOH 2   2002 2002 HOH HOH A . 
F 4 HOH 3   2003 2003 HOH HOH A . 
F 4 HOH 4   2004 2004 HOH HOH A . 
F 4 HOH 5   2005 2005 HOH HOH A . 
F 4 HOH 6   2006 2006 HOH HOH A . 
F 4 HOH 7   2007 2007 HOH HOH A . 
F 4 HOH 8   2008 2008 HOH HOH A . 
F 4 HOH 9   2009 2009 HOH HOH A . 
F 4 HOH 10  2010 2010 HOH HOH A . 
F 4 HOH 11  2011 2011 HOH HOH A . 
F 4 HOH 12  2012 2012 HOH HOH A . 
F 4 HOH 13  2013 2013 HOH HOH A . 
F 4 HOH 14  2014 2014 HOH HOH A . 
F 4 HOH 15  2015 2015 HOH HOH A . 
F 4 HOH 16  2016 2016 HOH HOH A . 
F 4 HOH 17  2017 2017 HOH HOH A . 
F 4 HOH 18  2018 2018 HOH HOH A . 
F 4 HOH 19  2019 2019 HOH HOH A . 
F 4 HOH 20  2020 2020 HOH HOH A . 
F 4 HOH 21  2021 2021 HOH HOH A . 
F 4 HOH 22  2022 2022 HOH HOH A . 
F 4 HOH 23  2023 2023 HOH HOH A . 
F 4 HOH 24  2024 2024 HOH HOH A . 
F 4 HOH 25  2025 2025 HOH HOH A . 
F 4 HOH 26  2026 2026 HOH HOH A . 
F 4 HOH 27  2027 2027 HOH HOH A . 
F 4 HOH 28  2028 2028 HOH HOH A . 
F 4 HOH 29  2029 2029 HOH HOH A . 
F 4 HOH 30  2030 2030 HOH HOH A . 
F 4 HOH 31  2031 2031 HOH HOH A . 
F 4 HOH 32  2032 2032 HOH HOH A . 
F 4 HOH 33  2033 2033 HOH HOH A . 
F 4 HOH 34  2034 2034 HOH HOH A . 
F 4 HOH 35  2035 2035 HOH HOH A . 
F 4 HOH 36  2036 2036 HOH HOH A . 
F 4 HOH 37  2037 2037 HOH HOH A . 
F 4 HOH 38  2038 2038 HOH HOH A . 
F 4 HOH 39  2039 2039 HOH HOH A . 
F 4 HOH 40  2040 2040 HOH HOH A . 
F 4 HOH 41  2041 2041 HOH HOH A . 
F 4 HOH 42  2042 2042 HOH HOH A . 
F 4 HOH 43  2043 2043 HOH HOH A . 
F 4 HOH 44  2044 2044 HOH HOH A . 
F 4 HOH 45  2045 2045 HOH HOH A . 
F 4 HOH 46  2046 2046 HOH HOH A . 
F 4 HOH 47  2047 2047 HOH HOH A . 
F 4 HOH 48  2048 2048 HOH HOH A . 
F 4 HOH 49  2049 2049 HOH HOH A . 
F 4 HOH 50  2050 2050 HOH HOH A . 
F 4 HOH 51  2051 2051 HOH HOH A . 
F 4 HOH 52  2052 2052 HOH HOH A . 
F 4 HOH 53  2053 2053 HOH HOH A . 
F 4 HOH 54  2054 2054 HOH HOH A . 
F 4 HOH 55  2055 2055 HOH HOH A . 
F 4 HOH 56  2056 2056 HOH HOH A . 
F 4 HOH 57  2057 2057 HOH HOH A . 
F 4 HOH 58  2058 2058 HOH HOH A . 
F 4 HOH 59  2059 2059 HOH HOH A . 
F 4 HOH 60  2060 2060 HOH HOH A . 
F 4 HOH 61  2061 2061 HOH HOH A . 
F 4 HOH 62  2062 2062 HOH HOH A . 
F 4 HOH 63  2063 2063 HOH HOH A . 
F 4 HOH 64  2064 2064 HOH HOH A . 
F 4 HOH 65  2065 2065 HOH HOH A . 
F 4 HOH 66  2066 2066 HOH HOH A . 
F 4 HOH 67  2067 2067 HOH HOH A . 
F 4 HOH 68  2068 2068 HOH HOH A . 
F 4 HOH 69  2069 2069 HOH HOH A . 
F 4 HOH 70  2070 2070 HOH HOH A . 
F 4 HOH 71  2071 2071 HOH HOH A . 
F 4 HOH 72  2072 2072 HOH HOH A . 
F 4 HOH 73  2073 2073 HOH HOH A . 
F 4 HOH 74  2074 2074 HOH HOH A . 
F 4 HOH 75  2075 2075 HOH HOH A . 
F 4 HOH 76  2076 2076 HOH HOH A . 
F 4 HOH 77  2077 2077 HOH HOH A . 
F 4 HOH 78  2078 2078 HOH HOH A . 
F 4 HOH 79  2079 2079 HOH HOH A . 
F 4 HOH 80  2080 2080 HOH HOH A . 
F 4 HOH 81  2081 2081 HOH HOH A . 
F 4 HOH 82  2082 2082 HOH HOH A . 
F 4 HOH 83  2083 2083 HOH HOH A . 
F 4 HOH 84  2084 2084 HOH HOH A . 
F 4 HOH 85  2085 2085 HOH HOH A . 
F 4 HOH 86  2086 2086 HOH HOH A . 
F 4 HOH 87  2087 2087 HOH HOH A . 
F 4 HOH 88  2088 2088 HOH HOH A . 
F 4 HOH 89  2089 2089 HOH HOH A . 
F 4 HOH 90  2090 2090 HOH HOH A . 
F 4 HOH 91  2091 2091 HOH HOH A . 
F 4 HOH 92  2092 2092 HOH HOH A . 
F 4 HOH 93  2093 2093 HOH HOH A . 
F 4 HOH 94  2094 2094 HOH HOH A . 
F 4 HOH 95  2095 2095 HOH HOH A . 
F 4 HOH 96  2096 2096 HOH HOH A . 
F 4 HOH 97  2097 2097 HOH HOH A . 
F 4 HOH 98  2098 2098 HOH HOH A . 
F 4 HOH 99  2099 2099 HOH HOH A . 
F 4 HOH 100 2100 2100 HOH HOH A . 
F 4 HOH 101 2101 2101 HOH HOH A . 
F 4 HOH 102 2102 2102 HOH HOH A . 
F 4 HOH 103 2103 2103 HOH HOH A . 
F 4 HOH 104 2104 2104 HOH HOH A . 
F 4 HOH 105 2105 2105 HOH HOH A . 
F 4 HOH 106 2106 2106 HOH HOH A . 
F 4 HOH 107 2107 2107 HOH HOH A . 
F 4 HOH 108 2108 2108 HOH HOH A . 
F 4 HOH 109 2109 2109 HOH HOH A . 
F 4 HOH 110 2110 2110 HOH HOH A . 
F 4 HOH 111 2111 2111 HOH HOH A . 
F 4 HOH 112 2112 2112 HOH HOH A . 
F 4 HOH 113 2113 2113 HOH HOH A . 
F 4 HOH 114 2114 2114 HOH HOH A . 
F 4 HOH 115 2115 2115 HOH HOH A . 
F 4 HOH 116 2116 2116 HOH HOH A . 
F 4 HOH 117 2117 2117 HOH HOH A . 
F 4 HOH 118 2118 2118 HOH HOH A . 
F 4 HOH 119 2119 2119 HOH HOH A . 
F 4 HOH 120 2120 2120 HOH HOH A . 
# 
_pdbx_struct_assembly.id                   1 
_pdbx_struct_assembly.details              author_and_software_defined_assembly 
_pdbx_struct_assembly.method_details       PISA 
_pdbx_struct_assembly.oligomeric_details   trimeric 
_pdbx_struct_assembly.oligomeric_count     3 
# 
_pdbx_struct_assembly_gen.assembly_id       1 
_pdbx_struct_assembly_gen.oper_expression   1,2,3 
_pdbx_struct_assembly_gen.asym_id_list      A,B,C,D,E,F 
# 
loop_
_pdbx_struct_assembly_prop.biol_id 
_pdbx_struct_assembly_prop.type 
_pdbx_struct_assembly_prop.value 
_pdbx_struct_assembly_prop.details 
1 'ABSA (A^2)' 5080    ? 
1 MORE         -144.48 ? 
1 'SSA (A^2)'  14370   ? 
# 
loop_
_pdbx_struct_oper_list.id 
_pdbx_struct_oper_list.type 
_pdbx_struct_oper_list.name 
_pdbx_struct_oper_list.symmetry_operation 
_pdbx_struct_oper_list.matrix[1][1] 
_pdbx_struct_oper_list.matrix[1][2] 
_pdbx_struct_oper_list.matrix[1][3] 
_pdbx_struct_oper_list.vector[1] 
_pdbx_struct_oper_list.matrix[2][1] 
_pdbx_struct_oper_list.matrix[2][2] 
_pdbx_struct_oper_list.matrix[2][3] 
_pdbx_struct_oper_list.vector[2] 
_pdbx_struct_oper_list.matrix[3][1] 
_pdbx_struct_oper_list.matrix[3][2] 
_pdbx_struct_oper_list.matrix[3][3] 
_pdbx_struct_oper_list.vector[3] 
1 'identity operation'         1_555 x,y,z     1.0000000000 0.0000000000  0.0000000000 0.0000000000 0.0000000000  1.0000000000  0.0000000000  0.0000000000  0.0000000000 0.0000000000  1.0000000000  0.0000000000   
2 'crystal symmetry operation' 2_555 -y,x-y,z  0.8640571258 0.1062501415  0.4920530366 3.2472440471 -0.3867467373 -0.4855800870 0.7839891200  25.6420748974 0.3222301113 -0.8677112922 -0.3784770388 -2.0463865070  
3 'crystal symmetry operation' 3_555 -x+y,-x,z 0.8640571258 -0.3867467373 0.3222301113 7.7705917966 0.1062501415  -0.4855800870 -0.8677112922 10.3305881399 0.4920530366 0.7839891200  -0.3784770388 -22.4754343338 
# 
loop_
_pdbx_struct_special_symmetry.id 
_pdbx_struct_special_symmetry.PDB_model_num 
_pdbx_struct_special_symmetry.auth_asym_id 
_pdbx_struct_special_symmetry.auth_comp_id 
_pdbx_struct_special_symmetry.auth_seq_id 
_pdbx_struct_special_symmetry.PDB_ins_code 
_pdbx_struct_special_symmetry.label_asym_id 
_pdbx_struct_special_symmetry.label_comp_id 
_pdbx_struct_special_symmetry.label_seq_id 
1 1 A HOH 2002 ? F HOH . 
2 1 A HOH 2024 ? F HOH . 
3 1 A HOH 2063 ? F HOH . 
# 
loop_
_pdbx_audit_revision_history.ordinal 
_pdbx_audit_revision_history.data_content_type 
_pdbx_audit_revision_history.major_revision 
_pdbx_audit_revision_history.minor_revision 
_pdbx_audit_revision_history.revision_date 
1 'Structure model' 1 0 2010-01-19 
2 'Structure model' 1 1 2011-05-08 
3 'Structure model' 1 2 2011-07-13 
4 'Structure model' 1 3 2023-12-13 
# 
_pdbx_audit_revision_details.ordinal             1 
_pdbx_audit_revision_details.revision_ordinal    1 
_pdbx_audit_revision_details.data_content_type   'Structure model' 
_pdbx_audit_revision_details.provider            repository 
_pdbx_audit_revision_details.type                'Initial release' 
_pdbx_audit_revision_details.description         ? 
_pdbx_audit_revision_details.details             ? 
# 
loop_
_pdbx_audit_revision_group.ordinal 
_pdbx_audit_revision_group.revision_ordinal 
_pdbx_audit_revision_group.data_content_type 
_pdbx_audit_revision_group.group 
1 2 'Structure model' 'Version format compliance' 
2 3 'Structure model' 'Version format compliance' 
3 4 'Structure model' 'Data collection'           
4 4 'Structure model' 'Database references'       
5 4 'Structure model' 'Derived calculations'      
6 4 'Structure model' Other                       
7 4 'Structure model' 'Refinement description'    
# 
loop_
_pdbx_audit_revision_category.ordinal 
_pdbx_audit_revision_category.revision_ordinal 
_pdbx_audit_revision_category.data_content_type 
_pdbx_audit_revision_category.category 
1 4 'Structure model' chem_comp_atom                
2 4 'Structure model' chem_comp_bond                
3 4 'Structure model' database_2                    
4 4 'Structure model' pdbx_database_status          
5 4 'Structure model' pdbx_initial_refinement_model 
6 4 'Structure model' struct_site                   
# 
loop_
_pdbx_audit_revision_item.ordinal 
_pdbx_audit_revision_item.revision_ordinal 
_pdbx_audit_revision_item.data_content_type 
_pdbx_audit_revision_item.item 
1 4 'Structure model' '_database_2.pdbx_DOI'                 
2 4 'Structure model' '_database_2.pdbx_database_accession'  
3 4 'Structure model' '_pdbx_database_status.status_code_sf' 
4 4 'Structure model' '_struct_site.pdbx_auth_asym_id'       
5 4 'Structure model' '_struct_site.pdbx_auth_comp_id'       
6 4 'Structure model' '_struct_site.pdbx_auth_seq_id'        
# 
loop_
_software.name 
_software.classification 
_software.version 
_software.citation_id 
_software.pdbx_ordinal 
PHENIX refinement       '(PHENIX.REFINE)' ? 1 
MOSFLM 'data reduction' .                 ? 2 
SCALA  'data scaling'   .                 ? 3 
PHASER phasing          .                 ? 4 
# 
_pdbx_database_remark.id     700 
_pdbx_database_remark.text   
;
SHEET
THE SHEET STRUCTURE OF THIS MOLECULE IS BIFURCATED. IN
ORDER TO REPRESENT THIS FEATURE IN THE SHEET RECORDS BELOW,
TWO SHEETS ARE DEFINED.
;
# 
_pdbx_entry_details.entry_id                 2WL7 
_pdbx_entry_details.compound_details         ? 
_pdbx_entry_details.source_details           ? 
_pdbx_entry_details.nonpolymer_details       ? 
_pdbx_entry_details.sequence_details         
;THE FIRST 8 N-TERMINAL RESIDUES ARE CLONING ARTIFACTS
REMAINING FROM THE VECTOR.
;
_pdbx_entry_details.has_ligand_of_interest   ? 
# 
loop_
_pdbx_validate_torsion.id 
_pdbx_validate_torsion.PDB_model_num 
_pdbx_validate_torsion.auth_comp_id 
_pdbx_validate_torsion.auth_asym_id 
_pdbx_validate_torsion.auth_seq_id 
_pdbx_validate_torsion.PDB_ins_code 
_pdbx_validate_torsion.label_alt_id 
_pdbx_validate_torsion.phi 
_pdbx_validate_torsion.psi 
1 1 ASN A 120 ? ? -161.21 72.58   
2 1 ASN A 149 ? ? 87.01   -10.59  
3 1 ASN A 156 ? ? 46.40   -114.06 
# 
loop_
_pdbx_unobs_or_zero_occ_residues.id 
_pdbx_unobs_or_zero_occ_residues.PDB_model_num 
_pdbx_unobs_or_zero_occ_residues.polymer_flag 
_pdbx_unobs_or_zero_occ_residues.occupancy_flag 
_pdbx_unobs_or_zero_occ_residues.auth_asym_id 
_pdbx_unobs_or_zero_occ_residues.auth_comp_id 
_pdbx_unobs_or_zero_occ_residues.auth_seq_id 
_pdbx_unobs_or_zero_occ_residues.PDB_ins_code 
_pdbx_unobs_or_zero_occ_residues.label_asym_id 
_pdbx_unobs_or_zero_occ_residues.label_comp_id 
_pdbx_unobs_or_zero_occ_residues.label_seq_id 
1 1 Y 1 A GLY 89 ? A GLY 1 
2 1 Y 1 A PRO 90 ? A PRO 2 
3 1 Y 1 A LEU 91 ? A LEU 3 
4 1 Y 1 A GLY 92 ? A GLY 4 
5 1 Y 1 A SER 93 ? A SER 5 
6 1 Y 1 A PRO 94 ? A PRO 6 
# 
loop_
_chem_comp_atom.comp_id 
_chem_comp_atom.atom_id 
_chem_comp_atom.type_symbol 
_chem_comp_atom.pdbx_aromatic_flag 
_chem_comp_atom.pdbx_stereo_config 
_chem_comp_atom.pdbx_ordinal 
ALA N    N  N N 1   
ALA CA   C  N S 2   
ALA C    C  N N 3   
ALA O    O  N N 4   
ALA CB   C  N N 5   
ALA OXT  O  N N 6   
ALA H    H  N N 7   
ALA H2   H  N N 8   
ALA HA   H  N N 9   
ALA HB1  H  N N 10  
ALA HB2  H  N N 11  
ALA HB3  H  N N 12  
ALA HXT  H  N N 13  
ARG N    N  N N 14  
ARG CA   C  N S 15  
ARG C    C  N N 16  
ARG O    O  N N 17  
ARG CB   C  N N 18  
ARG CG   C  N N 19  
ARG CD   C  N N 20  
ARG NE   N  N N 21  
ARG CZ   C  N N 22  
ARG NH1  N  N N 23  
ARG NH2  N  N N 24  
ARG OXT  O  N N 25  
ARG H    H  N N 26  
ARG H2   H  N N 27  
ARG HA   H  N N 28  
ARG HB2  H  N N 29  
ARG HB3  H  N N 30  
ARG HG2  H  N N 31  
ARG HG3  H  N N 32  
ARG HD2  H  N N 33  
ARG HD3  H  N N 34  
ARG HE   H  N N 35  
ARG HH11 H  N N 36  
ARG HH12 H  N N 37  
ARG HH21 H  N N 38  
ARG HH22 H  N N 39  
ARG HXT  H  N N 40  
ASN N    N  N N 41  
ASN CA   C  N S 42  
ASN C    C  N N 43  
ASN O    O  N N 44  
ASN CB   C  N N 45  
ASN CG   C  N N 46  
ASN OD1  O  N N 47  
ASN ND2  N  N N 48  
ASN OXT  O  N N 49  
ASN H    H  N N 50  
ASN H2   H  N N 51  
ASN HA   H  N N 52  
ASN HB2  H  N N 53  
ASN HB3  H  N N 54  
ASN HD21 H  N N 55  
ASN HD22 H  N N 56  
ASN HXT  H  N N 57  
ASP N    N  N N 58  
ASP CA   C  N S 59  
ASP C    C  N N 60  
ASP O    O  N N 61  
ASP CB   C  N N 62  
ASP CG   C  N N 63  
ASP OD1  O  N N 64  
ASP OD2  O  N N 65  
ASP OXT  O  N N 66  
ASP H    H  N N 67  
ASP H2   H  N N 68  
ASP HA   H  N N 69  
ASP HB2  H  N N 70  
ASP HB3  H  N N 71  
ASP HD2  H  N N 72  
ASP HXT  H  N N 73  
CL  CL   CL N N 74  
CYS N    N  N N 75  
CYS CA   C  N R 76  
CYS C    C  N N 77  
CYS O    O  N N 78  
CYS CB   C  N N 79  
CYS SG   S  N N 80  
CYS OXT  O  N N 81  
CYS H    H  N N 82  
CYS H2   H  N N 83  
CYS HA   H  N N 84  
CYS HB2  H  N N 85  
CYS HB3  H  N N 86  
CYS HG   H  N N 87  
CYS HXT  H  N N 88  
GLU N    N  N N 89  
GLU CA   C  N S 90  
GLU C    C  N N 91  
GLU O    O  N N 92  
GLU CB   C  N N 93  
GLU CG   C  N N 94  
GLU CD   C  N N 95  
GLU OE1  O  N N 96  
GLU OE2  O  N N 97  
GLU OXT  O  N N 98  
GLU H    H  N N 99  
GLU H2   H  N N 100 
GLU HA   H  N N 101 
GLU HB2  H  N N 102 
GLU HB3  H  N N 103 
GLU HG2  H  N N 104 
GLU HG3  H  N N 105 
GLU HE2  H  N N 106 
GLU HXT  H  N N 107 
GLY N    N  N N 108 
GLY CA   C  N N 109 
GLY C    C  N N 110 
GLY O    O  N N 111 
GLY OXT  O  N N 112 
GLY H    H  N N 113 
GLY H2   H  N N 114 
GLY HA2  H  N N 115 
GLY HA3  H  N N 116 
GLY HXT  H  N N 117 
HIS N    N  N N 118 
HIS CA   C  N S 119 
HIS C    C  N N 120 
HIS O    O  N N 121 
HIS CB   C  N N 122 
HIS CG   C  Y N 123 
HIS ND1  N  Y N 124 
HIS CD2  C  Y N 125 
HIS CE1  C  Y N 126 
HIS NE2  N  Y N 127 
HIS OXT  O  N N 128 
HIS H    H  N N 129 
HIS H2   H  N N 130 
HIS HA   H  N N 131 
HIS HB2  H  N N 132 
HIS HB3  H  N N 133 
HIS HD1  H  N N 134 
HIS HD2  H  N N 135 
HIS HE1  H  N N 136 
HIS HE2  H  N N 137 
HIS HXT  H  N N 138 
HOH O    O  N N 139 
HOH H1   H  N N 140 
HOH H2   H  N N 141 
ILE N    N  N N 142 
ILE CA   C  N S 143 
ILE C    C  N N 144 
ILE O    O  N N 145 
ILE CB   C  N S 146 
ILE CG1  C  N N 147 
ILE CG2  C  N N 148 
ILE CD1  C  N N 149 
ILE OXT  O  N N 150 
ILE H    H  N N 151 
ILE H2   H  N N 152 
ILE HA   H  N N 153 
ILE HB   H  N N 154 
ILE HG12 H  N N 155 
ILE HG13 H  N N 156 
ILE HG21 H  N N 157 
ILE HG22 H  N N 158 
ILE HG23 H  N N 159 
ILE HD11 H  N N 160 
ILE HD12 H  N N 161 
ILE HD13 H  N N 162 
ILE HXT  H  N N 163 
LEU N    N  N N 164 
LEU CA   C  N S 165 
LEU C    C  N N 166 
LEU O    O  N N 167 
LEU CB   C  N N 168 
LEU CG   C  N N 169 
LEU CD1  C  N N 170 
LEU CD2  C  N N 171 
LEU OXT  O  N N 172 
LEU H    H  N N 173 
LEU H2   H  N N 174 
LEU HA   H  N N 175 
LEU HB2  H  N N 176 
LEU HB3  H  N N 177 
LEU HG   H  N N 178 
LEU HD11 H  N N 179 
LEU HD12 H  N N 180 
LEU HD13 H  N N 181 
LEU HD21 H  N N 182 
LEU HD22 H  N N 183 
LEU HD23 H  N N 184 
LEU HXT  H  N N 185 
LYS N    N  N N 186 
LYS CA   C  N S 187 
LYS C    C  N N 188 
LYS O    O  N N 189 
LYS CB   C  N N 190 
LYS CG   C  N N 191 
LYS CD   C  N N 192 
LYS CE   C  N N 193 
LYS NZ   N  N N 194 
LYS OXT  O  N N 195 
LYS H    H  N N 196 
LYS H2   H  N N 197 
LYS HA   H  N N 198 
LYS HB2  H  N N 199 
LYS HB3  H  N N 200 
LYS HG2  H  N N 201 
LYS HG3  H  N N 202 
LYS HD2  H  N N 203 
LYS HD3  H  N N 204 
LYS HE2  H  N N 205 
LYS HE3  H  N N 206 
LYS HZ1  H  N N 207 
LYS HZ2  H  N N 208 
LYS HZ3  H  N N 209 
LYS HXT  H  N N 210 
PHE N    N  N N 211 
PHE CA   C  N S 212 
PHE C    C  N N 213 
PHE O    O  N N 214 
PHE CB   C  N N 215 
PHE CG   C  Y N 216 
PHE CD1  C  Y N 217 
PHE CD2  C  Y N 218 
PHE CE1  C  Y N 219 
PHE CE2  C  Y N 220 
PHE CZ   C  Y N 221 
PHE OXT  O  N N 222 
PHE H    H  N N 223 
PHE H2   H  N N 224 
PHE HA   H  N N 225 
PHE HB2  H  N N 226 
PHE HB3  H  N N 227 
PHE HD1  H  N N 228 
PHE HD2  H  N N 229 
PHE HE1  H  N N 230 
PHE HE2  H  N N 231 
PHE HZ   H  N N 232 
PHE HXT  H  N N 233 
PRO N    N  N N 234 
PRO CA   C  N S 235 
PRO C    C  N N 236 
PRO O    O  N N 237 
PRO CB   C  N N 238 
PRO CG   C  N N 239 
PRO CD   C  N N 240 
PRO OXT  O  N N 241 
PRO H    H  N N 242 
PRO HA   H  N N 243 
PRO HB2  H  N N 244 
PRO HB3  H  N N 245 
PRO HG2  H  N N 246 
PRO HG3  H  N N 247 
PRO HD2  H  N N 248 
PRO HD3  H  N N 249 
PRO HXT  H  N N 250 
SER N    N  N N 251 
SER CA   C  N S 252 
SER C    C  N N 253 
SER O    O  N N 254 
SER CB   C  N N 255 
SER OG   O  N N 256 
SER OXT  O  N N 257 
SER H    H  N N 258 
SER H2   H  N N 259 
SER HA   H  N N 260 
SER HB2  H  N N 261 
SER HB3  H  N N 262 
SER HG   H  N N 263 
SER HXT  H  N N 264 
SO4 S    S  N N 265 
SO4 O1   O  N N 266 
SO4 O2   O  N N 267 
SO4 O3   O  N N 268 
SO4 O4   O  N N 269 
THR N    N  N N 270 
THR CA   C  N S 271 
THR C    C  N N 272 
THR O    O  N N 273 
THR CB   C  N R 274 
THR OG1  O  N N 275 
THR CG2  C  N N 276 
THR OXT  O  N N 277 
THR H    H  N N 278 
THR H2   H  N N 279 
THR HA   H  N N 280 
THR HB   H  N N 281 
THR HG1  H  N N 282 
THR HG21 H  N N 283 
THR HG22 H  N N 284 
THR HG23 H  N N 285 
THR HXT  H  N N 286 
TYR N    N  N N 287 
TYR CA   C  N S 288 
TYR C    C  N N 289 
TYR O    O  N N 290 
TYR CB   C  N N 291 
TYR CG   C  Y N 292 
TYR CD1  C  Y N 293 
TYR CD2  C  Y N 294 
TYR CE1  C  Y N 295 
TYR CE2  C  Y N 296 
TYR CZ   C  Y N 297 
TYR OH   O  N N 298 
TYR OXT  O  N N 299 
TYR H    H  N N 300 
TYR H2   H  N N 301 
TYR HA   H  N N 302 
TYR HB2  H  N N 303 
TYR HB3  H  N N 304 
TYR HD1  H  N N 305 
TYR HD2  H  N N 306 
TYR HE1  H  N N 307 
TYR HE2  H  N N 308 
TYR HH   H  N N 309 
TYR HXT  H  N N 310 
VAL N    N  N N 311 
VAL CA   C  N S 312 
VAL C    C  N N 313 
VAL O    O  N N 314 
VAL CB   C  N N 315 
VAL CG1  C  N N 316 
VAL CG2  C  N N 317 
VAL OXT  O  N N 318 
VAL H    H  N N 319 
VAL H2   H  N N 320 
VAL HA   H  N N 321 
VAL HB   H  N N 322 
VAL HG11 H  N N 323 
VAL HG12 H  N N 324 
VAL HG13 H  N N 325 
VAL HG21 H  N N 326 
VAL HG22 H  N N 327 
VAL HG23 H  N N 328 
VAL HXT  H  N N 329 
# 
loop_
_chem_comp_bond.comp_id 
_chem_comp_bond.atom_id_1 
_chem_comp_bond.atom_id_2 
_chem_comp_bond.value_order 
_chem_comp_bond.pdbx_aromatic_flag 
_chem_comp_bond.pdbx_stereo_config 
_chem_comp_bond.pdbx_ordinal 
ALA N   CA   sing N N 1   
ALA N   H    sing N N 2   
ALA N   H2   sing N N 3   
ALA CA  C    sing N N 4   
ALA CA  CB   sing N N 5   
ALA CA  HA   sing N N 6   
ALA C   O    doub N N 7   
ALA C   OXT  sing N N 8   
ALA CB  HB1  sing N N 9   
ALA CB  HB2  sing N N 10  
ALA CB  HB3  sing N N 11  
ALA OXT HXT  sing N N 12  
ARG N   CA   sing N N 13  
ARG N   H    sing N N 14  
ARG N   H2   sing N N 15  
ARG CA  C    sing N N 16  
ARG CA  CB   sing N N 17  
ARG CA  HA   sing N N 18  
ARG C   O    doub N N 19  
ARG C   OXT  sing N N 20  
ARG CB  CG   sing N N 21  
ARG CB  HB2  sing N N 22  
ARG CB  HB3  sing N N 23  
ARG CG  CD   sing N N 24  
ARG CG  HG2  sing N N 25  
ARG CG  HG3  sing N N 26  
ARG CD  NE   sing N N 27  
ARG CD  HD2  sing N N 28  
ARG CD  HD3  sing N N 29  
ARG NE  CZ   sing N N 30  
ARG NE  HE   sing N N 31  
ARG CZ  NH1  sing N N 32  
ARG CZ  NH2  doub N N 33  
ARG NH1 HH11 sing N N 34  
ARG NH1 HH12 sing N N 35  
ARG NH2 HH21 sing N N 36  
ARG NH2 HH22 sing N N 37  
ARG OXT HXT  sing N N 38  
ASN N   CA   sing N N 39  
ASN N   H    sing N N 40  
ASN N   H2   sing N N 41  
ASN CA  C    sing N N 42  
ASN CA  CB   sing N N 43  
ASN CA  HA   sing N N 44  
ASN C   O    doub N N 45  
ASN C   OXT  sing N N 46  
ASN CB  CG   sing N N 47  
ASN CB  HB2  sing N N 48  
ASN CB  HB3  sing N N 49  
ASN CG  OD1  doub N N 50  
ASN CG  ND2  sing N N 51  
ASN ND2 HD21 sing N N 52  
ASN ND2 HD22 sing N N 53  
ASN OXT HXT  sing N N 54  
ASP N   CA   sing N N 55  
ASP N   H    sing N N 56  
ASP N   H2   sing N N 57  
ASP CA  C    sing N N 58  
ASP CA  CB   sing N N 59  
ASP CA  HA   sing N N 60  
ASP C   O    doub N N 61  
ASP C   OXT  sing N N 62  
ASP CB  CG   sing N N 63  
ASP CB  HB2  sing N N 64  
ASP CB  HB3  sing N N 65  
ASP CG  OD1  doub N N 66  
ASP CG  OD2  sing N N 67  
ASP OD2 HD2  sing N N 68  
ASP OXT HXT  sing N N 69  
CYS N   CA   sing N N 70  
CYS N   H    sing N N 71  
CYS N   H2   sing N N 72  
CYS CA  C    sing N N 73  
CYS CA  CB   sing N N 74  
CYS CA  HA   sing N N 75  
CYS C   O    doub N N 76  
CYS C   OXT  sing N N 77  
CYS CB  SG   sing N N 78  
CYS CB  HB2  sing N N 79  
CYS CB  HB3  sing N N 80  
CYS SG  HG   sing N N 81  
CYS OXT HXT  sing N N 82  
GLU N   CA   sing N N 83  
GLU N   H    sing N N 84  
GLU N   H2   sing N N 85  
GLU CA  C    sing N N 86  
GLU CA  CB   sing N N 87  
GLU CA  HA   sing N N 88  
GLU C   O    doub N N 89  
GLU C   OXT  sing N N 90  
GLU CB  CG   sing N N 91  
GLU CB  HB2  sing N N 92  
GLU CB  HB3  sing N N 93  
GLU CG  CD   sing N N 94  
GLU CG  HG2  sing N N 95  
GLU CG  HG3  sing N N 96  
GLU CD  OE1  doub N N 97  
GLU CD  OE2  sing N N 98  
GLU OE2 HE2  sing N N 99  
GLU OXT HXT  sing N N 100 
GLY N   CA   sing N N 101 
GLY N   H    sing N N 102 
GLY N   H2   sing N N 103 
GLY CA  C    sing N N 104 
GLY CA  HA2  sing N N 105 
GLY CA  HA3  sing N N 106 
GLY C   O    doub N N 107 
GLY C   OXT  sing N N 108 
GLY OXT HXT  sing N N 109 
HIS N   CA   sing N N 110 
HIS N   H    sing N N 111 
HIS N   H2   sing N N 112 
HIS CA  C    sing N N 113 
HIS CA  CB   sing N N 114 
HIS CA  HA   sing N N 115 
HIS C   O    doub N N 116 
HIS C   OXT  sing N N 117 
HIS CB  CG   sing N N 118 
HIS CB  HB2  sing N N 119 
HIS CB  HB3  sing N N 120 
HIS CG  ND1  sing Y N 121 
HIS CG  CD2  doub Y N 122 
HIS ND1 CE1  doub Y N 123 
HIS ND1 HD1  sing N N 124 
HIS CD2 NE2  sing Y N 125 
HIS CD2 HD2  sing N N 126 
HIS CE1 NE2  sing Y N 127 
HIS CE1 HE1  sing N N 128 
HIS NE2 HE2  sing N N 129 
HIS OXT HXT  sing N N 130 
HOH O   H1   sing N N 131 
HOH O   H2   sing N N 132 
ILE N   CA   sing N N 133 
ILE N   H    sing N N 134 
ILE N   H2   sing N N 135 
ILE CA  C    sing N N 136 
ILE CA  CB   sing N N 137 
ILE CA  HA   sing N N 138 
ILE C   O    doub N N 139 
ILE C   OXT  sing N N 140 
ILE CB  CG1  sing N N 141 
ILE CB  CG2  sing N N 142 
ILE CB  HB   sing N N 143 
ILE CG1 CD1  sing N N 144 
ILE CG1 HG12 sing N N 145 
ILE CG1 HG13 sing N N 146 
ILE CG2 HG21 sing N N 147 
ILE CG2 HG22 sing N N 148 
ILE CG2 HG23 sing N N 149 
ILE CD1 HD11 sing N N 150 
ILE CD1 HD12 sing N N 151 
ILE CD1 HD13 sing N N 152 
ILE OXT HXT  sing N N 153 
LEU N   CA   sing N N 154 
LEU N   H    sing N N 155 
LEU N   H2   sing N N 156 
LEU CA  C    sing N N 157 
LEU CA  CB   sing N N 158 
LEU CA  HA   sing N N 159 
LEU C   O    doub N N 160 
LEU C   OXT  sing N N 161 
LEU CB  CG   sing N N 162 
LEU CB  HB2  sing N N 163 
LEU CB  HB3  sing N N 164 
LEU CG  CD1  sing N N 165 
LEU CG  CD2  sing N N 166 
LEU CG  HG   sing N N 167 
LEU CD1 HD11 sing N N 168 
LEU CD1 HD12 sing N N 169 
LEU CD1 HD13 sing N N 170 
LEU CD2 HD21 sing N N 171 
LEU CD2 HD22 sing N N 172 
LEU CD2 HD23 sing N N 173 
LEU OXT HXT  sing N N 174 
LYS N   CA   sing N N 175 
LYS N   H    sing N N 176 
LYS N   H2   sing N N 177 
LYS CA  C    sing N N 178 
LYS CA  CB   sing N N 179 
LYS CA  HA   sing N N 180 
LYS C   O    doub N N 181 
LYS C   OXT  sing N N 182 
LYS CB  CG   sing N N 183 
LYS CB  HB2  sing N N 184 
LYS CB  HB3  sing N N 185 
LYS CG  CD   sing N N 186 
LYS CG  HG2  sing N N 187 
LYS CG  HG3  sing N N 188 
LYS CD  CE   sing N N 189 
LYS CD  HD2  sing N N 190 
LYS CD  HD3  sing N N 191 
LYS CE  NZ   sing N N 192 
LYS CE  HE2  sing N N 193 
LYS CE  HE3  sing N N 194 
LYS NZ  HZ1  sing N N 195 
LYS NZ  HZ2  sing N N 196 
LYS NZ  HZ3  sing N N 197 
LYS OXT HXT  sing N N 198 
PHE N   CA   sing N N 199 
PHE N   H    sing N N 200 
PHE N   H2   sing N N 201 
PHE CA  C    sing N N 202 
PHE CA  CB   sing N N 203 
PHE CA  HA   sing N N 204 
PHE C   O    doub N N 205 
PHE C   OXT  sing N N 206 
PHE CB  CG   sing N N 207 
PHE CB  HB2  sing N N 208 
PHE CB  HB3  sing N N 209 
PHE CG  CD1  doub Y N 210 
PHE CG  CD2  sing Y N 211 
PHE CD1 CE1  sing Y N 212 
PHE CD1 HD1  sing N N 213 
PHE CD2 CE2  doub Y N 214 
PHE CD2 HD2  sing N N 215 
PHE CE1 CZ   doub Y N 216 
PHE CE1 HE1  sing N N 217 
PHE CE2 CZ   sing Y N 218 
PHE CE2 HE2  sing N N 219 
PHE CZ  HZ   sing N N 220 
PHE OXT HXT  sing N N 221 
PRO N   CA   sing N N 222 
PRO N   CD   sing N N 223 
PRO N   H    sing N N 224 
PRO CA  C    sing N N 225 
PRO CA  CB   sing N N 226 
PRO CA  HA   sing N N 227 
PRO C   O    doub N N 228 
PRO C   OXT  sing N N 229 
PRO CB  CG   sing N N 230 
PRO CB  HB2  sing N N 231 
PRO CB  HB3  sing N N 232 
PRO CG  CD   sing N N 233 
PRO CG  HG2  sing N N 234 
PRO CG  HG3  sing N N 235 
PRO CD  HD2  sing N N 236 
PRO CD  HD3  sing N N 237 
PRO OXT HXT  sing N N 238 
SER N   CA   sing N N 239 
SER N   H    sing N N 240 
SER N   H2   sing N N 241 
SER CA  C    sing N N 242 
SER CA  CB   sing N N 243 
SER CA  HA   sing N N 244 
SER C   O    doub N N 245 
SER C   OXT  sing N N 246 
SER CB  OG   sing N N 247 
SER CB  HB2  sing N N 248 
SER CB  HB3  sing N N 249 
SER OG  HG   sing N N 250 
SER OXT HXT  sing N N 251 
SO4 S   O1   doub N N 252 
SO4 S   O2   doub N N 253 
SO4 S   O3   sing N N 254 
SO4 S   O4   sing N N 255 
THR N   CA   sing N N 256 
THR N   H    sing N N 257 
THR N   H2   sing N N 258 
THR CA  C    sing N N 259 
THR CA  CB   sing N N 260 
THR CA  HA   sing N N 261 
THR C   O    doub N N 262 
THR C   OXT  sing N N 263 
THR CB  OG1  sing N N 264 
THR CB  CG2  sing N N 265 
THR CB  HB   sing N N 266 
THR OG1 HG1  sing N N 267 
THR CG2 HG21 sing N N 268 
THR CG2 HG22 sing N N 269 
THR CG2 HG23 sing N N 270 
THR OXT HXT  sing N N 271 
TYR N   CA   sing N N 272 
TYR N   H    sing N N 273 
TYR N   H2   sing N N 274 
TYR CA  C    sing N N 275 
TYR CA  CB   sing N N 276 
TYR CA  HA   sing N N 277 
TYR C   O    doub N N 278 
TYR C   OXT  sing N N 279 
TYR CB  CG   sing N N 280 
TYR CB  HB2  sing N N 281 
TYR CB  HB3  sing N N 282 
TYR CG  CD1  doub Y N 283 
TYR CG  CD2  sing Y N 284 
TYR CD1 CE1  sing Y N 285 
TYR CD1 HD1  sing N N 286 
TYR CD2 CE2  doub Y N 287 
TYR CD2 HD2  sing N N 288 
TYR CE1 CZ   doub Y N 289 
TYR CE1 HE1  sing N N 290 
TYR CE2 CZ   sing Y N 291 
TYR CE2 HE2  sing N N 292 
TYR CZ  OH   sing N N 293 
TYR OH  HH   sing N N 294 
TYR OXT HXT  sing N N 295 
VAL N   CA   sing N N 296 
VAL N   H    sing N N 297 
VAL N   H2   sing N N 298 
VAL CA  C    sing N N 299 
VAL CA  CB   sing N N 300 
VAL CA  HA   sing N N 301 
VAL C   O    doub N N 302 
VAL C   OXT  sing N N 303 
VAL CB  CG1  sing N N 304 
VAL CB  CG2  sing N N 305 
VAL CB  HB   sing N N 306 
VAL CG1 HG11 sing N N 307 
VAL CG1 HG12 sing N N 308 
VAL CG1 HG13 sing N N 309 
VAL CG2 HG21 sing N N 310 
VAL CG2 HG22 sing N N 311 
VAL CG2 HG23 sing N N 312 
VAL OXT HXT  sing N N 313 
# 
loop_
_pdbx_entity_nonpoly.entity_id 
_pdbx_entity_nonpoly.name 
_pdbx_entity_nonpoly.comp_id 
2 'SULFATE ION'  SO4 
3 'CHLORIDE ION' CL  
4 water          HOH 
# 
_pdbx_initial_refinement_model.id               1 
_pdbx_initial_refinement_model.entity_id_list   ? 
_pdbx_initial_refinement_model.type             'experimental model' 
_pdbx_initial_refinement_model.source_name      PDB 
_pdbx_initial_refinement_model.accession_code   2I1N 
_pdbx_initial_refinement_model.details          'PDB ENTRY 2I1N' 
# 
